data_2D2I
#
_entry.id   2D2I
#
_cell.length_a   150.006
_cell.length_b   79.588
_cell.length_c   206.155
_cell.angle_alpha   90.00
_cell.angle_beta   101.31
_cell.angle_gamma   90.00
#
_symmetry.space_group_name_H-M   'C 1 2 1'
#
loop_
_entity.id
_entity.type
_entity.pdbx_description
1 polymer 'glyceraldehyde 3-phosphate dehydrogenase'
2 non-polymer 'SULFATE ION'
3 non-polymer 'NADP NICOTINAMIDE-ADENINE-DINUCLEOTIDE PHOSPHATE'
4 water water
#
_entity_poly.entity_id   1
_entity_poly.type   'polypeptide(L)'
_entity_poly.pdbx_seq_one_letter_code
;MTIRVAINGFGRIGRNFLRCWFGRQNTDLEVVAINNTSDARTAAHLLEYDSVLGRFNADISYDENSITVNGKTMKIVCDR
NPLNLPWKEWDIDLVIESTGVFVTAEGASKHIQAGAKKVLITAPGKAEGVGTYVIGVNDSEYRHEDFAVISNASCTTNCL
APVAKVLHDNFGIIKGTMTTTHSYTLDQRILDASHRDLRRARAAAVNIVPTTTGAAKAVALVIPELKGKLNGIALRVPTP
NVSVVDLVVQVEKPTITEQVNEVLQKASQTTMKGIIKYSDLPLVSSDFRGTDESSIVDSSLTLVMDGDLVKVIAWYDNEW
GYSQRVVDLAELAARKSGRLGLVQTLLISSQDSLPLTGGFFVAKREHPRSQDSINPSGPD
;
_entity_poly.pdbx_strand_id   A,B,O,P,Q,R
#
# COMPACT_ATOMS: atom_id res chain seq x y z
N MET A 1 111.91 -4.42 49.98
CA MET A 1 112.47 -5.61 49.26
C MET A 1 111.71 -6.94 49.57
N THR A 2 112.23 -7.86 50.41
CA THR A 2 111.49 -9.11 50.69
C THR A 2 111.39 -9.49 52.17
N ILE A 3 110.21 -9.86 52.64
CA ILE A 3 110.05 -10.25 54.04
C ILE A 3 109.69 -11.73 54.05
N ARG A 4 110.11 -12.46 55.10
CA ARG A 4 109.80 -13.87 55.15
C ARG A 4 108.47 -14.08 55.80
N VAL A 5 107.65 -14.86 55.11
CA VAL A 5 106.30 -15.14 55.54
C VAL A 5 105.98 -16.59 55.76
N ALA A 6 105.24 -16.84 56.83
CA ALA A 6 104.77 -18.18 57.16
C ALA A 6 103.25 -18.11 57.39
N ILE A 7 102.53 -19.13 56.90
CA ILE A 7 101.09 -19.19 57.04
C ILE A 7 100.71 -20.09 58.20
N ASN A 8 99.92 -19.57 59.14
CA ASN A 8 99.51 -20.38 60.27
C ASN A 8 98.03 -20.74 60.13
N GLY A 9 97.76 -22.02 59.87
CA GLY A 9 96.38 -22.46 59.64
C GLY A 9 96.20 -22.52 58.12
N PHE A 10 96.40 -23.68 57.52
CA PHE A 10 96.29 -23.85 56.06
C PHE A 10 94.86 -24.22 55.61
N GLY A 11 93.87 -23.44 56.06
CA GLY A 11 92.48 -23.68 55.72
C GLY A 11 92.02 -22.98 54.45
N ARG A 12 90.75 -22.65 54.41
CA ARG A 12 90.22 -21.99 53.24
C ARG A 12 91.00 -20.73 52.92
N ILE A 13 91.05 -19.79 53.86
CA ILE A 13 91.82 -18.57 53.61
C ILE A 13 93.29 -18.88 53.39
N GLY A 14 93.84 -19.75 54.23
CA GLY A 14 95.24 -20.12 54.10
C GLY A 14 95.62 -20.59 52.71
N ARG A 15 94.88 -21.54 52.16
CA ARG A 15 95.20 -22.04 50.84
C ARG A 15 94.86 -21.06 49.73
N ASN A 16 93.82 -20.27 49.95
CA ASN A 16 93.40 -19.25 49.01
C ASN A 16 94.50 -18.20 48.96
N PHE A 17 94.97 -17.76 50.12
CA PHE A 17 96.04 -16.79 50.16
C PHE A 17 97.25 -17.30 49.37
N LEU A 18 97.65 -18.54 49.60
CA LEU A 18 98.81 -19.08 48.89
C LEU A 18 98.63 -18.99 47.37
N ARG A 19 97.50 -19.50 46.87
CA ARG A 19 97.26 -19.46 45.44
C ARG A 19 97.26 -18.04 44.91
N CYS A 20 96.60 -17.13 45.60
CA CYS A 20 96.58 -15.74 45.16
C CYS A 20 98.02 -15.30 45.06
N TRP A 21 98.79 -15.56 46.11
CA TRP A 21 100.18 -15.14 46.10
C TRP A 21 100.92 -15.64 44.85
N PHE A 22 100.82 -16.94 44.57
CA PHE A 22 101.48 -17.53 43.42
C PHE A 22 100.98 -16.99 42.07
N GLY A 23 99.84 -16.32 42.05
CA GLY A 23 99.36 -15.78 40.78
C GLY A 23 99.75 -14.32 40.55
N ARG A 24 100.36 -13.73 41.57
CA ARG A 24 100.79 -12.35 41.52
C ARG A 24 101.96 -12.06 40.61
N GLN A 25 101.89 -10.89 40.00
CA GLN A 25 102.91 -10.39 39.08
C GLN A 25 104.27 -10.46 39.74
N ASN A 26 104.43 -9.59 40.72
CA ASN A 26 105.66 -9.44 41.48
C ASN A 26 105.20 -9.44 42.94
N THR A 27 106.15 -9.59 43.86
CA THR A 27 105.84 -9.64 45.27
C THR A 27 107.07 -9.35 46.10
N ASP A 28 106.85 -8.87 47.32
CA ASP A 28 107.94 -8.58 48.25
C ASP A 28 107.83 -9.63 49.37
N LEU A 29 107.08 -10.69 49.08
CA LEU A 29 106.88 -11.77 50.04
C LEU A 29 107.58 -13.04 49.63
N GLU A 30 107.99 -13.81 50.62
CA GLU A 30 108.62 -15.08 50.35
C GLU A 30 107.98 -15.97 51.39
N VAL A 31 107.04 -16.79 50.93
CA VAL A 31 106.38 -17.69 51.85
C VAL A 31 107.38 -18.81 52.06
N VAL A 32 107.78 -19.02 53.31
CA VAL A 32 108.76 -20.03 53.58
C VAL A 32 108.30 -21.19 54.47
N ALA A 33 107.15 -21.03 55.13
CA ALA A 33 106.67 -22.09 56.00
C ALA A 33 105.16 -22.13 56.15
N ILE A 34 104.64 -23.33 56.40
CA ILE A 34 103.21 -23.48 56.60
C ILE A 34 102.96 -24.30 57.85
N ASN A 35 102.11 -23.81 58.75
CA ASN A 35 101.79 -24.57 59.95
C ASN A 35 100.37 -25.05 59.76
N ASN A 36 100.19 -26.36 59.79
CA ASN A 36 98.88 -26.94 59.58
C ASN A 36 98.55 -27.97 60.65
N THR A 37 97.32 -28.46 60.64
CA THR A 37 96.88 -29.46 61.62
C THR A 37 97.14 -30.90 61.20
N SER A 38 97.18 -31.16 59.89
CA SER A 38 97.42 -32.52 59.41
C SER A 38 98.89 -32.72 58.96
N ASP A 39 99.11 -33.51 57.91
CA ASP A 39 100.45 -33.79 57.40
C ASP A 39 100.76 -33.03 56.10
N ALA A 40 101.97 -33.19 55.58
CA ALA A 40 102.33 -32.49 54.35
C ALA A 40 101.53 -33.06 53.18
N ARG A 41 101.27 -34.35 53.25
CA ARG A 41 100.51 -34.98 52.19
C ARG A 41 99.12 -34.35 52.03
N THR A 42 98.42 -34.18 53.14
CA THR A 42 97.10 -33.58 53.15
C THR A 42 97.15 -32.12 52.68
N ALA A 43 98.20 -31.38 53.05
CA ALA A 43 98.34 -29.98 52.61
C ALA A 43 98.51 -29.85 51.09
N ALA A 44 99.36 -30.69 50.49
CA ALA A 44 99.60 -30.66 49.04
C ALA A 44 98.34 -31.06 48.28
N HIS A 45 97.63 -32.04 48.79
CA HIS A 45 96.41 -32.53 48.16
C HIS A 45 95.27 -31.50 48.22
N LEU A 46 95.00 -30.89 49.36
CA LEU A 46 93.93 -29.91 49.43
C LEU A 46 94.34 -28.59 48.76
N LEU A 47 95.64 -28.39 48.55
CA LEU A 47 96.08 -27.19 47.89
C LEU A 47 95.83 -27.39 46.39
N GLU A 48 96.01 -28.61 45.89
CA GLU A 48 95.80 -28.87 44.45
C GLU A 48 94.34 -29.01 44.01
N TYR A 49 93.57 -29.75 44.78
CA TYR A 49 92.19 -30.00 44.47
C TYR A 49 91.26 -29.21 45.35
N ASP A 50 90.59 -28.26 44.74
CA ASP A 50 89.68 -27.42 45.50
C ASP A 50 88.30 -27.54 44.89
N SER A 51 87.31 -27.84 45.72
CA SER A 51 85.92 -27.97 45.25
C SER A 51 85.39 -26.64 44.70
N VAL A 52 85.98 -25.52 45.11
CA VAL A 52 85.49 -24.24 44.63
C VAL A 52 86.37 -23.51 43.64
N LEU A 53 87.68 -23.57 43.84
CA LEU A 53 88.61 -22.92 42.92
C LEU A 53 88.98 -23.85 41.81
N GLY A 54 88.74 -25.13 42.02
CA GLY A 54 89.13 -26.08 41.01
C GLY A 54 90.62 -26.38 41.17
N ARG A 55 91.14 -27.24 40.30
CA ARG A 55 92.52 -27.66 40.34
C ARG A 55 93.55 -26.54 40.14
N PHE A 56 94.48 -26.45 41.08
CA PHE A 56 95.55 -25.47 41.02
C PHE A 56 96.51 -25.90 39.92
N ASN A 57 96.58 -25.13 38.85
CA ASN A 57 97.49 -25.44 37.76
C ASN A 57 98.90 -24.92 38.13
N ALA A 58 99.71 -25.84 38.67
CA ALA A 58 101.07 -25.53 39.08
C ALA A 58 101.80 -26.85 39.43
N ASP A 59 103.13 -26.83 39.47
CA ASP A 59 103.92 -28.02 39.81
C ASP A 59 103.92 -28.16 41.31
N ILE A 60 103.10 -29.09 41.80
CA ILE A 60 102.94 -29.32 43.23
C ILE A 60 103.46 -30.70 43.60
N SER A 61 104.32 -30.75 44.63
CA SER A 61 104.88 -32.01 45.11
C SER A 61 105.06 -31.84 46.60
N TYR A 62 105.41 -32.92 47.27
CA TYR A 62 105.64 -32.84 48.71
C TYR A 62 106.46 -34.01 49.20
N ASP A 63 106.98 -33.85 50.42
CA ASP A 63 107.75 -34.89 51.09
C ASP A 63 107.34 -34.87 52.58
N GLU A 64 107.95 -35.73 53.38
CA GLU A 64 107.59 -35.83 54.79
C GLU A 64 107.31 -34.53 55.57
N ASN A 65 108.10 -33.49 55.35
CA ASN A 65 107.89 -32.26 56.10
C ASN A 65 108.01 -30.94 55.30
N SER A 66 107.54 -30.94 54.07
CA SER A 66 107.57 -29.74 53.24
C SER A 66 106.69 -29.94 51.99
N ILE A 67 106.39 -28.86 51.29
CA ILE A 67 105.63 -28.96 50.06
C ILE A 67 106.37 -28.02 49.08
N THR A 68 106.33 -28.34 47.79
CA THR A 68 106.98 -27.50 46.82
C THR A 68 106.01 -27.20 45.71
N VAL A 69 105.99 -25.93 45.30
CA VAL A 69 105.08 -25.45 44.28
C VAL A 69 105.84 -24.62 43.25
N ASN A 70 105.94 -25.11 42.03
CA ASN A 70 106.65 -24.36 41.03
C ASN A 70 108.05 -24.01 41.52
N GLY A 71 108.72 -24.99 42.12
CA GLY A 71 110.07 -24.78 42.61
C GLY A 71 110.23 -24.22 44.02
N LYS A 72 109.32 -23.36 44.45
CA LYS A 72 109.45 -22.79 45.79
C LYS A 72 109.07 -23.82 46.84
N THR A 73 109.99 -24.08 47.77
CA THR A 73 109.76 -25.07 48.81
C THR A 73 109.35 -24.42 50.12
N MET A 74 108.37 -25.01 50.78
CA MET A 74 107.88 -24.46 52.02
C MET A 74 107.81 -25.53 53.08
N LYS A 75 108.48 -25.27 54.19
CA LYS A 75 108.50 -26.22 55.27
C LYS A 75 107.12 -26.41 55.88
N ILE A 76 106.83 -27.63 56.28
CA ILE A 76 105.56 -27.92 56.87
C ILE A 76 105.84 -28.25 58.33
N VAL A 77 105.03 -27.69 59.22
CA VAL A 77 105.15 -27.91 60.66
C VAL A 77 103.72 -28.11 61.12
N CYS A 78 103.52 -28.57 62.34
CA CYS A 78 102.17 -28.77 62.80
C CYS A 78 102.11 -28.73 64.32
N ASP A 79 102.04 -27.52 64.87
CA ASP A 79 101.98 -27.31 66.30
C ASP A 79 100.74 -26.53 66.65
N ARG A 80 99.90 -27.10 67.49
CA ARG A 80 98.69 -26.40 67.90
C ARG A 80 99.04 -25.25 68.84
N ASN A 81 100.29 -25.20 69.28
CA ASN A 81 100.74 -24.14 70.18
C ASN A 81 101.71 -23.24 69.39
N PRO A 82 101.28 -22.01 69.09
CA PRO A 82 102.13 -21.08 68.34
C PRO A 82 103.46 -20.86 69.06
N LEU A 83 103.38 -20.84 70.39
CA LEU A 83 104.53 -20.67 71.25
C LEU A 83 105.64 -21.69 70.98
N ASN A 84 105.30 -22.82 70.36
CA ASN A 84 106.27 -23.89 70.06
C ASN A 84 106.82 -23.78 68.63
N LEU A 85 106.38 -22.76 67.90
CA LEU A 85 106.83 -22.61 66.51
C LEU A 85 108.23 -22.01 66.36
N PRO A 86 109.02 -22.53 65.41
CA PRO A 86 110.39 -22.12 65.09
C PRO A 86 110.46 -20.83 64.30
N TRP A 87 109.71 -19.83 64.72
CA TRP A 87 109.72 -18.57 63.97
C TRP A 87 111.08 -17.87 64.08
N LYS A 88 111.58 -17.75 65.30
CA LYS A 88 112.86 -17.10 65.52
C LYS A 88 113.94 -17.75 64.66
N GLU A 89 114.02 -19.08 64.72
CA GLU A 89 115.06 -19.79 63.97
C GLU A 89 114.87 -19.78 62.50
N TRP A 90 113.64 -19.67 62.05
CA TRP A 90 113.44 -19.62 60.62
C TRP A 90 113.43 -18.20 60.10
N ASP A 91 113.67 -17.27 61.02
CA ASP A 91 113.69 -15.86 60.67
C ASP A 91 112.38 -15.43 59.99
N ILE A 92 111.27 -15.63 60.70
CA ILE A 92 109.99 -15.26 60.18
C ILE A 92 109.64 -13.84 60.56
N ASP A 93 109.47 -13.01 59.53
CA ASP A 93 109.10 -11.63 59.72
C ASP A 93 107.61 -11.49 59.93
N LEU A 94 106.84 -12.05 59.00
CA LEU A 94 105.38 -11.98 59.04
C LEU A 94 104.60 -13.30 59.03
N VAL A 95 103.73 -13.48 60.00
CA VAL A 95 102.94 -14.68 59.99
C VAL A 95 101.48 -14.32 59.66
N ILE A 96 100.92 -15.09 58.74
CA ILE A 96 99.54 -14.93 58.32
C ILE A 96 98.73 -15.83 59.25
N GLU A 97 97.98 -15.23 60.16
CA GLU A 97 97.20 -15.99 61.11
C GLU A 97 95.86 -16.31 60.49
N SER A 98 95.66 -17.55 60.07
CA SER A 98 94.41 -17.89 59.43
C SER A 98 93.85 -19.18 60.02
N THR A 99 94.06 -19.36 61.31
CA THR A 99 93.58 -20.53 61.99
C THR A 99 92.21 -20.22 62.58
N GLY A 100 91.88 -18.95 62.68
CA GLY A 100 90.61 -18.60 63.25
C GLY A 100 90.62 -18.69 64.76
N VAL A 101 91.74 -19.14 65.34
CA VAL A 101 91.81 -19.28 66.80
C VAL A 101 92.72 -18.31 67.58
N PHE A 102 93.56 -17.55 66.91
CA PHE A 102 94.39 -16.56 67.63
C PHE A 102 94.05 -15.18 67.07
N VAL A 103 92.87 -14.70 67.42
CA VAL A 103 92.38 -13.44 66.92
C VAL A 103 92.48 -12.31 67.92
N THR A 104 92.98 -12.61 69.12
CA THR A 104 93.15 -11.53 70.08
C THR A 104 94.61 -11.08 70.01
N ALA A 105 94.87 -9.89 70.53
CA ALA A 105 96.23 -9.34 70.54
C ALA A 105 97.22 -10.31 71.19
N GLU A 106 96.89 -10.77 72.40
CA GLU A 106 97.74 -11.72 73.11
C GLU A 106 97.87 -13.01 72.30
N GLY A 107 96.74 -13.62 71.99
CA GLY A 107 96.74 -14.84 71.21
C GLY A 107 97.65 -14.79 70.00
N ALA A 108 97.39 -13.88 69.08
CA ALA A 108 98.20 -13.73 67.86
C ALA A 108 99.66 -13.40 68.17
N SER A 109 99.91 -12.80 69.33
CA SER A 109 101.27 -12.42 69.71
C SER A 109 102.11 -13.60 70.14
N LYS A 110 101.47 -14.75 70.37
CA LYS A 110 102.25 -15.89 70.75
C LYS A 110 103.24 -16.15 69.64
N HIS A 111 102.92 -15.70 68.42
CA HIS A 111 103.82 -15.91 67.29
C HIS A 111 104.96 -14.94 67.42
N ILE A 112 104.73 -13.83 68.11
CA ILE A 112 105.81 -12.86 68.26
C ILE A 112 106.78 -13.46 69.28
N GLN A 113 106.25 -13.94 70.42
CA GLN A 113 107.13 -14.54 71.39
C GLN A 113 107.96 -15.62 70.68
N ALA A 114 107.30 -16.44 69.88
CA ALA A 114 107.99 -17.52 69.18
C ALA A 114 108.99 -17.02 68.13
N GLY A 115 109.12 -15.70 68.01
CA GLY A 115 110.08 -15.18 67.04
C GLY A 115 109.67 -14.35 65.85
N ALA A 116 108.39 -14.28 65.54
CA ALA A 116 108.00 -13.47 64.38
C ALA A 116 107.94 -12.01 64.81
N LYS A 117 108.03 -11.10 63.83
CA LYS A 117 108.01 -9.68 64.16
C LYS A 117 106.62 -9.05 64.05
N LYS A 118 105.88 -9.47 63.02
CA LYS A 118 104.53 -8.98 62.80
C LYS A 118 103.57 -10.12 62.41
N VAL A 119 102.34 -10.04 62.89
CA VAL A 119 101.35 -11.04 62.56
C VAL A 119 100.10 -10.38 62.02
N LEU A 120 99.52 -10.99 60.97
CA LEU A 120 98.34 -10.47 60.31
C LEU A 120 97.17 -11.46 60.40
N ILE A 121 96.18 -11.09 61.19
CA ILE A 121 95.02 -11.91 61.39
C ILE A 121 94.12 -11.81 60.19
N THR A 122 93.81 -12.93 59.53
CA THR A 122 92.90 -12.90 58.37
C THR A 122 91.45 -12.90 58.89
N ALA A 123 91.14 -11.99 59.81
CA ALA A 123 89.82 -11.91 60.40
C ALA A 123 89.75 -10.75 61.40
N PRO A 124 88.55 -10.39 61.85
CA PRO A 124 88.48 -9.28 62.82
C PRO A 124 89.29 -9.60 64.08
N GLY A 125 89.90 -8.60 64.67
CA GLY A 125 90.63 -8.86 65.88
C GLY A 125 89.60 -8.80 67.01
N LYS A 126 89.81 -9.59 68.06
CA LYS A 126 88.88 -9.54 69.17
C LYS A 126 89.58 -8.86 70.33
N ALA A 127 88.87 -7.95 71.00
CA ALA A 127 89.40 -7.20 72.13
C ALA A 127 90.27 -6.03 71.65
N GLU A 128 91.03 -5.43 72.56
CA GLU A 128 91.89 -4.30 72.19
C GLU A 128 93.26 -4.78 71.69
N GLY A 129 94.06 -3.85 71.17
CA GLY A 129 95.40 -4.20 70.73
C GLY A 129 95.78 -4.42 69.28
N VAL A 130 94.84 -4.67 68.37
CA VAL A 130 95.23 -4.92 66.97
C VAL A 130 94.82 -3.78 66.07
N GLY A 131 95.64 -3.51 65.06
CA GLY A 131 95.35 -2.45 64.14
C GLY A 131 94.58 -3.05 62.99
N THR A 132 93.54 -2.36 62.54
CA THR A 132 92.76 -2.90 61.45
C THR A 132 92.87 -2.08 60.19
N TYR A 133 93.10 -2.75 59.06
CA TYR A 133 93.21 -2.09 57.79
C TYR A 133 92.36 -2.71 56.69
N VAL A 134 91.83 -1.86 55.81
CA VAL A 134 91.04 -2.31 54.68
C VAL A 134 91.59 -1.59 53.48
N ILE A 135 92.31 -2.33 52.65
CA ILE A 135 92.93 -1.78 51.47
C ILE A 135 91.92 -0.93 50.74
N GLY A 136 92.34 0.27 50.35
CA GLY A 136 91.48 1.18 49.61
C GLY A 136 90.60 2.06 50.47
N VAL A 137 90.66 1.87 51.78
CA VAL A 137 89.86 2.69 52.69
C VAL A 137 90.72 3.43 53.72
N ASN A 138 91.61 2.72 54.38
CA ASN A 138 92.46 3.38 55.34
C ASN A 138 93.90 2.93 55.26
N ASP A 139 94.30 2.38 54.10
CA ASP A 139 95.67 1.90 53.95
C ASP A 139 96.76 2.95 53.95
N SER A 140 96.42 4.21 53.67
CA SER A 140 97.44 5.27 53.69
C SER A 140 97.73 5.68 55.13
N GLU A 141 97.00 5.08 56.06
CA GLU A 141 97.14 5.33 57.49
C GLU A 141 97.98 4.21 58.15
N TYR A 142 98.61 3.38 57.29
CA TYR A 142 99.43 2.27 57.74
C TYR A 142 100.84 2.68 58.06
N ARG A 143 101.23 2.45 59.30
CA ARG A 143 102.57 2.76 59.74
C ARG A 143 103.13 1.45 60.30
N HIS A 144 104.35 1.10 59.93
CA HIS A 144 104.90 -0.15 60.45
C HIS A 144 104.85 -0.34 61.96
N GLU A 145 105.30 0.64 62.74
CA GLU A 145 105.30 0.46 64.18
C GLU A 145 104.02 0.54 64.93
N ASP A 146 102.91 0.84 64.27
CA ASP A 146 101.68 0.95 65.04
C ASP A 146 101.30 -0.34 65.76
N PHE A 147 101.23 -1.44 65.04
CA PHE A 147 100.88 -2.70 65.69
C PHE A 147 101.69 -3.87 65.18
N ALA A 148 102.05 -4.76 66.10
CA ALA A 148 102.78 -5.96 65.70
C ALA A 148 101.69 -6.95 65.27
N VAL A 149 100.47 -6.74 65.76
CA VAL A 149 99.33 -7.57 65.40
C VAL A 149 98.32 -6.70 64.64
N ILE A 150 98.15 -7.01 63.36
CA ILE A 150 97.22 -6.29 62.52
C ILE A 150 96.10 -7.22 62.05
N SER A 151 95.05 -6.64 61.49
CA SER A 151 93.90 -7.39 61.00
C SER A 151 93.45 -6.85 59.65
N ASN A 152 92.92 -7.73 58.81
CA ASN A 152 92.44 -7.31 57.51
C ASN A 152 90.90 -7.23 57.59
N ALA A 153 90.39 -7.28 58.81
CA ALA A 153 88.95 -7.23 59.06
C ALA A 153 88.30 -8.46 58.43
N SER A 154 86.97 -8.48 58.31
CA SER A 154 86.31 -9.63 57.69
C SER A 154 86.02 -9.45 56.18
N CYS A 155 85.53 -10.50 55.57
CA CYS A 155 85.19 -10.43 54.16
C CYS A 155 84.03 -9.41 53.98
N THR A 156 83.02 -9.50 54.83
CA THR A 156 81.88 -8.59 54.72
C THR A 156 82.28 -7.11 54.92
N THR A 157 83.21 -6.85 55.85
CA THR A 157 83.66 -5.49 56.12
C THR A 157 84.48 -4.98 54.94
N ASN A 158 85.22 -5.84 54.29
CA ASN A 158 85.98 -5.40 53.14
C ASN A 158 85.10 -5.04 51.96
N CYS A 159 83.93 -5.66 51.84
CA CYS A 159 83.03 -5.35 50.77
C CYS A 159 82.31 -4.09 51.16
N LEU A 160 81.81 -4.09 52.38
CA LEU A 160 81.05 -2.97 52.86
C LEU A 160 81.79 -1.64 52.93
N ALA A 161 82.96 -1.64 53.54
CA ALA A 161 83.69 -0.40 53.71
C ALA A 161 83.97 0.41 52.42
N PRO A 162 84.58 -0.20 51.39
CA PRO A 162 84.83 0.60 50.19
C PRO A 162 83.59 1.35 49.70
N VAL A 163 82.46 0.65 49.57
CA VAL A 163 81.20 1.25 49.12
C VAL A 163 80.73 2.34 50.10
N ALA A 164 80.91 2.12 51.39
CA ALA A 164 80.51 3.10 52.37
C ALA A 164 81.39 4.34 52.24
N LYS A 165 82.66 4.13 51.92
CA LYS A 165 83.55 5.29 51.77
C LYS A 165 83.05 6.15 50.61
N VAL A 166 82.81 5.53 49.46
CA VAL A 166 82.35 6.26 48.29
C VAL A 166 80.99 6.91 48.51
N LEU A 167 80.10 6.18 49.17
CA LEU A 167 78.77 6.72 49.46
C LEU A 167 78.85 7.85 50.47
N HIS A 168 79.70 7.71 51.47
CA HIS A 168 79.80 8.78 52.45
C HIS A 168 80.48 10.04 51.88
N ASP A 169 81.55 9.84 51.13
CA ASP A 169 82.27 10.97 50.58
C ASP A 169 81.39 11.82 49.68
N ASN A 170 80.61 11.19 48.82
CA ASN A 170 79.77 11.93 47.90
C ASN A 170 78.37 12.37 48.34
N PHE A 171 77.83 11.82 49.42
CA PHE A 171 76.48 12.22 49.85
C PHE A 171 76.33 12.34 51.36
N GLY A 172 77.31 11.86 52.11
CA GLY A 172 77.20 11.94 53.55
C GLY A 172 76.22 10.96 54.18
N ILE A 173 76.75 9.93 54.83
CA ILE A 173 75.94 8.92 55.49
C ILE A 173 75.46 9.41 56.86
N ILE A 174 74.15 9.41 57.08
CA ILE A 174 73.61 9.84 58.35
C ILE A 174 73.53 8.61 59.27
N LYS A 175 72.96 7.54 58.75
CA LYS A 175 72.84 6.28 59.45
C LYS A 175 72.49 5.26 58.39
N GLY A 176 72.73 3.99 58.68
CA GLY A 176 72.42 3.03 57.68
C GLY A 176 72.29 1.65 58.28
N THR A 177 71.78 0.74 57.47
CA THR A 177 71.62 -0.62 57.91
C THR A 177 71.99 -1.54 56.78
N MET A 178 72.47 -2.72 57.14
CA MET A 178 72.96 -3.68 56.18
C MET A 178 72.68 -5.16 56.52
N THR A 179 72.49 -5.97 55.49
CA THR A 179 72.26 -7.40 55.64
C THR A 179 73.16 -8.07 54.62
N THR A 180 73.85 -9.13 55.00
CA THR A 180 74.72 -9.85 54.07
C THR A 180 74.14 -11.27 53.90
N THR A 181 73.91 -11.67 52.65
CA THR A 181 73.40 -12.98 52.34
C THR A 181 74.72 -13.67 51.97
N HIS A 182 75.17 -14.48 52.92
CA HIS A 182 76.48 -15.08 52.89
C HIS A 182 76.53 -16.59 52.75
N SER A 183 77.49 -17.04 51.95
CA SER A 183 77.71 -18.46 51.77
C SER A 183 78.05 -19.06 53.14
N TYR A 184 77.78 -20.35 53.34
CA TYR A 184 78.11 -20.97 54.60
C TYR A 184 79.63 -21.21 54.68
N THR A 185 80.15 -21.32 55.89
CA THR A 185 81.59 -21.53 56.09
C THR A 185 81.84 -22.66 57.07
N LEU A 186 83.11 -23.04 57.20
CA LEU A 186 83.47 -24.11 58.12
C LEU A 186 83.11 -23.80 59.61
N ASP A 187 82.66 -22.59 59.91
CA ASP A 187 82.27 -22.33 61.27
C ASP A 187 80.84 -22.82 61.54
N GLN A 188 80.12 -23.14 60.47
CA GLN A 188 78.74 -23.65 60.56
C GLN A 188 78.78 -25.18 60.56
N ARG A 189 77.63 -25.80 60.79
CA ARG A 189 77.54 -27.27 60.82
C ARG A 189 76.83 -27.87 59.61
N ILE A 190 77.32 -28.99 59.05
CA ILE A 190 76.64 -29.61 57.90
C ILE A 190 75.30 -30.18 58.33
N LEU A 191 75.18 -30.61 59.57
CA LEU A 191 73.93 -31.16 60.10
C LEU A 191 73.76 -30.65 61.52
N ASP A 192 72.53 -30.65 62.03
CA ASP A 192 72.28 -30.13 63.38
C ASP A 192 73.25 -30.68 64.46
N ALA A 193 74.15 -29.82 64.92
CA ALA A 193 75.12 -30.18 65.95
C ALA A 193 75.33 -28.94 66.80
N SER A 194 75.71 -29.15 68.06
CA SER A 194 75.92 -28.04 68.98
C SER A 194 76.92 -27.02 68.45
N HIS A 195 76.65 -25.76 68.85
CA HIS A 195 77.41 -24.59 68.46
C HIS A 195 77.09 -23.47 69.47
N ARG A 196 78.06 -22.59 69.75
CA ARG A 196 77.85 -21.51 70.71
C ARG A 196 76.66 -20.66 70.28
N ASP A 197 76.38 -20.69 68.98
CA ASP A 197 75.29 -19.94 68.37
C ASP A 197 74.26 -20.98 67.90
N LEU A 198 73.14 -21.04 68.62
CA LEU A 198 72.08 -21.99 68.35
C LEU A 198 71.57 -22.00 66.92
N ARG A 199 71.92 -20.96 66.17
CA ARG A 199 71.50 -20.89 64.76
C ARG A 199 72.60 -21.50 63.84
N ARG A 200 73.87 -21.21 64.10
CA ARG A 200 74.95 -21.79 63.28
C ARG A 200 75.05 -23.30 63.59
N ALA A 201 74.32 -23.76 64.58
CA ALA A 201 74.28 -25.18 64.95
C ALA A 201 73.49 -25.99 63.92
N ARG A 202 72.72 -25.31 63.08
CA ARG A 202 71.84 -25.98 62.15
C ARG A 202 72.34 -26.23 60.73
N ALA A 203 72.04 -27.42 60.24
CA ALA A 203 72.41 -27.91 58.90
C ALA A 203 72.49 -26.79 57.89
N ALA A 204 73.71 -26.38 57.57
CA ALA A 204 73.97 -25.28 56.64
C ALA A 204 73.41 -25.34 55.21
N ALA A 205 73.46 -26.52 54.61
CA ALA A 205 73.03 -26.65 53.21
C ALA A 205 71.54 -26.78 53.00
N VAL A 206 70.76 -26.76 54.07
CA VAL A 206 69.34 -26.89 53.93
C VAL A 206 68.60 -25.85 54.75
N ASN A 207 69.28 -24.78 55.07
CA ASN A 207 68.67 -23.74 55.85
C ASN A 207 69.19 -22.41 55.46
N ILE A 208 68.36 -21.40 55.64
CA ILE A 208 68.75 -20.04 55.49
C ILE A 208 68.96 -19.87 57.00
N VAL A 209 70.13 -19.40 57.46
CA VAL A 209 70.34 -19.23 58.89
C VAL A 209 70.82 -17.84 59.27
N PRO A 210 70.06 -17.16 60.14
CA PRO A 210 70.38 -15.81 60.60
C PRO A 210 71.49 -15.91 61.57
N THR A 211 72.37 -14.93 61.57
CA THR A 211 73.47 -14.92 62.52
C THR A 211 73.98 -13.48 62.66
N THR A 212 74.55 -13.14 63.80
CA THR A 212 75.06 -11.80 63.97
C THR A 212 76.30 -11.55 63.12
N THR A 213 76.52 -10.27 62.85
CA THR A 213 77.68 -9.82 62.12
C THR A 213 78.21 -8.54 62.78
N GLY A 214 79.53 -8.40 62.83
CA GLY A 214 80.10 -7.19 63.43
C GLY A 214 80.60 -6.30 62.33
N ALA A 215 80.49 -6.78 61.10
CA ALA A 215 80.98 -6.05 59.94
C ALA A 215 80.54 -4.58 59.83
N ALA A 216 79.27 -4.28 60.11
CA ALA A 216 78.75 -2.91 60.01
C ALA A 216 79.37 -2.00 61.04
N LYS A 217 79.45 -2.47 62.27
CA LYS A 217 80.07 -1.67 63.31
C LYS A 217 81.55 -1.53 62.94
N ALA A 218 82.16 -2.61 62.48
CA ALA A 218 83.56 -2.55 62.13
C ALA A 218 84.00 -1.48 61.11
N VAL A 219 83.13 -1.02 60.21
CA VAL A 219 83.64 -0.04 59.25
C VAL A 219 84.16 1.24 59.96
N ALA A 220 83.67 1.44 61.19
CA ALA A 220 84.10 2.58 61.99
C ALA A 220 85.61 2.50 62.24
N LEU A 221 86.15 1.29 62.32
CA LEU A 221 87.56 1.08 62.54
C LEU A 221 88.35 1.66 61.40
N VAL A 222 87.82 1.56 60.19
CA VAL A 222 88.53 2.11 59.05
C VAL A 222 87.95 3.44 58.51
N ILE A 223 86.75 3.81 58.96
CA ILE A 223 86.11 5.07 58.55
C ILE A 223 85.46 5.55 59.83
N PRO A 224 86.26 6.12 60.74
CA PRO A 224 85.85 6.62 62.05
C PRO A 224 84.69 7.58 62.02
N GLU A 225 84.53 8.32 60.93
CA GLU A 225 83.39 9.23 60.82
C GLU A 225 82.05 8.48 60.83
N LEU A 226 82.07 7.16 60.60
CA LEU A 226 80.84 6.38 60.58
C LEU A 226 80.57 5.61 61.87
N LYS A 227 81.28 5.98 62.94
CA LYS A 227 81.11 5.33 64.23
C LYS A 227 79.64 5.38 64.68
N GLY A 228 79.11 4.25 65.09
CA GLY A 228 77.72 4.20 65.54
C GLY A 228 76.65 4.54 64.51
N LYS A 229 77.02 4.62 63.23
CA LYS A 229 76.04 5.00 62.22
C LYS A 229 75.49 3.82 61.41
N LEU A 230 76.18 2.68 61.48
CA LEU A 230 75.78 1.51 60.73
C LEU A 230 75.61 0.27 61.57
N ASN A 231 74.80 -0.64 61.06
CA ASN A 231 74.67 -1.92 61.72
C ASN A 231 73.96 -2.92 60.78
N GLY A 232 73.71 -4.13 61.26
CA GLY A 232 73.06 -5.08 60.39
C GLY A 232 73.14 -6.50 60.86
N ILE A 233 72.75 -7.40 59.97
CA ILE A 233 72.74 -8.81 60.29
C ILE A 233 73.23 -9.61 59.12
N ALA A 234 73.37 -10.92 59.32
CA ALA A 234 73.80 -11.81 58.25
C ALA A 234 72.79 -12.93 58.09
N LEU A 235 72.72 -13.47 56.89
CA LEU A 235 71.86 -14.61 56.60
C LEU A 235 72.73 -15.61 55.82
N ARG A 236 73.05 -16.73 56.45
CA ARG A 236 73.86 -17.73 55.78
C ARG A 236 72.93 -18.59 54.95
N VAL A 237 73.29 -18.77 53.69
CA VAL A 237 72.48 -19.57 52.77
C VAL A 237 73.26 -20.69 52.12
N PRO A 238 72.56 -21.69 51.58
CA PRO A 238 73.17 -22.83 50.92
C PRO A 238 74.00 -22.68 49.65
N THR A 239 75.07 -21.89 49.70
CA THR A 239 75.99 -21.81 48.56
C THR A 239 77.33 -21.95 49.25
N PRO A 240 78.30 -22.57 48.57
CA PRO A 240 79.63 -22.76 49.16
C PRO A 240 80.58 -21.58 49.13
N ASN A 241 80.31 -20.59 48.27
CA ASN A 241 81.17 -19.42 48.17
C ASN A 241 80.51 -18.27 47.42
N VAL A 242 80.99 -17.07 47.71
CA VAL A 242 80.53 -15.76 47.21
C VAL A 242 79.28 -15.35 47.99
N SER A 243 79.25 -14.06 48.33
CA SER A 243 78.19 -13.52 49.14
C SER A 243 77.78 -12.20 48.55
N VAL A 244 76.84 -11.51 49.17
CA VAL A 244 76.39 -10.25 48.63
C VAL A 244 75.95 -9.37 49.75
N VAL A 245 76.27 -8.08 49.65
CA VAL A 245 75.91 -7.13 50.69
C VAL A 245 74.77 -6.26 50.24
N ASP A 246 73.86 -5.99 51.15
CA ASP A 246 72.68 -5.17 50.84
C ASP A 246 72.75 -4.02 51.83
N LEU A 247 73.11 -2.85 51.35
CA LEU A 247 73.29 -1.70 52.23
C LEU A 247 72.28 -0.62 51.93
N VAL A 248 71.64 -0.16 53.00
CA VAL A 248 70.63 0.87 52.92
C VAL A 248 71.09 2.00 53.84
N VAL A 249 71.24 3.18 53.26
CA VAL A 249 71.69 4.33 54.01
C VAL A 249 70.88 5.57 53.79
N GLN A 250 70.66 6.29 54.88
CA GLN A 250 69.97 7.54 54.77
C GLN A 250 71.10 8.51 54.48
N VAL A 251 70.98 9.18 53.36
CA VAL A 251 71.98 10.12 52.93
C VAL A 251 71.61 11.58 53.22
N GLU A 252 72.63 12.42 53.26
CA GLU A 252 72.50 13.85 53.57
C GLU A 252 72.28 14.69 52.30
N LYS A 253 72.81 14.22 51.18
CA LYS A 253 72.69 14.97 49.97
C LYS A 253 71.71 14.27 49.03
N PRO A 254 70.48 14.80 48.89
CA PRO A 254 69.48 14.18 48.01
C PRO A 254 70.12 13.81 46.68
N THR A 255 69.73 12.68 46.11
CA THR A 255 70.36 12.25 44.88
C THR A 255 69.41 11.34 44.10
N ILE A 256 69.90 10.72 43.04
CA ILE A 256 69.12 9.79 42.23
C ILE A 256 69.94 8.55 41.78
N THR A 257 69.28 7.41 41.68
CA THR A 257 69.88 6.17 41.24
C THR A 257 70.97 6.29 40.20
N GLU A 258 70.70 7.03 39.14
CA GLU A 258 71.68 7.16 38.06
C GLU A 258 72.99 7.73 38.58
N GLN A 259 72.86 8.64 39.55
CA GLN A 259 74.00 9.31 40.12
C GLN A 259 74.83 8.52 41.12
N VAL A 260 74.19 7.78 42.03
CA VAL A 260 74.99 7.02 42.96
C VAL A 260 75.72 6.00 42.13
N ASN A 261 75.09 5.55 41.05
CA ASN A 261 75.76 4.58 40.20
C ASN A 261 76.94 5.24 39.53
N GLU A 262 76.69 6.45 39.03
CA GLU A 262 77.71 7.23 38.36
C GLU A 262 78.96 7.39 39.24
N VAL A 263 78.79 7.79 40.50
CA VAL A 263 79.96 7.95 41.36
C VAL A 263 80.64 6.65 41.71
N LEU A 264 79.86 5.58 41.93
CA LEU A 264 80.39 4.26 42.26
C LEU A 264 81.23 3.77 41.09
N GLN A 265 80.71 3.96 39.87
CA GLN A 265 81.43 3.54 38.67
C GLN A 265 82.67 4.42 38.49
N LYS A 266 82.53 5.70 38.79
CA LYS A 266 83.65 6.63 38.69
C LYS A 266 84.77 6.09 39.58
N ALA A 267 84.41 5.73 40.81
CA ALA A 267 85.36 5.22 41.77
C ALA A 267 85.95 3.87 41.39
N SER A 268 85.19 3.06 40.68
CA SER A 268 85.74 1.76 40.29
C SER A 268 86.84 1.92 39.24
N GLN A 269 86.79 3.03 38.51
CA GLN A 269 87.77 3.28 37.45
C GLN A 269 88.94 4.12 37.92
N THR A 270 88.81 4.72 39.11
CA THR A 270 89.84 5.60 39.62
C THR A 270 90.30 5.31 41.06
N THR A 271 89.72 6.02 42.05
CA THR A 271 90.09 5.85 43.46
C THR A 271 89.88 4.47 44.06
N MET A 272 88.99 3.66 43.49
CA MET A 272 88.80 2.34 44.03
C MET A 272 89.15 1.34 42.95
N LYS A 273 89.91 1.77 41.95
CA LYS A 273 90.32 0.84 40.91
C LYS A 273 90.94 -0.38 41.58
N GLY A 274 90.44 -1.56 41.25
CA GLY A 274 90.98 -2.77 41.84
C GLY A 274 90.27 -3.18 43.11
N ILE A 275 89.60 -2.24 43.77
CA ILE A 275 88.88 -2.51 45.01
C ILE A 275 87.36 -2.68 44.82
N ILE A 276 86.78 -1.83 43.98
CA ILE A 276 85.37 -1.87 43.61
C ILE A 276 85.24 -2.18 42.14
N LYS A 277 84.47 -3.21 41.80
CA LYS A 277 84.23 -3.55 40.40
C LYS A 277 82.79 -3.11 40.19
N TYR A 278 82.55 -2.47 39.06
CA TYR A 278 81.21 -2.00 38.73
C TYR A 278 80.58 -2.96 37.72
N SER A 279 79.61 -3.75 38.14
CA SER A 279 78.99 -4.71 37.23
C SER A 279 77.58 -4.31 36.85
N ASP A 280 77.34 -4.08 35.57
CA ASP A 280 75.99 -3.74 35.11
C ASP A 280 75.41 -4.83 34.21
N LEU A 281 75.84 -6.07 34.42
CA LEU A 281 75.32 -7.19 33.65
C LEU A 281 74.38 -7.96 34.57
N PRO A 282 73.34 -8.61 34.02
CA PRO A 282 72.39 -9.36 34.84
C PRO A 282 73.01 -10.71 35.18
N LEU A 283 73.90 -10.68 36.18
CA LEU A 283 74.64 -11.85 36.58
C LEU A 283 74.18 -12.44 37.88
N VAL A 284 74.65 -13.66 38.17
CA VAL A 284 74.30 -14.33 39.42
C VAL A 284 75.57 -14.69 40.20
N SER A 285 75.38 -15.05 41.46
CA SER A 285 76.48 -15.35 42.39
C SER A 285 77.66 -16.17 41.89
N SER A 286 77.40 -17.26 41.18
CA SER A 286 78.55 -18.05 40.76
C SER A 286 79.32 -17.41 39.64
N ASP A 287 78.83 -16.29 39.09
CA ASP A 287 79.57 -15.60 38.03
C ASP A 287 80.71 -14.78 38.60
N PHE A 288 80.73 -14.59 39.90
CA PHE A 288 81.80 -13.83 40.50
C PHE A 288 82.86 -14.70 41.18
N ARG A 289 82.82 -16.01 40.96
CA ARG A 289 83.83 -16.86 41.59
C ARG A 289 85.17 -16.42 41.02
N GLY A 290 86.13 -16.10 41.89
CA GLY A 290 87.45 -15.74 41.41
C GLY A 290 87.65 -14.29 41.07
N THR A 291 86.69 -13.45 41.41
CA THR A 291 86.82 -12.05 41.14
C THR A 291 87.76 -11.43 42.19
N ASP A 292 88.74 -10.65 41.73
CA ASP A 292 89.69 -10.04 42.62
C ASP A 292 89.24 -8.86 43.48
N GLU A 293 88.27 -8.07 43.00
CA GLU A 293 87.82 -6.91 43.76
C GLU A 293 87.14 -7.22 45.11
N SER A 294 87.24 -6.31 46.06
CA SER A 294 86.62 -6.52 47.36
C SER A 294 85.11 -6.28 47.33
N SER A 295 84.66 -5.39 46.45
CA SER A 295 83.23 -5.08 46.33
C SER A 295 82.82 -5.04 44.89
N ILE A 296 81.74 -5.75 44.53
CA ILE A 296 81.26 -5.74 43.15
C ILE A 296 79.87 -5.15 43.17
N VAL A 297 79.78 -3.87 42.84
CA VAL A 297 78.49 -3.16 42.81
C VAL A 297 77.64 -3.70 41.66
N ASP A 298 76.40 -4.09 41.94
CA ASP A 298 75.50 -4.59 40.90
C ASP A 298 74.61 -3.39 40.60
N SER A 299 74.99 -2.64 39.57
CA SER A 299 74.29 -1.40 39.25
C SER A 299 72.79 -1.45 39.02
N SER A 300 72.34 -2.38 38.19
CA SER A 300 70.92 -2.46 37.90
C SER A 300 70.06 -2.69 39.11
N LEU A 301 70.68 -2.98 40.25
CA LEU A 301 69.96 -3.19 41.52
C LEU A 301 69.98 -1.99 42.44
N THR A 302 70.78 -0.98 42.10
CA THR A 302 70.87 0.24 42.93
C THR A 302 69.49 0.86 42.98
N LEU A 303 69.16 1.44 44.12
CA LEU A 303 67.83 2.02 44.27
C LEU A 303 67.83 3.23 45.22
N VAL A 304 67.05 4.26 44.89
CA VAL A 304 66.97 5.46 45.73
C VAL A 304 65.51 5.81 45.96
N MET A 305 65.13 5.76 47.22
CA MET A 305 63.78 6.05 47.67
C MET A 305 63.69 7.54 48.08
N ASP A 306 62.79 8.31 47.43
CA ASP A 306 62.56 9.72 47.79
C ASP A 306 63.81 10.57 47.89
N GLY A 307 64.81 10.33 47.04
CA GLY A 307 66.05 11.11 47.05
C GLY A 307 67.17 10.96 48.09
N ASP A 308 66.86 10.61 49.33
CA ASP A 308 67.90 10.50 50.35
C ASP A 308 68.05 9.12 51.00
N LEU A 309 67.32 8.11 50.51
CA LEU A 309 67.42 6.77 51.07
C LEU A 309 67.92 5.86 49.98
N VAL A 310 69.20 5.45 50.06
CA VAL A 310 69.76 4.61 49.01
C VAL A 310 70.10 3.17 49.35
N LYS A 311 70.01 2.33 48.34
CA LYS A 311 70.26 0.94 48.53
C LYS A 311 71.21 0.52 47.44
N VAL A 312 72.30 -0.14 47.82
CA VAL A 312 73.23 -0.61 46.83
C VAL A 312 73.55 -2.02 47.23
N ILE A 313 73.66 -2.85 46.20
CA ILE A 313 73.93 -4.26 46.41
C ILE A 313 75.28 -4.56 45.84
N ALA A 314 76.13 -5.15 46.66
CA ALA A 314 77.46 -5.47 46.19
C ALA A 314 77.86 -6.93 46.48
N TRP A 315 78.36 -7.59 45.44
CA TRP A 315 78.78 -8.96 45.55
C TRP A 315 80.24 -9.03 45.99
N TYR A 316 80.66 -10.20 46.44
CA TYR A 316 82.06 -10.44 46.82
C TYR A 316 82.35 -11.94 47.01
N ASP A 317 83.53 -12.35 46.55
CA ASP A 317 83.97 -13.74 46.67
C ASP A 317 84.63 -13.70 48.03
N ASN A 318 83.88 -14.06 49.06
CA ASN A 318 84.40 -14.00 50.41
C ASN A 318 85.69 -14.76 50.69
N GLU A 319 86.06 -15.72 49.84
CA GLU A 319 87.31 -16.46 50.05
C GLU A 319 88.44 -15.87 49.23
N TRP A 320 88.30 -15.88 47.91
CA TRP A 320 89.33 -15.37 46.99
C TRP A 320 89.52 -13.85 47.02
N GLY A 321 88.43 -13.09 46.90
CA GLY A 321 88.57 -11.64 46.92
C GLY A 321 89.25 -11.19 48.20
N TYR A 322 88.78 -11.75 49.32
CA TYR A 322 89.34 -11.44 50.62
C TYR A 322 90.83 -11.80 50.65
N SER A 323 91.17 -13.00 50.22
CA SER A 323 92.56 -13.41 50.22
C SER A 323 93.44 -12.48 49.36
N GLN A 324 92.85 -11.89 48.32
CA GLN A 324 93.61 -10.98 47.47
C GLN A 324 93.97 -9.74 48.29
N ARG A 325 93.06 -9.37 49.19
CA ARG A 325 93.27 -8.22 50.04
C ARG A 325 94.26 -8.52 51.16
N VAL A 326 94.20 -9.71 51.74
CA VAL A 326 95.17 -10.03 52.78
C VAL A 326 96.54 -10.10 52.13
N VAL A 327 96.62 -10.52 50.85
CA VAL A 327 97.91 -10.53 50.16
C VAL A 327 98.33 -9.05 50.07
N ASP A 328 97.47 -8.20 49.49
CA ASP A 328 97.76 -6.76 49.35
C ASP A 328 98.23 -6.15 50.67
N LEU A 329 97.53 -6.44 51.76
CA LEU A 329 97.91 -5.90 53.07
C LEU A 329 99.26 -6.43 53.56
N ALA A 330 99.60 -7.68 53.23
CA ALA A 330 100.90 -8.23 53.63
C ALA A 330 101.95 -7.47 52.79
N GLU A 331 101.70 -7.37 51.49
CA GLU A 331 102.58 -6.67 50.58
C GLU A 331 102.80 -5.23 51.06
N LEU A 332 101.75 -4.63 51.62
CA LEU A 332 101.83 -3.26 52.12
C LEU A 332 102.76 -3.25 53.34
N ALA A 333 102.60 -4.27 54.19
CA ALA A 333 103.44 -4.34 55.36
C ALA A 333 104.88 -4.49 54.89
N ALA A 334 105.06 -5.31 53.86
CA ALA A 334 106.40 -5.55 53.35
C ALA A 334 107.02 -4.24 52.92
N ARG A 335 106.25 -3.44 52.17
CA ARG A 335 106.79 -2.19 51.71
C ARG A 335 107.02 -1.22 52.84
N LYS A 336 107.40 -1.73 54.00
CA LYS A 336 107.71 -0.85 55.13
C LYS A 336 108.04 -1.52 56.45
N SER A 337 108.88 -2.56 56.42
CA SER A 337 109.28 -3.26 57.65
C SER A 337 110.32 -2.40 58.41
N GLY A 338 111.14 -3.09 59.25
CA GLY A 338 112.19 -2.48 60.07
C GLY A 338 113.26 -3.40 60.70
N MET B 1 27.01 -19.90 53.12
CA MET B 1 26.59 -21.23 52.58
C MET B 1 27.75 -22.02 51.91
N THR B 2 27.51 -22.48 50.68
CA THR B 2 28.52 -23.23 49.94
C THR B 2 28.61 -22.86 48.47
N ILE B 3 29.80 -22.52 48.01
CA ILE B 3 30.04 -22.18 46.60
C ILE B 3 30.84 -23.29 45.94
N ARG B 4 30.56 -23.54 44.67
CA ARG B 4 31.25 -24.58 43.94
C ARG B 4 32.50 -23.99 43.34
N VAL B 5 33.61 -24.60 43.75
CA VAL B 5 34.95 -24.21 43.34
C VAL B 5 35.68 -25.22 42.43
N ALA B 6 36.46 -24.71 41.49
CA ALA B 6 37.26 -25.54 40.61
C ALA B 6 38.69 -24.99 40.63
N ILE B 7 39.67 -25.89 40.63
CA ILE B 7 41.07 -25.52 40.65
C ILE B 7 41.66 -25.60 39.27
N ASN B 8 42.21 -24.49 38.79
CA ASN B 8 42.84 -24.49 37.46
C ASN B 8 44.36 -24.42 37.66
N GLY B 9 45.03 -25.52 37.32
CA GLY B 9 46.47 -25.58 37.49
C GLY B 9 46.76 -26.31 38.79
N PHE B 10 46.97 -27.61 38.70
CA PHE B 10 47.20 -28.40 39.90
C PHE B 10 48.66 -28.47 40.31
N GLY B 11 49.34 -27.33 40.34
CA GLY B 11 50.74 -27.31 40.70
C GLY B 11 50.95 -27.19 42.19
N ARG B 12 52.08 -26.59 42.55
CA ARG B 12 52.43 -26.41 43.95
C ARG B 12 51.30 -25.74 44.74
N ILE B 13 50.91 -24.52 44.35
CA ILE B 13 49.86 -23.79 45.01
C ILE B 13 48.56 -24.54 44.87
N GLY B 14 48.32 -25.08 43.67
CA GLY B 14 47.10 -25.80 43.45
C GLY B 14 46.93 -26.94 44.45
N ARG B 15 47.96 -27.77 44.59
CA ARG B 15 47.87 -28.91 45.49
C ARG B 15 47.95 -28.47 46.96
N ASN B 16 48.69 -27.41 47.22
CA ASN B 16 48.85 -26.90 48.57
C ASN B 16 47.45 -26.39 49.01
N PHE B 17 46.79 -25.64 48.13
CA PHE B 17 45.46 -25.14 48.42
C PHE B 17 44.56 -26.31 48.76
N LEU B 18 44.54 -27.33 47.93
CA LEU B 18 43.69 -28.49 48.21
C LEU B 18 43.97 -29.12 49.58
N ARG B 19 45.24 -29.29 49.94
CA ARG B 19 45.53 -29.92 51.23
C ARG B 19 45.13 -28.99 52.35
N CYS B 20 45.39 -27.70 52.16
CA CYS B 20 45.02 -26.75 53.18
C CYS B 20 43.52 -26.87 53.43
N TRP B 21 42.77 -26.87 52.35
CA TRP B 21 41.33 -26.97 52.45
C TRP B 21 40.91 -28.19 53.25
N PHE B 22 41.36 -29.38 52.83
CA PHE B 22 40.98 -30.60 53.51
C PHE B 22 41.34 -30.61 54.99
N GLY B 23 42.27 -29.75 55.40
CA GLY B 23 42.66 -29.74 56.80
C GLY B 23 41.82 -28.74 57.55
N ARG B 24 40.98 -28.03 56.83
CA ARG B 24 40.20 -27.04 57.49
C ARG B 24 39.00 -27.55 58.28
N GLN B 25 38.79 -26.92 59.44
CA GLN B 25 37.70 -27.24 60.37
C GLN B 25 36.32 -27.25 59.69
N ASN B 26 35.87 -26.09 59.23
CA ASN B 26 34.59 -25.97 58.53
C ASN B 26 34.91 -25.21 57.25
N THR B 27 34.03 -25.26 56.27
CA THR B 27 34.25 -24.53 55.03
C THR B 27 32.91 -24.23 54.37
N ASP B 28 32.94 -23.26 53.46
CA ASP B 28 31.79 -22.85 52.69
C ASP B 28 32.14 -23.16 51.24
N LEU B 29 33.21 -23.92 51.07
CA LEU B 29 33.66 -24.26 49.73
C LEU B 29 33.41 -25.71 49.46
N GLU B 30 33.13 -26.00 48.20
CA GLU B 30 32.96 -27.36 47.80
C GLU B 30 33.83 -27.47 46.53
N VAL B 31 34.99 -28.13 46.65
CA VAL B 31 35.86 -28.26 45.50
C VAL B 31 35.32 -29.38 44.65
N VAL B 32 34.89 -29.07 43.44
CA VAL B 32 34.32 -30.10 42.59
C VAL B 32 35.06 -30.45 41.32
N ALA B 33 36.09 -29.69 40.97
CA ALA B 33 36.84 -30.02 39.77
C ALA B 33 38.24 -29.45 39.71
N ILE B 34 39.12 -30.22 39.05
CA ILE B 34 40.50 -29.83 38.89
C ILE B 34 40.92 -29.90 37.44
N ASN B 35 41.42 -28.81 36.89
CA ASN B 35 41.90 -28.82 35.51
C ASN B 35 43.41 -28.79 35.64
N ASN B 36 44.07 -29.83 35.11
CA ASN B 36 45.52 -29.96 35.16
C ASN B 36 46.09 -30.25 33.77
N THR B 37 47.40 -30.34 33.64
CA THR B 37 48.00 -30.60 32.33
C THR B 37 48.23 -32.06 32.06
N SER B 38 48.45 -32.84 33.12
CA SER B 38 48.68 -34.27 32.97
C SER B 38 47.40 -35.07 33.23
N ASP B 39 47.55 -36.34 33.61
CA ASP B 39 46.40 -37.19 33.85
C ASP B 39 45.96 -37.26 35.31
N ALA B 40 44.80 -37.88 35.54
CA ALA B 40 44.28 -38.00 36.89
C ALA B 40 45.29 -38.71 37.76
N ARG B 41 45.95 -39.74 37.22
CA ARG B 41 46.95 -40.55 37.96
C ARG B 41 48.09 -39.74 38.55
N THR B 42 48.69 -38.89 37.71
CA THR B 42 49.79 -38.04 38.13
C THR B 42 49.32 -37.04 39.18
N ALA B 43 48.06 -36.61 39.10
CA ALA B 43 47.53 -35.64 40.07
C ALA B 43 47.41 -36.28 41.43
N ALA B 44 46.88 -37.50 41.48
CA ALA B 44 46.71 -38.22 42.75
C ALA B 44 48.07 -38.55 43.37
N HIS B 45 49.03 -38.84 42.50
CA HIS B 45 50.38 -39.17 42.92
C HIS B 45 51.14 -37.95 43.44
N LEU B 46 50.97 -36.79 42.82
CA LEU B 46 51.69 -35.63 43.34
C LEU B 46 50.90 -35.00 44.49
N LEU B 47 49.66 -35.41 44.64
CA LEU B 47 48.89 -34.86 45.73
C LEU B 47 49.29 -35.63 46.97
N GLU B 48 49.52 -36.93 46.84
CA GLU B 48 49.89 -37.72 48.01
C GLU B 48 51.33 -37.57 48.47
N TYR B 49 52.26 -37.66 47.52
CA TYR B 49 53.67 -37.53 47.80
C TYR B 49 54.27 -36.14 47.49
N ASP B 50 54.65 -35.44 48.54
CA ASP B 50 55.21 -34.12 48.34
C ASP B 50 56.63 -34.03 48.90
N SER B 51 57.58 -33.56 48.10
CA SER B 51 58.95 -33.46 48.59
C SER B 51 59.12 -32.49 49.75
N VAL B 52 58.23 -31.52 49.86
CA VAL B 52 58.34 -30.54 50.93
C VAL B 52 57.33 -30.78 52.06
N LEU B 53 56.08 -31.05 51.73
CA LEU B 53 55.03 -31.29 52.71
C LEU B 53 55.00 -32.70 53.24
N GLY B 54 55.60 -33.63 52.51
CA GLY B 54 55.58 -35.01 52.96
C GLY B 54 54.27 -35.68 52.51
N ARG B 55 54.11 -36.93 52.91
CA ARG B 55 52.92 -37.68 52.54
C ARG B 55 51.59 -37.08 53.03
N PHE B 56 50.61 -36.98 52.12
CA PHE B 56 49.32 -36.46 52.53
C PHE B 56 48.57 -37.62 53.19
N ASN B 57 48.41 -37.53 54.50
CA ASN B 57 47.72 -38.54 55.27
C ASN B 57 46.21 -38.38 55.08
N ALA B 58 45.68 -39.09 54.10
CA ALA B 58 44.26 -39.07 53.79
C ALA B 58 44.00 -40.21 52.82
N ASP B 59 42.72 -40.55 52.62
CA ASP B 59 42.32 -41.61 51.68
C ASP B 59 42.23 -41.02 50.28
N ILE B 60 43.24 -41.30 49.48
CA ILE B 60 43.36 -40.77 48.14
C ILE B 60 43.30 -41.92 47.14
N SER B 61 42.44 -41.77 46.13
CA SER B 61 42.28 -42.78 45.09
C SER B 61 41.92 -42.02 43.83
N TYR B 62 41.91 -42.70 42.69
CA TYR B 62 41.60 -42.01 41.44
C TYR B 62 41.20 -42.96 40.33
N ASP B 63 40.59 -42.42 39.29
CA ASP B 63 40.23 -43.25 38.16
C ASP B 63 40.59 -42.46 36.92
N GLU B 64 40.20 -42.96 35.77
CA GLU B 64 40.51 -42.31 34.51
C GLU B 64 40.26 -40.78 34.45
N ASN B 65 39.24 -40.26 35.13
CA ASN B 65 38.96 -38.84 35.02
C ASN B 65 38.45 -38.14 36.29
N SER B 66 38.91 -38.59 37.45
CA SER B 66 38.54 -37.99 38.74
C SER B 66 39.50 -38.49 39.82
N ILE B 67 39.48 -37.84 40.97
CA ILE B 67 40.32 -38.29 42.07
C ILE B 67 39.42 -38.16 43.27
N THR B 68 39.60 -39.02 44.26
CA THR B 68 38.76 -38.97 45.45
C THR B 68 39.62 -38.86 46.69
N VAL B 69 39.29 -37.89 47.53
CA VAL B 69 40.04 -37.67 48.74
C VAL B 69 39.10 -37.68 49.92
N ASN B 70 39.26 -38.68 50.77
CA ASN B 70 38.43 -38.79 51.93
C ASN B 70 36.97 -38.78 51.58
N GLY B 71 36.61 -39.52 50.52
CA GLY B 71 35.22 -39.59 50.12
C GLY B 71 34.69 -38.53 49.18
N LYS B 72 35.32 -37.36 49.16
CA LYS B 72 34.91 -36.30 48.25
C LYS B 72 35.55 -36.57 46.90
N THR B 73 34.72 -36.67 45.87
CA THR B 73 35.22 -36.93 44.55
C THR B 73 35.33 -35.64 43.74
N MET B 74 36.41 -35.51 42.99
CA MET B 74 36.62 -34.32 42.20
C MET B 74 36.94 -34.69 40.79
N LYS B 75 36.18 -34.12 39.87
CA LYS B 75 36.38 -34.39 38.47
C LYS B 75 37.72 -33.83 38.00
N ILE B 76 38.39 -34.55 37.12
CA ILE B 76 39.66 -34.11 36.56
C ILE B 76 39.39 -33.84 35.10
N VAL B 77 39.98 -32.76 34.59
CA VAL B 77 39.80 -32.39 33.20
C VAL B 77 41.15 -31.87 32.79
N CYS B 78 41.41 -31.82 31.49
CA CYS B 78 42.69 -31.25 31.12
C CYS B 78 42.67 -30.48 29.82
N ASP B 79 42.37 -29.19 29.92
CA ASP B 79 42.32 -28.27 28.76
C ASP B 79 43.31 -27.15 28.94
N ARG B 80 44.23 -26.93 28.00
CA ARG B 80 45.11 -25.79 28.18
C ARG B 80 44.35 -24.51 27.88
N ASN B 81 43.15 -24.64 27.30
CA ASN B 81 42.36 -23.45 26.96
C ASN B 81 41.20 -23.34 27.93
N PRO B 82 41.23 -22.31 28.80
CA PRO B 82 40.14 -22.14 29.77
C PRO B 82 38.81 -21.92 29.04
N LEU B 83 38.90 -21.41 27.83
CA LEU B 83 37.70 -21.18 27.08
C LEU B 83 36.94 -22.49 26.78
N ASN B 84 37.61 -23.64 26.83
CA ASN B 84 36.94 -24.93 26.57
C ASN B 84 36.33 -25.55 27.80
N LEU B 85 36.56 -24.98 28.96
CA LEU B 85 36.09 -25.57 30.18
C LEU B 85 34.58 -25.54 30.45
N PRO B 86 34.03 -26.69 30.89
CA PRO B 86 32.61 -26.87 31.21
C PRO B 86 32.13 -26.16 32.46
N TRP B 87 32.66 -24.98 32.70
CA TRP B 87 32.31 -24.26 33.91
C TRP B 87 30.83 -23.97 34.02
N LYS B 88 30.21 -23.60 32.92
CA LYS B 88 28.79 -23.29 32.95
C LYS B 88 28.00 -24.52 33.36
N GLU B 89 28.28 -25.64 32.69
CA GLU B 89 27.58 -26.89 32.96
C GLU B 89 27.87 -27.53 34.34
N TRP B 90 29.05 -27.26 34.91
CA TRP B 90 29.34 -27.82 36.20
C TRP B 90 28.95 -26.86 37.29
N ASP B 91 28.27 -25.80 36.90
CA ASP B 91 27.82 -24.81 37.87
C ASP B 91 28.98 -24.29 38.75
N ILE B 92 30.07 -23.91 38.11
CA ILE B 92 31.20 -23.43 38.87
C ILE B 92 31.03 -21.98 39.30
N ASP B 93 31.14 -21.73 40.60
CA ASP B 93 31.01 -20.36 41.07
C ASP B 93 32.38 -19.70 41.09
N LEU B 94 33.34 -20.35 41.74
CA LEU B 94 34.68 -19.81 41.85
C LEU B 94 35.80 -20.66 41.30
N VAL B 95 36.65 -20.08 40.45
CA VAL B 95 37.80 -20.83 39.97
C VAL B 95 39.09 -20.28 40.59
N ILE B 96 39.94 -21.19 41.05
CA ILE B 96 41.20 -20.85 41.67
C ILE B 96 42.17 -20.93 40.51
N GLU B 97 42.73 -19.79 40.12
CA GLU B 97 43.66 -19.71 39.00
C GLU B 97 45.08 -19.83 39.48
N SER B 98 45.60 -21.04 39.47
CA SER B 98 46.93 -21.28 39.95
C SER B 98 47.84 -21.85 38.86
N THR B 99 47.55 -21.55 37.61
CA THR B 99 48.37 -22.01 36.52
C THR B 99 49.58 -21.07 36.36
N GLY B 100 49.44 -19.83 36.81
CA GLY B 100 50.51 -18.88 36.62
C GLY B 100 50.54 -18.34 35.18
N VAL B 101 49.54 -18.67 34.37
CA VAL B 101 49.51 -18.15 33.02
C VAL B 101 48.32 -17.22 32.72
N PHE B 102 47.29 -17.22 33.56
CA PHE B 102 46.15 -16.34 33.31
C PHE B 102 46.09 -15.40 34.49
N VAL B 103 46.96 -14.42 34.43
CA VAL B 103 47.09 -13.46 35.50
C VAL B 103 46.63 -12.06 35.16
N THR B 104 46.14 -11.85 33.92
CA THR B 104 45.57 -10.56 33.56
C THR B 104 44.04 -10.66 33.69
N ALA B 105 43.38 -9.52 33.80
CA ALA B 105 41.94 -9.54 33.92
C ALA B 105 41.36 -10.32 32.75
N GLU B 106 41.81 -9.99 31.55
CA GLU B 106 41.29 -10.68 30.39
C GLU B 106 41.56 -12.17 30.42
N GLY B 107 42.83 -12.53 30.63
CA GLY B 107 43.21 -13.92 30.69
C GLY B 107 42.38 -14.74 31.65
N ALA B 108 42.40 -14.34 32.91
CA ALA B 108 41.63 -15.03 33.93
C ALA B 108 40.14 -15.09 33.61
N SER B 109 39.64 -14.03 32.96
CA SER B 109 38.23 -13.94 32.64
C SER B 109 37.76 -14.93 31.60
N LYS B 110 38.70 -15.66 31.02
CA LYS B 110 38.33 -16.67 30.08
C LYS B 110 37.47 -17.65 30.85
N HIS B 111 37.71 -17.77 32.15
CA HIS B 111 36.95 -18.70 32.95
C HIS B 111 35.53 -18.21 33.04
N ILE B 112 35.39 -16.89 33.21
CA ILE B 112 34.08 -16.27 33.30
C ILE B 112 33.33 -16.52 32.00
N GLN B 113 33.99 -16.31 30.88
CA GLN B 113 33.31 -16.57 29.62
C GLN B 113 32.86 -18.01 29.52
N ALA B 114 33.61 -18.92 30.13
CA ALA B 114 33.28 -20.34 30.10
C ALA B 114 32.24 -20.72 31.13
N GLY B 115 31.74 -19.74 31.87
CA GLY B 115 30.72 -20.05 32.87
C GLY B 115 30.97 -19.80 34.34
N ALA B 116 32.21 -19.58 34.77
CA ALA B 116 32.44 -19.33 36.19
C ALA B 116 31.99 -17.91 36.47
N LYS B 117 31.66 -17.63 37.73
CA LYS B 117 31.19 -16.31 38.08
C LYS B 117 32.29 -15.40 38.61
N LYS B 118 33.22 -15.98 39.34
CA LYS B 118 34.33 -15.22 39.88
C LYS B 118 35.59 -16.08 39.83
N VAL B 119 36.72 -15.45 39.53
CA VAL B 119 37.96 -16.20 39.49
C VAL B 119 39.00 -15.54 40.43
N LEU B 120 39.74 -16.38 41.14
CA LEU B 120 40.76 -15.93 42.10
C LEU B 120 42.19 -16.31 41.64
N ILE B 121 42.96 -15.30 41.26
CA ILE B 121 44.33 -15.53 40.82
C ILE B 121 45.22 -15.71 42.03
N THR B 122 45.93 -16.84 42.09
CA THR B 122 46.83 -17.10 43.21
C THR B 122 48.18 -16.46 42.90
N ALA B 123 48.12 -15.20 42.48
CA ALA B 123 49.31 -14.45 42.17
C ALA B 123 48.93 -13.02 41.90
N PRO B 124 49.92 -12.14 41.75
CA PRO B 124 49.57 -10.74 41.49
C PRO B 124 48.86 -10.65 40.15
N GLY B 125 47.93 -9.70 40.03
CA GLY B 125 47.26 -9.54 38.76
C GLY B 125 48.13 -8.65 37.90
N LYS B 126 48.25 -8.96 36.61
CA LYS B 126 49.04 -8.12 35.74
C LYS B 126 48.07 -7.24 34.96
N ALA B 127 48.36 -5.94 34.94
CA ALA B 127 47.56 -4.92 34.28
C ALA B 127 46.38 -4.46 35.13
N GLU B 128 45.49 -3.69 34.51
CA GLU B 128 44.32 -3.15 35.20
C GLU B 128 43.24 -4.22 35.32
N GLY B 129 42.21 -3.96 36.13
CA GLY B 129 41.09 -4.87 36.21
C GLY B 129 40.89 -5.90 37.33
N VAL B 130 41.92 -6.28 38.07
CA VAL B 130 41.68 -7.23 39.12
C VAL B 130 41.67 -6.58 40.49
N GLY B 131 40.82 -7.10 41.39
CA GLY B 131 40.75 -6.60 42.75
C GLY B 131 41.77 -7.41 43.55
N THR B 132 42.51 -6.74 44.44
CA THR B 132 43.54 -7.40 45.23
C THR B 132 43.23 -7.34 46.74
N TYR B 133 43.40 -8.46 47.43
CA TYR B 133 43.14 -8.52 48.87
C TYR B 133 44.18 -9.34 49.59
N VAL B 134 44.53 -8.88 50.77
CA VAL B 134 45.50 -9.54 51.62
C VAL B 134 44.80 -9.69 52.94
N ILE B 135 44.46 -10.92 53.28
CA ILE B 135 43.74 -11.22 54.52
C ILE B 135 44.45 -10.55 55.70
N GLY B 136 43.68 -9.89 56.56
CA GLY B 136 44.25 -9.21 57.71
C GLY B 136 44.71 -7.78 57.43
N VAL B 137 44.68 -7.37 56.17
CA VAL B 137 45.09 -6.01 55.82
C VAL B 137 43.92 -5.22 55.26
N ASN B 138 43.35 -5.68 54.16
CA ASN B 138 42.23 -4.99 53.56
C ASN B 138 41.04 -5.90 53.25
N ASP B 139 40.90 -7.00 53.98
CA ASP B 139 39.78 -7.88 53.74
C ASP B 139 38.42 -7.29 54.06
N SER B 140 38.35 -6.33 54.98
CA SER B 140 37.05 -5.74 55.28
C SER B 140 36.55 -4.88 54.10
N GLU B 141 37.42 -4.66 53.12
CA GLU B 141 37.10 -3.85 51.96
C GLU B 141 36.60 -4.75 50.82
N TYR B 142 36.38 -6.02 51.13
CA TYR B 142 35.90 -6.96 50.13
C TYR B 142 34.40 -6.88 49.93
N ARG B 143 34.00 -6.67 48.69
CA ARG B 143 32.62 -6.55 48.31
C ARG B 143 32.45 -7.51 47.14
N HIS B 144 31.44 -8.36 47.19
CA HIS B 144 31.29 -9.33 46.11
C HIS B 144 31.28 -8.79 44.69
N GLU B 145 30.57 -7.69 44.44
CA GLU B 145 30.51 -7.22 43.06
C GLU B 145 31.60 -6.29 42.54
N ASP B 146 32.58 -5.94 43.38
CA ASP B 146 33.66 -5.08 42.92
C ASP B 146 34.42 -5.71 41.73
N PHE B 147 34.86 -6.96 41.85
CA PHE B 147 35.56 -7.59 40.73
C PHE B 147 35.22 -9.05 40.54
N ALA B 148 35.18 -9.46 39.28
CA ALA B 148 34.90 -10.83 38.91
C ALA B 148 36.24 -11.57 38.91
N VAL B 149 37.32 -10.80 38.80
CA VAL B 149 38.68 -11.34 38.82
C VAL B 149 39.40 -10.74 40.02
N ILE B 150 39.67 -11.56 41.02
CA ILE B 150 40.34 -11.10 42.22
C ILE B 150 41.70 -11.76 42.34
N SER B 151 42.55 -11.19 43.18
CA SER B 151 43.91 -11.65 43.36
C SER B 151 44.27 -11.65 44.81
N ASN B 152 45.01 -12.67 45.22
CA ASN B 152 45.44 -12.78 46.62
C ASN B 152 46.89 -12.23 46.75
N ALA B 153 47.34 -11.52 45.72
CA ALA B 153 48.71 -10.96 45.68
C ALA B 153 49.77 -12.06 45.72
N SER B 154 51.03 -11.67 45.90
CA SER B 154 52.10 -12.66 45.96
C SER B 154 52.40 -13.08 47.38
N CYS B 155 53.19 -14.14 47.54
CA CYS B 155 53.56 -14.62 48.86
C CYS B 155 54.33 -13.53 49.59
N THR B 156 55.27 -12.90 48.89
CA THR B 156 56.07 -11.85 49.50
C THR B 156 55.17 -10.70 49.96
N THR B 157 54.22 -10.29 49.12
CA THR B 157 53.34 -9.20 49.53
C THR B 157 52.48 -9.56 50.75
N ASN B 158 52.14 -10.84 50.88
CA ASN B 158 51.32 -11.28 52.00
C ASN B 158 52.12 -11.29 53.29
N CYS B 159 53.43 -11.43 53.17
CA CYS B 159 54.27 -11.40 54.38
C CYS B 159 54.61 -9.98 54.71
N LEU B 160 54.88 -9.20 53.68
CA LEU B 160 55.24 -7.80 53.86
C LEU B 160 54.09 -6.93 54.34
N ALA B 161 52.93 -7.04 53.72
CA ALA B 161 51.81 -6.19 54.08
C ALA B 161 51.34 -6.17 55.53
N PRO B 162 51.16 -7.34 56.16
CA PRO B 162 50.69 -7.30 57.56
C PRO B 162 51.67 -6.61 58.47
N VAL B 163 52.97 -6.78 58.21
CA VAL B 163 54.00 -6.13 59.01
C VAL B 163 54.06 -4.64 58.72
N ALA B 164 53.76 -4.25 57.49
CA ALA B 164 53.79 -2.83 57.12
C ALA B 164 52.63 -2.12 57.79
N LYS B 165 51.49 -2.77 57.81
CA LYS B 165 50.30 -2.21 58.44
C LYS B 165 50.58 -1.90 59.90
N VAL B 166 51.05 -2.89 60.64
CA VAL B 166 51.35 -2.68 62.04
C VAL B 166 52.42 -1.58 62.25
N LEU B 167 53.50 -1.62 61.49
CA LEU B 167 54.53 -0.59 61.62
C LEU B 167 53.97 0.78 61.18
N HIS B 168 53.20 0.84 60.11
CA HIS B 168 52.69 2.14 59.71
C HIS B 168 51.70 2.72 60.70
N ASP B 169 50.77 1.90 61.17
CA ASP B 169 49.77 2.34 62.13
C ASP B 169 50.43 2.91 63.39
N ASN B 170 51.48 2.24 63.86
CA ASN B 170 52.13 2.66 65.09
C ASN B 170 53.26 3.71 65.02
N PHE B 171 53.92 3.84 63.88
CA PHE B 171 54.99 4.79 63.81
C PHE B 171 54.96 5.69 62.59
N GLY B 172 54.13 5.33 61.62
CA GLY B 172 54.04 6.12 60.41
C GLY B 172 55.23 5.90 59.52
N ILE B 173 55.02 5.21 58.40
CA ILE B 173 56.09 4.94 57.47
C ILE B 173 56.23 6.05 56.50
N ILE B 174 57.44 6.62 56.42
CA ILE B 174 57.71 7.70 55.48
C ILE B 174 58.11 7.07 54.15
N LYS B 175 59.11 6.19 54.17
CA LYS B 175 59.58 5.50 52.97
C LYS B 175 60.34 4.29 53.44
N GLY B 176 60.56 3.33 52.57
CA GLY B 176 61.24 2.16 53.05
C GLY B 176 61.72 1.27 51.93
N THR B 177 62.50 0.26 52.31
CA THR B 177 63.02 -0.65 51.31
C THR B 177 62.99 -2.07 51.86
N MET B 178 62.85 -3.04 50.96
CA MET B 178 62.81 -4.43 51.40
C MET B 178 63.50 -5.37 50.41
N THR B 179 64.05 -6.45 50.93
CA THR B 179 64.69 -7.47 50.12
C THR B 179 64.14 -8.80 50.62
N THR B 180 63.72 -9.69 49.71
CA THR B 180 63.24 -11.00 50.13
C THR B 180 64.28 -12.05 49.71
N THR B 181 64.72 -12.87 50.67
CA THR B 181 65.68 -13.97 50.43
C THR B 181 64.68 -15.10 50.34
N HIS B 182 64.43 -15.47 49.09
CA HIS B 182 63.41 -16.40 48.67
C HIS B 182 63.88 -17.76 48.15
N SER B 183 63.15 -18.82 48.49
CA SER B 183 63.48 -20.15 47.99
C SER B 183 63.19 -20.11 46.50
N TYR B 184 63.81 -20.99 45.72
CA TYR B 184 63.54 -21.00 44.31
C TYR B 184 62.14 -21.59 44.00
N THR B 185 61.64 -21.37 42.79
CA THR B 185 60.33 -21.87 42.38
C THR B 185 60.42 -22.42 40.96
N LEU B 186 59.34 -23.05 40.51
CA LEU B 186 59.30 -23.62 39.16
C LEU B 186 59.40 -22.58 38.04
N ASP B 187 59.41 -21.28 38.39
CA ASP B 187 59.59 -20.24 37.37
C ASP B 187 61.08 -20.08 37.11
N GLN B 188 61.88 -20.77 37.92
CA GLN B 188 63.33 -20.75 37.77
C GLN B 188 63.74 -22.02 37.08
N ARG B 189 64.94 -22.00 36.55
CA ARG B 189 65.53 -23.10 35.81
C ARG B 189 66.56 -23.92 36.68
N ILE B 190 66.50 -25.26 36.65
CA ILE B 190 67.44 -26.11 37.42
C ILE B 190 68.87 -25.94 36.96
N LEU B 191 69.07 -25.79 35.65
CA LEU B 191 70.42 -25.57 35.11
C LEU B 191 70.29 -24.42 34.15
N ASP B 192 71.41 -23.82 33.76
CA ASP B 192 71.40 -22.68 32.85
C ASP B 192 70.59 -22.93 31.57
N ALA B 193 69.45 -22.25 31.48
CA ALA B 193 68.54 -22.35 30.34
C ALA B 193 67.88 -20.98 30.12
N SER B 194 67.55 -20.69 28.87
CA SER B 194 66.97 -19.39 28.52
C SER B 194 65.75 -19.08 29.40
N HIS B 195 65.47 -17.78 29.52
CA HIS B 195 64.39 -17.28 30.33
C HIS B 195 64.25 -15.78 29.99
N ARG B 196 63.04 -15.23 30.12
CA ARG B 196 62.79 -13.81 29.81
C ARG B 196 63.76 -12.99 30.63
N ASP B 197 64.00 -13.47 31.85
CA ASP B 197 64.89 -12.85 32.82
C ASP B 197 66.24 -13.63 32.87
N LEU B 198 67.30 -13.04 32.28
CA LEU B 198 68.63 -13.68 32.23
C LEU B 198 69.19 -14.16 33.55
N ARG B 199 68.63 -13.69 34.64
CA ARG B 199 69.08 -14.13 35.95
C ARG B 199 68.31 -15.40 36.37
N ARG B 200 67.00 -15.42 36.13
CA ARG B 200 66.20 -16.60 36.45
C ARG B 200 66.55 -17.75 35.52
N ALA B 201 67.40 -17.47 34.54
CA ALA B 201 67.81 -18.48 33.58
C ALA B 201 68.94 -19.38 34.15
N ARG B 202 69.53 -18.94 35.25
CA ARG B 202 70.66 -19.61 35.83
C ARG B 202 70.36 -20.62 36.91
N ALA B 203 71.00 -21.80 36.82
CA ALA B 203 70.82 -22.92 37.74
C ALA B 203 70.49 -22.48 39.18
N ALA B 204 69.25 -22.72 39.59
CA ALA B 204 68.72 -22.32 40.90
C ALA B 204 69.35 -22.85 42.18
N ALA B 205 69.69 -24.13 42.22
CA ALA B 205 70.26 -24.73 43.41
C ALA B 205 71.76 -24.48 43.66
N VAL B 206 72.42 -23.78 42.75
CA VAL B 206 73.84 -23.50 42.96
C VAL B 206 74.19 -22.02 42.79
N ASN B 207 73.17 -21.17 42.89
CA ASN B 207 73.33 -19.72 42.76
C ASN B 207 72.43 -18.94 43.70
N ILE B 208 72.87 -17.73 43.98
CA ILE B 208 72.10 -16.78 44.74
C ILE B 208 71.71 -15.97 43.51
N VAL B 209 70.41 -15.89 43.19
CA VAL B 209 70.02 -15.16 42.00
C VAL B 209 69.09 -13.96 42.24
N PRO B 210 69.56 -12.77 41.85
CA PRO B 210 68.82 -11.52 42.00
C PRO B 210 67.69 -11.46 40.95
N THR B 211 66.52 -11.03 41.38
CA THR B 211 65.43 -10.94 40.46
C THR B 211 64.53 -9.80 40.93
N THR B 212 63.76 -9.21 40.04
CA THR B 212 62.90 -8.12 40.47
C THR B 212 61.65 -8.61 41.17
N THR B 213 61.05 -7.71 41.93
CA THR B 213 59.88 -8.08 42.67
C THR B 213 58.90 -6.91 42.70
N GLY B 214 57.61 -7.23 42.57
CA GLY B 214 56.64 -6.17 42.61
C GLY B 214 55.99 -6.10 43.97
N ALA B 215 56.46 -6.96 44.85
CA ALA B 215 55.88 -7.06 46.16
C ALA B 215 55.79 -5.79 47.01
N ALA B 216 56.83 -4.95 46.95
CA ALA B 216 56.86 -3.74 47.75
C ALA B 216 55.91 -2.67 47.23
N LYS B 217 55.89 -2.50 45.89
CA LYS B 217 55.00 -1.54 45.27
C LYS B 217 53.57 -2.03 45.50
N ALA B 218 53.38 -3.33 45.42
CA ALA B 218 52.08 -3.93 45.61
C ALA B 218 51.42 -3.74 46.97
N VAL B 219 52.15 -3.52 48.06
CA VAL B 219 51.40 -3.34 49.30
C VAL B 219 50.48 -2.13 49.22
N ALA B 220 50.82 -1.17 48.34
CA ALA B 220 49.99 0.02 48.14
C ALA B 220 48.58 -0.42 47.73
N LEU B 221 48.49 -1.50 46.96
CA LEU B 221 47.18 -2.02 46.57
C LEU B 221 46.34 -2.31 47.78
N VAL B 222 46.98 -2.77 48.87
CA VAL B 222 46.23 -3.10 50.06
C VAL B 222 46.37 -2.14 51.24
N ILE B 223 47.38 -1.27 51.19
CA ILE B 223 47.55 -0.19 52.18
C ILE B 223 47.87 1.05 51.34
N PRO B 224 46.86 1.65 50.70
CA PRO B 224 46.97 2.84 49.84
C PRO B 224 47.84 3.97 50.36
N GLU B 225 47.83 4.16 51.67
CA GLU B 225 48.65 5.21 52.25
C GLU B 225 50.12 5.00 51.97
N LEU B 226 50.51 3.82 51.50
CA LEU B 226 51.90 3.51 51.23
C LEU B 226 52.28 3.54 49.76
N LYS B 227 51.42 4.10 48.93
CA LYS B 227 51.69 4.22 47.51
C LYS B 227 53.01 4.99 47.34
N GLY B 228 53.90 4.53 46.46
CA GLY B 228 55.18 5.19 46.20
C GLY B 228 56.18 5.22 47.36
N LYS B 229 55.83 4.58 48.47
CA LYS B 229 56.70 4.61 49.62
C LYS B 229 57.57 3.40 49.88
N LEU B 230 57.34 2.32 49.15
CA LEU B 230 58.14 1.12 49.36
C LEU B 230 58.71 0.60 48.10
N ASN B 231 59.75 -0.20 48.24
CA ASN B 231 60.41 -0.66 47.07
C ASN B 231 61.34 -1.80 47.44
N GLY B 232 61.87 -2.53 46.45
CA GLY B 232 62.75 -3.62 46.80
C GLY B 232 63.15 -4.57 45.71
N ILE B 233 63.84 -5.64 46.11
CA ILE B 233 64.34 -6.66 45.20
C ILE B 233 64.25 -8.04 45.85
N ALA B 234 64.57 -9.06 45.07
CA ALA B 234 64.51 -10.39 45.60
C ALA B 234 65.82 -11.08 45.30
N LEU B 235 66.16 -12.04 46.15
CA LEU B 235 67.37 -12.83 46.00
C LEU B 235 66.91 -14.28 46.16
N ARG B 236 66.91 -15.02 45.06
CA ARG B 236 66.51 -16.40 45.10
C ARG B 236 67.73 -17.19 45.55
N VAL B 237 67.53 -18.08 46.52
CA VAL B 237 68.60 -18.90 47.07
C VAL B 237 68.23 -20.38 47.09
N PRO B 238 69.23 -21.26 47.05
CA PRO B 238 69.02 -22.72 47.04
C PRO B 238 68.29 -23.45 48.19
N THR B 239 67.03 -23.13 48.41
CA THR B 239 66.26 -23.88 49.37
C THR B 239 65.00 -24.07 48.57
N PRO B 240 64.28 -25.18 48.78
CA PRO B 240 63.04 -25.44 48.03
C PRO B 240 61.76 -24.81 48.59
N ASN B 241 61.82 -24.27 49.81
CA ASN B 241 60.63 -23.64 50.37
C ASN B 241 60.93 -22.89 51.66
N VAL B 242 60.10 -21.86 51.88
CA VAL B 242 60.11 -20.86 52.99
C VAL B 242 61.10 -19.77 52.64
N SER B 243 60.68 -18.54 52.89
CA SER B 243 61.48 -17.40 52.55
C SER B 243 61.44 -16.39 53.70
N VAL B 244 62.26 -15.36 53.59
CA VAL B 244 62.29 -14.35 54.61
C VAL B 244 62.33 -12.93 54.02
N VAL B 245 61.64 -12.03 54.70
CA VAL B 245 61.54 -10.64 54.28
C VAL B 245 62.40 -9.76 55.21
N ASP B 246 63.15 -8.84 54.60
CA ASP B 246 64.03 -7.90 55.32
C ASP B 246 63.47 -6.51 54.99
N LEU B 247 62.73 -5.96 55.91
CA LEU B 247 62.11 -4.67 55.70
C LEU B 247 62.75 -3.58 56.51
N VAL B 248 63.22 -2.56 55.81
CA VAL B 248 63.83 -1.42 56.45
C VAL B 248 62.95 -0.23 56.18
N VAL B 249 62.46 0.41 57.23
CA VAL B 249 61.64 1.59 57.00
C VAL B 249 62.04 2.79 57.80
N GLN B 250 61.88 3.96 57.20
CA GLN B 250 62.14 5.18 57.91
C GLN B 250 60.78 5.55 58.48
N VAL B 251 60.73 5.58 59.79
CA VAL B 251 59.53 5.88 60.53
C VAL B 251 59.44 7.36 60.99
N GLU B 252 58.22 7.82 61.21
CA GLU B 252 57.92 9.18 61.62
C GLU B 252 57.98 9.39 63.14
N LYS B 253 57.59 8.39 63.90
CA LYS B 253 57.61 8.44 65.36
C LYS B 253 58.85 7.73 65.86
N PRO B 254 59.80 8.46 66.46
CA PRO B 254 61.00 7.77 66.95
C PRO B 254 60.56 6.66 67.90
N THR B 255 61.26 5.53 67.83
CA THR B 255 60.93 4.39 68.68
C THR B 255 62.16 3.56 69.00
N ILE B 256 61.97 2.45 69.72
CA ILE B 256 63.08 1.57 70.08
C ILE B 256 62.71 0.12 69.83
N THR B 257 63.72 -0.67 69.52
CA THR B 257 63.55 -2.10 69.27
C THR B 257 62.52 -2.81 70.14
N GLU B 258 62.64 -2.64 71.45
CA GLU B 258 61.73 -3.30 72.38
C GLU B 258 60.29 -2.94 72.05
N GLN B 259 60.11 -1.72 71.58
CA GLN B 259 58.79 -1.23 71.26
C GLN B 259 58.21 -1.73 69.95
N VAL B 260 59.00 -1.74 68.87
CA VAL B 260 58.43 -2.23 67.64
C VAL B 260 58.06 -3.69 67.90
N ASN B 261 58.92 -4.41 68.65
CA ASN B 261 58.61 -5.81 68.94
C ASN B 261 57.33 -5.88 69.76
N GLU B 262 57.26 -5.04 70.79
CA GLU B 262 56.09 -5.00 71.63
C GLU B 262 54.84 -4.84 70.77
N VAL B 263 54.83 -3.92 69.81
CA VAL B 263 53.60 -3.79 69.03
C VAL B 263 53.37 -4.94 68.06
N LEU B 264 54.45 -5.48 67.48
CA LEU B 264 54.30 -6.60 66.56
C LEU B 264 53.70 -7.81 67.30
N GLN B 265 54.18 -8.04 68.52
CA GLN B 265 53.66 -9.14 69.31
C GLN B 265 52.20 -8.88 69.65
N LYS B 266 51.92 -7.68 70.17
CA LYS B 266 50.57 -7.29 70.54
C LYS B 266 49.64 -7.65 69.38
N ALA B 267 50.05 -7.30 68.17
CA ALA B 267 49.24 -7.59 66.99
C ALA B 267 49.12 -9.08 66.74
N SER B 268 50.16 -9.83 67.01
CA SER B 268 50.07 -11.26 66.74
C SER B 268 49.08 -11.98 67.66
N GLN B 269 48.78 -11.38 68.81
CA GLN B 269 47.84 -11.94 69.78
C GLN B 269 46.43 -11.35 69.63
N THR B 270 46.34 -10.22 68.92
CA THR B 270 45.07 -9.56 68.74
C THR B 270 44.59 -9.28 67.32
N THR B 271 44.96 -8.10 66.80
CA THR B 271 44.51 -7.66 65.49
C THR B 271 45.02 -8.45 64.32
N MET B 272 46.15 -9.13 64.49
CA MET B 272 46.74 -9.93 63.41
C MET B 272 46.81 -11.39 63.83
N LYS B 273 46.03 -11.74 64.86
CA LYS B 273 45.99 -13.13 65.33
C LYS B 273 45.76 -14.03 64.10
N GLY B 274 46.64 -15.01 63.91
CA GLY B 274 46.54 -15.90 62.75
C GLY B 274 47.19 -15.42 61.45
N ILE B 275 47.58 -14.14 61.38
CA ILE B 275 48.21 -13.56 60.20
C ILE B 275 49.67 -13.34 60.50
N ILE B 276 49.95 -12.79 61.69
CA ILE B 276 51.32 -12.54 62.12
C ILE B 276 51.66 -13.44 63.31
N LYS B 277 52.76 -14.17 63.19
CA LYS B 277 53.23 -15.02 64.26
C LYS B 277 54.47 -14.32 64.82
N TYR B 278 54.54 -14.23 66.14
CA TYR B 278 55.65 -13.59 66.82
C TYR B 278 56.65 -14.66 67.31
N SER B 279 57.81 -14.73 66.67
CA SER B 279 58.79 -15.75 67.06
C SER B 279 60.03 -15.21 67.71
N ASP B 280 60.21 -15.52 68.98
CA ASP B 280 61.40 -15.04 69.67
C ASP B 280 62.36 -16.16 70.05
N LEU B 281 62.38 -17.23 69.26
CA LEU B 281 63.29 -18.36 69.47
C LEU B 281 64.33 -18.24 68.37
N PRO B 282 65.56 -18.69 68.64
CA PRO B 282 66.62 -18.60 67.62
C PRO B 282 66.43 -19.77 66.65
N LEU B 283 65.52 -19.62 65.70
CA LEU B 283 65.21 -20.69 64.75
C LEU B 283 65.81 -20.42 63.37
N VAL B 284 65.63 -21.37 62.45
CA VAL B 284 66.12 -21.25 61.09
C VAL B 284 64.97 -21.61 60.13
N SER B 285 65.18 -21.40 58.85
CA SER B 285 64.14 -21.57 57.84
C SER B 285 63.28 -22.81 57.82
N SER B 286 63.88 -23.99 57.96
CA SER B 286 63.05 -25.15 57.85
C SER B 286 62.15 -25.36 59.05
N ASP B 287 62.41 -24.61 60.11
CA ASP B 287 61.58 -24.69 61.29
C ASP B 287 60.21 -24.05 61.03
N PHE B 288 60.08 -23.33 59.92
CA PHE B 288 58.80 -22.70 59.62
C PHE B 288 57.97 -23.41 58.55
N ARG B 289 58.41 -24.60 58.11
CA ARG B 289 57.66 -25.36 57.11
C ARG B 289 56.33 -25.74 57.72
N GLY B 290 55.26 -25.39 57.02
CA GLY B 290 53.94 -25.73 57.51
C GLY B 290 53.33 -24.73 58.48
N THR B 291 53.88 -23.51 58.53
CA THR B 291 53.33 -22.53 59.44
C THR B 291 52.17 -21.85 58.74
N ASP B 292 51.06 -21.69 59.42
CA ASP B 292 49.90 -21.08 58.80
C ASP B 292 49.95 -19.57 58.62
N GLU B 293 50.60 -18.86 59.54
CA GLU B 293 50.67 -17.40 59.44
C GLU B 293 51.32 -16.87 58.17
N SER B 294 50.91 -15.68 57.75
CA SER B 294 51.43 -15.02 56.57
C SER B 294 52.79 -14.37 56.82
N SER B 295 53.03 -13.96 58.06
CA SER B 295 54.27 -13.28 58.47
C SER B 295 54.74 -13.86 59.77
N ILE B 296 56.03 -14.14 59.89
CA ILE B 296 56.56 -14.68 61.13
C ILE B 296 57.71 -13.76 61.55
N VAL B 297 57.42 -12.86 62.47
CA VAL B 297 58.40 -11.90 62.94
C VAL B 297 59.50 -12.58 63.76
N ASP B 298 60.75 -12.40 63.36
CA ASP B 298 61.86 -12.98 64.10
C ASP B 298 62.29 -11.82 65.02
N SER B 299 61.72 -11.79 66.23
CA SER B 299 61.99 -10.69 67.14
C SER B 299 63.46 -10.41 67.45
N SER B 300 64.22 -11.42 67.79
CA SER B 300 65.62 -11.17 68.15
C SER B 300 66.43 -10.49 67.05
N LEU B 301 65.88 -10.39 65.86
CA LEU B 301 66.58 -9.77 64.74
C LEU B 301 66.09 -8.35 64.51
N THR B 302 65.06 -7.94 65.23
CA THR B 302 64.52 -6.59 65.07
C THR B 302 65.59 -5.58 65.41
N LEU B 303 65.69 -4.53 64.62
CA LEU B 303 66.73 -3.55 64.85
C LEU B 303 66.26 -2.12 64.59
N VAL B 304 66.61 -1.19 65.49
CA VAL B 304 66.26 0.23 65.32
C VAL B 304 67.49 1.11 65.40
N MET B 305 67.88 1.68 64.26
CA MET B 305 69.03 2.58 64.14
C MET B 305 68.65 4.03 64.43
N ASP B 306 69.27 4.62 65.44
CA ASP B 306 69.01 6.01 65.78
C ASP B 306 67.52 6.38 65.89
N GLY B 307 66.73 5.52 66.52
CA GLY B 307 65.31 5.82 66.73
C GLY B 307 64.25 5.89 65.63
N ASP B 308 64.64 6.09 64.37
CA ASP B 308 63.63 6.20 63.30
C ASP B 308 63.92 5.34 62.06
N LEU B 309 64.90 4.47 62.15
CA LEU B 309 65.21 3.64 61.01
C LEU B 309 65.07 2.24 61.52
N VAL B 310 63.94 1.58 61.20
CA VAL B 310 63.75 0.24 61.68
C VAL B 310 63.86 -0.88 60.64
N LYS B 311 64.34 -2.02 61.14
CA LYS B 311 64.53 -3.21 60.35
C LYS B 311 63.81 -4.37 61.02
N VAL B 312 62.92 -5.03 60.30
CA VAL B 312 62.32 -6.19 60.90
C VAL B 312 62.48 -7.28 59.87
N ILE B 313 62.67 -8.49 60.38
CA ILE B 313 62.86 -9.65 59.54
C ILE B 313 61.64 -10.55 59.80
N ALA B 314 60.99 -11.01 58.74
CA ALA B 314 59.83 -11.87 58.92
C ALA B 314 59.89 -13.05 57.96
N TRP B 315 59.76 -14.25 58.51
CA TRP B 315 59.76 -15.48 57.73
C TRP B 315 58.39 -15.79 57.16
N TYR B 316 58.35 -16.69 56.20
CA TYR B 316 57.08 -17.16 55.64
C TYR B 316 57.24 -18.36 54.74
N ASP B 317 56.35 -19.33 54.93
CA ASP B 317 56.31 -20.53 54.10
C ASP B 317 55.58 -20.04 52.83
N ASN B 318 56.35 -19.73 51.80
CA ASN B 318 55.76 -19.19 50.60
C ASN B 318 54.73 -20.06 49.91
N GLU B 319 54.73 -21.36 50.17
CA GLU B 319 53.73 -22.23 49.54
C GLU B 319 52.54 -22.44 50.47
N TRP B 320 52.80 -23.06 51.62
CA TRP B 320 51.74 -23.36 52.58
C TRP B 320 51.09 -22.14 53.25
N GLY B 321 51.89 -21.19 53.73
CA GLY B 321 51.28 -20.04 54.36
C GLY B 321 50.40 -19.32 53.37
N TYR B 322 50.93 -19.13 52.16
CA TYR B 322 50.19 -18.44 51.12
C TYR B 322 48.90 -19.17 50.78
N SER B 323 48.98 -20.49 50.64
CA SER B 323 47.83 -21.29 50.28
C SER B 323 46.74 -21.22 51.31
N GLN B 324 47.11 -21.06 52.57
CA GLN B 324 46.14 -20.93 53.65
C GLN B 324 45.35 -19.63 53.48
N ARG B 325 46.05 -18.60 52.99
CA ARG B 325 45.44 -17.29 52.74
C ARG B 325 44.53 -17.34 51.51
N VAL B 326 44.88 -18.13 50.50
CA VAL B 326 43.98 -18.14 49.37
C VAL B 326 42.75 -18.97 49.77
N VAL B 327 42.90 -19.87 50.71
CA VAL B 327 41.73 -20.60 51.15
C VAL B 327 40.90 -19.57 51.92
N ASP B 328 41.56 -18.77 52.76
CA ASP B 328 40.85 -17.75 53.55
C ASP B 328 40.08 -16.79 52.62
N LEU B 329 40.74 -16.34 51.55
CA LEU B 329 40.12 -15.42 50.62
C LEU B 329 38.99 -16.07 49.83
N ALA B 330 39.12 -17.35 49.50
CA ALA B 330 38.07 -18.06 48.77
C ALA B 330 36.86 -18.19 49.71
N GLU B 331 37.13 -18.43 50.99
CA GLU B 331 36.10 -18.54 52.01
C GLU B 331 35.43 -17.18 52.25
N LEU B 332 36.22 -16.11 52.15
CA LEU B 332 35.71 -14.77 52.36
C LEU B 332 34.75 -14.52 51.23
N ALA B 333 35.16 -14.90 50.03
CA ALA B 333 34.29 -14.65 48.90
C ALA B 333 33.01 -15.47 49.08
N ALA B 334 33.17 -16.68 49.59
CA ALA B 334 32.04 -17.56 49.79
C ALA B 334 31.00 -16.98 50.74
N ARG B 335 31.47 -16.38 51.81
CA ARG B 335 30.60 -15.78 52.79
C ARG B 335 29.95 -14.50 52.24
N LYS B 336 29.83 -14.39 50.91
CA LYS B 336 29.20 -13.21 50.32
C LYS B 336 29.01 -13.26 48.83
N SER B 337 28.60 -14.40 48.28
CA SER B 337 28.37 -14.50 46.83
C SER B 337 27.07 -13.66 46.55
N GLY B 338 26.44 -13.87 45.38
CA GLY B 338 25.24 -13.14 45.01
C GLY B 338 24.35 -13.86 43.97
N MET C 1 -16.74 11.06 18.83
CA MET C 1 -16.52 9.70 18.33
C MET C 1 -16.58 9.61 16.77
N THR C 2 -16.67 10.78 16.14
CA THR C 2 -16.72 10.90 14.69
C THR C 2 -15.53 10.23 13.97
N ILE C 3 -15.80 9.39 12.97
CA ILE C 3 -14.72 8.71 12.25
C ILE C 3 -14.35 9.42 10.94
N ARG C 4 -13.12 9.18 10.47
CA ARG C 4 -12.62 9.80 9.24
C ARG C 4 -12.87 8.95 8.02
N VAL C 5 -13.64 9.50 7.08
CA VAL C 5 -14.00 8.77 5.86
C VAL C 5 -13.33 9.22 4.58
N ALA C 6 -13.05 8.29 3.68
CA ALA C 6 -12.45 8.60 2.39
C ALA C 6 -13.28 7.86 1.36
N ILE C 7 -13.60 8.54 0.25
CA ILE C 7 -14.39 7.96 -0.83
C ILE C 7 -13.48 7.52 -1.96
N ASN C 8 -13.52 6.27 -2.34
CA ASN C 8 -12.66 5.82 -3.41
C ASN C 8 -13.49 5.49 -4.66
N GLY C 9 -13.44 6.36 -5.66
CA GLY C 9 -14.21 6.16 -6.86
C GLY C 9 -15.38 7.12 -6.79
N PHE C 10 -15.21 8.30 -7.34
CA PHE C 10 -16.23 9.36 -7.31
C PHE C 10 -17.19 9.32 -8.52
N GLY C 11 -17.80 8.17 -8.75
CA GLY C 11 -18.73 8.04 -9.86
C GLY C 11 -20.14 8.21 -9.33
N ARG C 12 -21.07 7.46 -9.92
CA ARG C 12 -22.47 7.55 -9.54
C ARG C 12 -22.73 7.35 -8.06
N ILE C 13 -22.29 6.22 -7.51
CA ILE C 13 -22.52 5.99 -6.10
C ILE C 13 -21.73 6.95 -5.22
N GLY C 14 -20.45 7.11 -5.55
CA GLY C 14 -19.60 8.01 -4.80
C GLY C 14 -20.22 9.39 -4.67
N ARG C 15 -20.67 9.97 -5.78
CA ARG C 15 -21.26 11.31 -5.69
C ARG C 15 -22.64 11.30 -5.00
N ASN C 16 -23.43 10.26 -5.26
CA ASN C 16 -24.74 10.15 -4.64
C ASN C 16 -24.55 10.02 -3.15
N PHE C 17 -23.56 9.24 -2.76
CA PHE C 17 -23.26 9.06 -1.34
C PHE C 17 -22.88 10.40 -0.71
N LEU C 18 -22.02 11.16 -1.39
CA LEU C 18 -21.62 12.46 -0.84
C LEU C 18 -22.85 13.33 -0.63
N ARG C 19 -23.68 13.42 -1.67
CA ARG C 19 -24.90 14.25 -1.58
C ARG C 19 -25.84 13.78 -0.50
N CYS C 20 -26.04 12.47 -0.37
CA CYS C 20 -26.91 11.95 0.66
C CYS C 20 -26.39 12.34 2.02
N TRP C 21 -25.07 12.28 2.18
CA TRP C 21 -24.44 12.63 3.44
C TRP C 21 -24.70 14.07 3.77
N PHE C 22 -24.35 14.97 2.85
CA PHE C 22 -24.57 16.40 3.12
C PHE C 22 -25.99 16.69 3.51
N GLY C 23 -26.92 15.99 2.89
CA GLY C 23 -28.31 16.19 3.21
C GLY C 23 -28.72 15.62 4.54
N ARG C 24 -27.84 14.90 5.22
CA ARG C 24 -28.23 14.33 6.50
C ARG C 24 -28.31 15.34 7.62
N GLN C 25 -29.27 15.05 8.50
CA GLN C 25 -29.59 15.82 9.71
C GLN C 25 -28.37 15.86 10.65
N ASN C 26 -27.87 14.68 11.00
CA ASN C 26 -26.71 14.52 11.88
C ASN C 26 -25.80 13.44 11.30
N THR C 27 -24.59 13.33 11.82
CA THR C 27 -23.68 12.32 11.29
C THR C 27 -22.52 12.09 12.22
N ASP C 28 -21.90 10.93 12.10
CA ASP C 28 -20.73 10.61 12.89
C ASP C 28 -19.61 10.34 11.91
N LEU C 29 -19.78 10.85 10.69
CA LEU C 29 -18.78 10.68 9.66
C LEU C 29 -18.20 12.04 9.32
N GLU C 30 -17.00 12.02 8.75
CA GLU C 30 -16.36 13.23 8.31
C GLU C 30 -15.59 12.85 7.07
N VAL C 31 -16.19 13.08 5.91
CA VAL C 31 -15.53 12.76 4.66
C VAL C 31 -14.36 13.72 4.53
N VAL C 32 -13.14 13.20 4.45
CA VAL C 32 -12.01 14.08 4.34
C VAL C 32 -11.16 13.89 3.11
N ALA C 33 -11.49 12.89 2.29
CA ALA C 33 -10.72 12.68 1.08
C ALA C 33 -11.50 11.95 0.00
N ILE C 34 -11.10 12.15 -1.24
CA ILE C 34 -11.73 11.50 -2.37
C ILE C 34 -10.66 11.09 -3.38
N ASN C 35 -10.63 9.82 -3.74
CA ASN C 35 -9.70 9.35 -4.72
C ASN C 35 -10.54 9.32 -5.96
N ASN C 36 -10.07 9.97 -7.00
CA ASN C 36 -10.82 10.13 -8.25
C ASN C 36 -9.97 10.06 -9.52
N THR C 37 -10.42 9.30 -10.50
CA THR C 37 -9.71 9.17 -11.78
C THR C 37 -9.57 10.47 -12.61
N SER C 38 -10.07 11.59 -12.11
CA SER C 38 -9.97 12.87 -12.82
C SER C 38 -9.44 13.98 -11.91
N ASP C 39 -9.39 15.19 -12.45
CA ASP C 39 -8.92 16.30 -11.66
C ASP C 39 -10.01 16.75 -10.70
N ALA C 40 -9.71 17.73 -9.86
CA ALA C 40 -10.68 18.22 -8.91
C ALA C 40 -11.69 19.07 -9.66
N ARG C 41 -11.29 19.58 -10.81
CA ARG C 41 -12.20 20.42 -11.56
C ARG C 41 -13.39 19.57 -12.01
N THR C 42 -13.07 18.46 -12.69
CA THR C 42 -14.09 17.57 -13.20
C THR C 42 -14.95 17.00 -12.09
N ALA C 43 -14.37 16.84 -10.90
CA ALA C 43 -15.09 16.28 -9.77
C ALA C 43 -16.13 17.23 -9.21
N ALA C 44 -15.73 18.48 -9.02
CA ALA C 44 -16.63 19.48 -8.48
C ALA C 44 -17.74 19.71 -9.50
N HIS C 45 -17.40 19.62 -10.77
CA HIS C 45 -18.38 19.86 -11.84
C HIS C 45 -19.50 18.84 -11.87
N LEU C 46 -19.12 17.56 -11.87
CA LEU C 46 -20.08 16.49 -11.90
C LEU C 46 -20.79 16.37 -10.58
N LEU C 47 -20.24 16.95 -9.53
CA LEU C 47 -20.90 16.88 -8.22
C LEU C 47 -22.09 17.80 -8.26
N GLU C 48 -21.89 18.98 -8.85
CA GLU C 48 -22.95 19.98 -8.95
C GLU C 48 -24.02 19.68 -10.00
N TYR C 49 -23.62 19.41 -11.22
CA TYR C 49 -24.54 19.16 -12.32
C TYR C 49 -24.71 17.67 -12.58
N ASP C 50 -25.90 17.16 -12.25
CA ASP C 50 -26.26 15.75 -12.39
C ASP C 50 -27.51 15.61 -13.25
N SER C 51 -27.40 14.91 -14.37
CA SER C 51 -28.51 14.71 -15.31
C SER C 51 -29.74 14.06 -14.69
N VAL C 52 -29.55 13.28 -13.62
CA VAL C 52 -30.65 12.58 -12.93
C VAL C 52 -31.08 13.26 -11.63
N LEU C 53 -30.13 13.73 -10.81
CA LEU C 53 -30.43 14.38 -9.53
C LEU C 53 -30.69 15.88 -9.68
N GLY C 54 -30.31 16.43 -10.82
CA GLY C 54 -30.48 17.86 -11.00
C GLY C 54 -29.31 18.55 -10.32
N ARG C 55 -29.34 19.88 -10.25
CA ARG C 55 -28.26 20.65 -9.65
C ARG C 55 -28.11 20.49 -8.15
N PHE C 56 -26.86 20.38 -7.69
CA PHE C 56 -26.62 20.23 -6.26
C PHE C 56 -26.64 21.61 -5.62
N ASN C 57 -27.66 21.87 -4.81
CA ASN C 57 -27.80 23.17 -4.15
C ASN C 57 -26.86 23.34 -2.94
N ALA C 58 -25.65 23.84 -3.19
CA ALA C 58 -24.65 24.02 -2.13
C ALA C 58 -23.51 24.88 -2.63
N ASP C 59 -22.69 25.38 -1.71
CA ASP C 59 -21.52 26.19 -2.08
C ASP C 59 -20.40 25.24 -2.49
N ILE C 60 -20.23 25.04 -3.80
CA ILE C 60 -19.23 24.13 -4.29
C ILE C 60 -18.04 24.84 -4.94
N SER C 61 -16.86 24.71 -4.36
CA SER C 61 -15.66 25.34 -4.94
C SER C 61 -14.61 24.27 -5.09
N TYR C 62 -13.52 24.57 -5.79
CA TYR C 62 -12.49 23.59 -5.95
C TYR C 62 -11.18 24.26 -6.20
N ASP C 63 -10.14 23.58 -5.78
CA ASP C 63 -8.80 24.07 -5.90
C ASP C 63 -8.07 22.94 -6.64
N GLU C 64 -6.80 23.14 -6.99
CA GLU C 64 -6.06 22.11 -7.72
C GLU C 64 -6.03 20.71 -7.12
N ASN C 65 -6.13 20.58 -5.79
CA ASN C 65 -6.13 19.25 -5.20
C ASN C 65 -7.07 19.11 -3.98
N SER C 66 -8.22 19.75 -4.07
CA SER C 66 -9.24 19.71 -3.05
C SER C 66 -10.57 20.15 -3.64
N ILE C 67 -11.62 20.01 -2.85
CA ILE C 67 -12.95 20.36 -3.28
C ILE C 67 -13.57 20.78 -1.97
N THR C 68 -14.33 21.86 -2.01
CA THR C 68 -14.96 22.37 -0.80
C THR C 68 -16.45 22.49 -1.03
N VAL C 69 -17.22 21.96 -0.11
CA VAL C 69 -18.67 21.97 -0.19
C VAL C 69 -19.19 22.46 1.13
N ASN C 70 -19.77 23.65 1.13
CA ASN C 70 -20.33 24.22 2.35
C ASN C 70 -19.29 24.22 3.48
N GLY C 71 -18.10 24.72 3.18
CA GLY C 71 -17.07 24.80 4.20
C GLY C 71 -16.23 23.56 4.45
N LYS C 72 -16.80 22.38 4.27
CA LYS C 72 -16.02 21.16 4.51
C LYS C 72 -15.13 20.99 3.29
N THR C 73 -13.81 20.99 3.49
CA THR C 73 -12.91 20.79 2.36
C THR C 73 -12.47 19.33 2.33
N MET C 74 -12.38 18.76 1.14
CA MET C 74 -12.01 17.36 1.01
C MET C 74 -10.84 17.21 0.05
N LYS C 75 -9.77 16.60 0.53
CA LYS C 75 -8.60 16.39 -0.28
C LYS C 75 -8.94 15.53 -1.46
N ILE C 76 -8.46 15.93 -2.62
CA ILE C 76 -8.70 15.14 -3.82
C ILE C 76 -7.37 14.52 -4.16
N VAL C 77 -7.39 13.23 -4.48
CA VAL C 77 -6.17 12.53 -4.87
C VAL C 77 -6.55 11.64 -6.04
N CYS C 78 -5.60 11.29 -6.90
CA CYS C 78 -5.97 10.41 -8.00
C CYS C 78 -4.94 9.32 -8.21
N ASP C 79 -5.20 8.16 -7.58
CA ASP C 79 -4.31 7.01 -7.66
C ASP C 79 -5.05 5.72 -7.96
N ARG C 80 -4.70 5.07 -9.07
CA ARG C 80 -5.33 3.82 -9.49
C ARG C 80 -5.02 2.62 -8.60
N ASN C 81 -3.96 2.73 -7.81
CA ASN C 81 -3.53 1.62 -6.93
C ASN C 81 -3.76 1.97 -5.49
N PRO C 82 -4.72 1.29 -4.84
CA PRO C 82 -5.00 1.58 -3.43
C PRO C 82 -3.79 1.49 -2.52
N LEU C 83 -2.84 0.65 -2.89
CA LEU C 83 -1.65 0.51 -2.09
C LEU C 83 -0.86 1.83 -1.95
N ASN C 84 -1.01 2.73 -2.92
CA ASN C 84 -0.28 4.00 -2.90
C ASN C 84 -0.96 5.07 -2.06
N LEU C 85 -2.23 4.85 -1.76
CA LEU C 85 -3.01 5.84 -1.04
C LEU C 85 -2.48 6.19 0.35
N PRO C 86 -2.45 7.50 0.70
CA PRO C 86 -1.99 8.03 1.98
C PRO C 86 -2.99 7.87 3.13
N TRP C 87 -3.58 6.69 3.26
CA TRP C 87 -4.57 6.47 4.30
C TRP C 87 -3.95 6.48 5.69
N LYS C 88 -2.82 5.82 5.82
CA LYS C 88 -2.11 5.80 7.10
C LYS C 88 -1.75 7.25 7.46
N GLU C 89 -1.21 7.97 6.49
CA GLU C 89 -0.83 9.37 6.66
C GLU C 89 -2.00 10.30 6.97
N TRP C 90 -3.17 10.09 6.33
CA TRP C 90 -4.33 10.95 6.57
C TRP C 90 -5.28 10.49 7.65
N ASP C 91 -4.86 9.50 8.41
CA ASP C 91 -5.65 9.00 9.53
C ASP C 91 -7.05 8.58 9.10
N ILE C 92 -7.13 7.86 7.98
CA ILE C 92 -8.42 7.44 7.47
C ILE C 92 -8.97 6.23 8.22
N ASP C 93 -10.19 6.34 8.72
CA ASP C 93 -10.79 5.21 9.44
C ASP C 93 -11.53 4.30 8.47
N LEU C 94 -12.53 4.87 7.80
CA LEU C 94 -13.34 4.11 6.88
C LEU C 94 -13.26 4.61 5.44
N VAL C 95 -13.17 3.70 4.49
CA VAL C 95 -13.15 4.10 3.10
C VAL C 95 -14.35 3.52 2.35
N ILE C 96 -15.09 4.39 1.68
CA ILE C 96 -16.22 3.95 0.89
C ILE C 96 -15.64 3.47 -0.43
N GLU C 97 -15.61 2.16 -0.63
CA GLU C 97 -15.06 1.64 -1.85
C GLU C 97 -16.15 1.52 -2.92
N SER C 98 -16.23 2.56 -3.75
CA SER C 98 -17.23 2.61 -4.80
C SER C 98 -16.64 2.72 -6.21
N THR C 99 -15.56 2.00 -6.50
CA THR C 99 -14.92 2.05 -7.82
C THR C 99 -15.42 0.93 -8.68
N GLY C 100 -15.94 -0.11 -8.04
CA GLY C 100 -16.42 -1.25 -8.77
C GLY C 100 -15.28 -2.19 -9.15
N VAL C 101 -14.06 -1.92 -8.69
CA VAL C 101 -12.96 -2.81 -9.06
C VAL C 101 -12.33 -3.56 -7.89
N PHE C 102 -12.60 -3.14 -6.67
CA PHE C 102 -12.01 -3.83 -5.54
C PHE C 102 -13.12 -4.37 -4.65
N VAL C 103 -13.78 -5.39 -5.18
CA VAL C 103 -14.89 -6.03 -4.51
C VAL C 103 -14.57 -7.39 -3.84
N THR C 104 -13.31 -7.78 -3.82
CA THR C 104 -12.94 -9.02 -3.14
C THR C 104 -12.37 -8.56 -1.82
N ALA C 105 -12.36 -9.42 -0.83
CA ALA C 105 -11.83 -9.06 0.46
C ALA C 105 -10.35 -8.69 0.33
N GLU C 106 -9.61 -9.43 -0.49
CA GLU C 106 -8.19 -9.17 -0.69
C GLU C 106 -8.01 -7.79 -1.31
N GLY C 107 -8.64 -7.58 -2.47
CA GLY C 107 -8.56 -6.33 -3.19
C GLY C 107 -8.93 -5.13 -2.35
N ALA C 108 -10.07 -5.19 -1.68
CA ALA C 108 -10.48 -4.09 -0.84
C ALA C 108 -9.50 -3.87 0.32
N SER C 109 -8.77 -4.93 0.67
CA SER C 109 -7.78 -4.87 1.75
C SER C 109 -6.59 -4.02 1.39
N LYS C 110 -6.41 -3.79 0.10
CA LYS C 110 -5.31 -2.94 -0.29
C LYS C 110 -5.44 -1.62 0.48
N HIS C 111 -6.68 -1.21 0.77
CA HIS C 111 -6.94 0.03 1.52
C HIS C 111 -6.52 -0.06 2.96
N ILE C 112 -6.70 -1.24 3.55
CA ILE C 112 -6.32 -1.46 4.93
C ILE C 112 -4.81 -1.56 5.05
N GLN C 113 -4.23 -2.19 4.04
CA GLN C 113 -2.80 -2.35 3.97
C GLN C 113 -2.12 -0.97 3.83
N ALA C 114 -2.87 0.02 3.31
CA ALA C 114 -2.39 1.33 2.88
C ALA C 114 -2.57 2.16 4.14
N GLY C 115 -3.35 1.68 5.10
CA GLY C 115 -3.52 2.46 6.32
C GLY C 115 -4.92 2.63 6.91
N ALA C 116 -5.95 2.35 6.11
CA ALA C 116 -7.35 2.48 6.55
C ALA C 116 -7.69 1.35 7.51
N LYS C 117 -8.61 1.59 8.42
CA LYS C 117 -8.96 0.58 9.39
C LYS C 117 -10.11 -0.28 8.93
N LYS C 118 -10.96 0.25 8.06
CA LYS C 118 -12.12 -0.48 7.57
C LYS C 118 -12.50 0.00 6.18
N VAL C 119 -13.06 -0.86 5.37
CA VAL C 119 -13.51 -0.46 4.03
C VAL C 119 -14.88 -1.04 3.71
N LEU C 120 -15.77 -0.15 3.28
CA LEU C 120 -17.15 -0.48 2.94
C LEU C 120 -17.33 -0.50 1.44
N ILE C 121 -17.50 -1.70 0.88
CA ILE C 121 -17.67 -1.86 -0.57
C ILE C 121 -19.13 -1.57 -0.87
N THR C 122 -19.40 -0.68 -1.83
CA THR C 122 -20.76 -0.30 -2.23
C THR C 122 -21.25 -1.22 -3.33
N ALA C 123 -21.04 -2.52 -3.12
CA ALA C 123 -21.45 -3.51 -4.10
C ALA C 123 -21.34 -4.86 -3.48
N PRO C 124 -21.77 -5.89 -4.20
CA PRO C 124 -21.64 -7.21 -3.58
C PRO C 124 -20.16 -7.57 -3.37
N GLY C 125 -19.85 -8.19 -2.25
CA GLY C 125 -18.49 -8.61 -1.99
C GLY C 125 -18.29 -9.90 -2.78
N LYS C 126 -17.27 -9.92 -3.62
CA LYS C 126 -16.95 -11.09 -4.43
C LYS C 126 -16.05 -12.02 -3.60
N ALA C 127 -16.46 -13.27 -3.47
CA ALA C 127 -15.70 -14.27 -2.70
C ALA C 127 -15.97 -14.22 -1.20
N GLU C 128 -15.23 -15.02 -0.46
CA GLU C 128 -15.38 -15.13 0.98
C GLU C 128 -14.61 -14.04 1.71
N GLY C 129 -14.96 -13.80 2.98
CA GLY C 129 -14.28 -12.78 3.78
C GLY C 129 -14.91 -11.38 3.89
N VAL C 130 -16.03 -11.15 3.23
CA VAL C 130 -16.66 -9.85 3.31
C VAL C 130 -17.88 -9.93 4.22
N GLY C 131 -18.05 -8.96 5.09
CA GLY C 131 -19.21 -8.97 5.96
C GLY C 131 -20.31 -8.20 5.28
N THR C 132 -21.41 -8.86 4.97
CA THR C 132 -22.51 -8.19 4.29
C THR C 132 -23.68 -7.79 5.21
N TYR C 133 -24.16 -6.57 5.05
CA TYR C 133 -25.24 -6.11 5.89
C TYR C 133 -26.23 -5.29 5.11
N VAL C 134 -27.50 -5.55 5.33
CA VAL C 134 -28.53 -4.80 4.65
C VAL C 134 -29.30 -4.14 5.76
N ILE C 135 -29.28 -2.81 5.76
CA ILE C 135 -29.96 -2.02 6.77
C ILE C 135 -31.41 -2.41 6.83
N GLY C 136 -31.90 -2.72 8.03
CA GLY C 136 -33.27 -3.13 8.18
C GLY C 136 -33.47 -4.65 8.17
N VAL C 137 -32.43 -5.40 7.83
CA VAL C 137 -32.54 -6.86 7.75
C VAL C 137 -31.63 -7.59 8.71
N ASN C 138 -30.34 -7.27 8.73
CA ASN C 138 -29.40 -7.96 9.63
C ASN C 138 -28.42 -6.99 10.24
N ASP C 139 -28.79 -5.71 10.24
CA ASP C 139 -27.91 -4.69 10.77
C ASP C 139 -27.70 -4.84 12.26
N SER C 140 -28.61 -5.54 12.91
CA SER C 140 -28.50 -5.77 14.36
C SER C 140 -27.35 -6.75 14.64
N GLU C 141 -26.88 -7.44 13.61
CA GLU C 141 -25.77 -8.40 13.78
C GLU C 141 -24.41 -7.80 13.46
N TYR C 142 -24.35 -6.49 13.32
CA TYR C 142 -23.10 -5.82 13.02
C TYR C 142 -22.23 -5.65 14.24
N ARG C 143 -21.03 -6.21 14.19
CA ARG C 143 -20.08 -6.04 15.29
C ARG C 143 -18.81 -5.45 14.64
N HIS C 144 -18.25 -4.44 15.28
CA HIS C 144 -17.07 -3.80 14.73
C HIS C 144 -15.92 -4.75 14.36
N GLU C 145 -15.52 -5.65 15.26
CA GLU C 145 -14.41 -6.56 15.00
C GLU C 145 -14.59 -7.71 14.03
N ASP C 146 -15.82 -8.01 13.62
CA ASP C 146 -16.01 -9.12 12.71
C ASP C 146 -15.27 -9.00 11.39
N PHE C 147 -15.50 -7.92 10.65
CA PHE C 147 -14.87 -7.75 9.33
C PHE C 147 -14.21 -6.40 9.04
N ALA C 148 -13.03 -6.44 8.43
CA ALA C 148 -12.31 -5.22 8.09
C ALA C 148 -12.88 -4.72 6.78
N VAL C 149 -13.50 -5.64 6.04
CA VAL C 149 -14.11 -5.35 4.76
C VAL C 149 -15.60 -5.70 4.81
N ILE C 150 -16.46 -4.69 4.71
CA ILE C 150 -17.88 -4.92 4.74
C ILE C 150 -18.54 -4.52 3.44
N SER C 151 -19.73 -5.06 3.21
CA SER C 151 -20.46 -4.80 1.98
C SER C 151 -21.89 -4.45 2.26
N ASN C 152 -22.46 -3.63 1.38
CA ASN C 152 -23.83 -3.24 1.52
C ASN C 152 -24.73 -4.03 0.57
N ALA C 153 -24.14 -4.97 -0.17
CA ALA C 153 -24.87 -5.80 -1.12
C ALA C 153 -25.20 -4.90 -2.29
N SER C 154 -25.90 -5.41 -3.31
CA SER C 154 -26.25 -4.62 -4.47
C SER C 154 -27.52 -3.83 -4.21
N CYS C 155 -27.87 -2.95 -5.14
CA CYS C 155 -29.09 -2.15 -5.00
C CYS C 155 -30.30 -3.10 -5.01
N THR C 156 -30.28 -4.08 -5.92
CA THR C 156 -31.38 -5.01 -6.02
C THR C 156 -31.58 -5.77 -4.72
N THR C 157 -30.48 -6.26 -4.12
CA THR C 157 -30.59 -7.02 -2.87
C THR C 157 -31.18 -6.18 -1.74
N ASN C 158 -30.98 -4.86 -1.77
CA ASN C 158 -31.54 -4.01 -0.71
C ASN C 158 -33.01 -3.80 -0.89
N CYS C 159 -33.48 -3.98 -2.10
CA CYS C 159 -34.88 -3.79 -2.36
C CYS C 159 -35.55 -5.07 -2.00
N LEU C 160 -35.00 -6.15 -2.55
CA LEU C 160 -35.49 -7.50 -2.38
C LEU C 160 -35.52 -8.07 -0.96
N ALA C 161 -34.42 -7.89 -0.23
CA ALA C 161 -34.32 -8.43 1.11
C ALA C 161 -35.37 -7.95 2.12
N PRO C 162 -35.59 -6.63 2.21
CA PRO C 162 -36.59 -6.19 3.17
C PRO C 162 -37.95 -6.84 2.92
N VAL C 163 -38.32 -6.98 1.65
CA VAL C 163 -39.58 -7.57 1.30
C VAL C 163 -39.60 -9.05 1.58
N ALA C 164 -38.50 -9.74 1.26
CA ALA C 164 -38.42 -11.18 1.51
C ALA C 164 -38.56 -11.42 2.98
N LYS C 165 -37.88 -10.60 3.76
CA LYS C 165 -37.95 -10.78 5.21
C LYS C 165 -39.36 -10.74 5.72
N VAL C 166 -40.10 -9.68 5.40
CA VAL C 166 -41.47 -9.54 5.85
C VAL C 166 -42.34 -10.69 5.36
N LEU C 167 -42.13 -11.11 4.12
CA LEU C 167 -42.91 -12.19 3.55
C LEU C 167 -42.59 -13.47 4.28
N HIS C 168 -41.31 -13.78 4.41
CA HIS C 168 -40.89 -14.99 5.10
C HIS C 168 -41.33 -15.02 6.58
N ASP C 169 -41.23 -13.88 7.24
CA ASP C 169 -41.59 -13.80 8.64
C ASP C 169 -43.06 -14.11 8.87
N ASN C 170 -43.89 -13.74 7.92
CA ASN C 170 -45.33 -13.92 8.05
C ASN C 170 -45.94 -15.16 7.42
N PHE C 171 -45.34 -15.65 6.34
CA PHE C 171 -45.91 -16.80 5.65
C PHE C 171 -44.90 -17.91 5.36
N GLY C 172 -43.62 -17.63 5.62
CA GLY C 172 -42.60 -18.61 5.35
C GLY C 172 -42.41 -18.88 3.86
N ILE C 173 -41.23 -18.54 3.34
CA ILE C 173 -40.86 -18.74 1.95
C ILE C 173 -40.34 -20.18 1.76
N ILE C 174 -40.84 -20.90 0.77
CA ILE C 174 -40.38 -22.24 0.50
C ILE C 174 -39.35 -22.14 -0.65
N LYS C 175 -39.70 -21.38 -1.66
CA LYS C 175 -38.84 -21.16 -2.80
C LYS C 175 -39.44 -19.95 -3.48
N GLY C 176 -38.70 -19.36 -4.40
CA GLY C 176 -39.18 -18.18 -5.07
C GLY C 176 -38.24 -17.88 -6.20
N THR C 177 -38.62 -16.92 -7.03
CA THR C 177 -37.85 -16.51 -8.19
C THR C 177 -38.07 -15.01 -8.25
N MET C 178 -37.30 -14.32 -9.06
CA MET C 178 -37.47 -12.88 -9.17
C MET C 178 -36.80 -12.32 -10.39
N THR C 179 -37.33 -11.22 -10.89
CA THR C 179 -36.75 -10.55 -12.05
C THR C 179 -36.66 -9.06 -11.76
N THR C 180 -35.52 -8.46 -12.08
CA THR C 180 -35.41 -7.04 -11.87
C THR C 180 -35.36 -6.35 -13.22
N THR C 181 -36.29 -5.43 -13.45
CA THR C 181 -36.33 -4.65 -14.69
C THR C 181 -35.54 -3.43 -14.22
N HIS C 182 -34.29 -3.40 -14.64
CA HIS C 182 -33.30 -2.41 -14.20
C HIS C 182 -32.91 -1.33 -15.18
N SER C 183 -32.68 -0.13 -14.67
CA SER C 183 -32.21 0.97 -15.52
C SER C 183 -30.80 0.59 -15.98
N TYR C 184 -30.27 1.24 -16.99
CA TYR C 184 -28.90 0.86 -17.39
C TYR C 184 -27.91 1.54 -16.43
N THR C 185 -26.64 1.15 -16.51
CA THR C 185 -25.58 1.68 -15.64
C THR C 185 -24.33 1.73 -16.49
N LEU C 186 -23.28 2.37 -15.96
CA LEU C 186 -22.02 2.51 -16.67
C LEU C 186 -21.31 1.17 -16.96
N ASP C 187 -21.85 0.05 -16.48
CA ASP C 187 -21.21 -1.22 -16.81
C ASP C 187 -21.72 -1.70 -18.17
N GLN C 188 -22.74 -1.02 -18.68
CA GLN C 188 -23.28 -1.35 -19.97
C GLN C 188 -22.63 -0.45 -21.02
N ARG C 189 -22.80 -0.78 -22.30
CA ARG C 189 -22.21 -0.04 -23.41
C ARG C 189 -23.24 0.86 -24.06
N ILE C 190 -22.85 2.08 -24.40
CA ILE C 190 -23.79 3.01 -25.03
C ILE C 190 -24.15 2.57 -26.46
N LEU C 191 -23.29 1.77 -27.08
CA LEU C 191 -23.50 1.23 -28.42
C LEU C 191 -22.75 -0.09 -28.44
N ASP C 192 -23.17 -1.01 -29.29
CA ASP C 192 -22.52 -2.32 -29.40
C ASP C 192 -21.00 -2.22 -29.32
N ALA C 193 -20.44 -2.78 -28.25
CA ALA C 193 -18.98 -2.80 -28.00
C ALA C 193 -18.64 -3.98 -27.08
N SER C 194 -17.49 -4.60 -27.28
CA SER C 194 -17.12 -5.79 -26.50
C SER C 194 -17.26 -5.62 -24.98
N HIS C 195 -17.68 -6.71 -24.34
CA HIS C 195 -17.91 -6.78 -22.91
C HIS C 195 -17.82 -8.24 -22.49
N ARG C 196 -17.49 -8.49 -21.23
CA ARG C 196 -17.36 -9.84 -20.67
C ARG C 196 -18.65 -10.57 -21.02
N ASP C 197 -19.74 -9.85 -20.76
CA ASP C 197 -21.10 -10.31 -20.96
C ASP C 197 -21.57 -9.83 -22.33
N LEU C 198 -21.64 -10.74 -23.29
CA LEU C 198 -22.08 -10.40 -24.64
C LEU C 198 -23.46 -9.72 -24.68
N ARG C 199 -24.21 -9.79 -23.58
CA ARG C 199 -25.51 -9.13 -23.59
C ARG C 199 -25.30 -7.67 -23.20
N ARG C 200 -24.53 -7.45 -22.14
CA ARG C 200 -24.26 -6.08 -21.69
C ARG C 200 -23.38 -5.32 -22.68
N ALA C 201 -22.96 -6.01 -23.73
CA ALA C 201 -22.15 -5.44 -24.78
C ALA C 201 -23.05 -4.64 -25.75
N ARG C 202 -24.35 -4.87 -25.67
CA ARG C 202 -25.25 -4.23 -26.59
C ARG C 202 -25.78 -2.86 -26.18
N ALA C 203 -26.04 -2.04 -27.20
CA ALA C 203 -26.52 -0.67 -27.03
C ALA C 203 -27.62 -0.62 -26.01
N ALA C 204 -27.29 -0.07 -24.85
CA ALA C 204 -28.20 0.02 -23.72
C ALA C 204 -29.48 0.82 -23.89
N ALA C 205 -29.41 1.96 -24.54
CA ALA C 205 -30.60 2.80 -24.66
C ALA C 205 -31.59 2.36 -25.75
N VAL C 206 -31.28 1.29 -26.45
CA VAL C 206 -32.21 0.83 -27.47
C VAL C 206 -32.38 -0.69 -27.45
N ASN C 207 -32.34 -1.26 -26.25
CA ASN C 207 -32.48 -2.70 -26.11
C ASN C 207 -33.01 -3.04 -24.73
N ILE C 208 -33.59 -4.21 -24.64
CA ILE C 208 -33.99 -4.76 -23.37
C ILE C 208 -32.88 -5.83 -23.32
N VAL C 209 -32.06 -5.82 -22.29
CA VAL C 209 -30.99 -6.80 -22.26
C VAL C 209 -30.96 -7.63 -20.99
N PRO C 210 -31.04 -8.95 -21.17
CA PRO C 210 -31.03 -9.89 -20.07
C PRO C 210 -29.62 -9.94 -19.54
N THR C 211 -29.47 -10.00 -18.23
CA THR C 211 -28.16 -10.11 -17.64
C THR C 211 -28.30 -10.80 -16.30
N THR C 212 -27.29 -11.56 -15.94
CA THR C 212 -27.38 -12.28 -14.69
C THR C 212 -27.32 -11.38 -13.48
N THR C 213 -27.93 -11.84 -12.40
CA THR C 213 -27.94 -11.12 -11.13
C THR C 213 -27.70 -12.15 -10.00
N GLY C 214 -26.98 -11.74 -8.98
CA GLY C 214 -26.72 -12.61 -7.84
C GLY C 214 -27.55 -12.14 -6.66
N ALA C 215 -28.32 -11.07 -6.89
CA ALA C 215 -29.17 -10.46 -5.88
C ALA C 215 -30.04 -11.45 -5.13
N ALA C 216 -30.67 -12.37 -5.85
CA ALA C 216 -31.53 -13.38 -5.27
C ALA C 216 -30.78 -14.30 -4.32
N LYS C 217 -29.68 -14.87 -4.78
CA LYS C 217 -28.90 -15.77 -3.93
C LYS C 217 -28.29 -14.99 -2.74
N ALA C 218 -27.89 -13.76 -3.01
CA ALA C 218 -27.27 -12.89 -2.00
C ALA C 218 -28.18 -12.57 -0.82
N VAL C 219 -29.48 -12.79 -0.96
CA VAL C 219 -30.39 -12.50 0.14
C VAL C 219 -30.01 -13.42 1.29
N ALA C 220 -29.59 -14.64 0.99
CA ALA C 220 -29.23 -15.60 2.04
C ALA C 220 -28.17 -15.04 3.01
N LEU C 221 -27.29 -14.18 2.52
CA LEU C 221 -26.26 -13.57 3.36
C LEU C 221 -26.86 -12.75 4.46
N VAL C 222 -28.02 -12.15 4.23
CA VAL C 222 -28.63 -11.34 5.28
C VAL C 222 -29.89 -11.97 5.90
N ILE C 223 -30.37 -13.05 5.28
CA ILE C 223 -31.49 -13.83 5.79
C ILE C 223 -31.05 -15.27 5.52
N PRO C 224 -30.19 -15.84 6.37
CA PRO C 224 -29.67 -17.20 6.22
C PRO C 224 -30.71 -18.28 6.01
N GLU C 225 -31.95 -18.04 6.46
CA GLU C 225 -33.00 -19.05 6.28
C GLU C 225 -33.40 -19.21 4.83
N LEU C 226 -33.25 -18.15 4.07
CA LEU C 226 -33.59 -18.17 2.68
C LEU C 226 -32.50 -18.76 1.81
N LYS C 227 -31.47 -19.32 2.43
CA LYS C 227 -30.42 -19.85 1.61
C LYS C 227 -30.90 -20.90 0.64
N GLY C 228 -30.45 -20.81 -0.61
CA GLY C 228 -30.85 -21.77 -1.64
C GLY C 228 -32.31 -21.69 -2.14
N LYS C 229 -33.10 -20.83 -1.50
CA LYS C 229 -34.51 -20.64 -1.83
C LYS C 229 -34.89 -19.57 -2.86
N LEU C 230 -33.96 -18.74 -3.30
CA LEU C 230 -34.30 -17.70 -4.26
C LEU C 230 -33.37 -17.61 -5.42
N ASN C 231 -33.94 -17.50 -6.63
CA ASN C 231 -33.15 -17.34 -7.83
C ASN C 231 -33.74 -16.20 -8.63
N GLY C 232 -33.04 -15.73 -9.65
CA GLY C 232 -33.57 -14.64 -10.42
C GLY C 232 -32.77 -14.21 -11.62
N ILE C 233 -33.21 -13.14 -12.28
CA ILE C 233 -32.50 -12.61 -13.44
C ILE C 233 -32.76 -11.13 -13.51
N ALA C 234 -32.06 -10.45 -14.41
CA ALA C 234 -32.23 -9.01 -14.59
C ALA C 234 -32.51 -8.69 -16.04
N LEU C 235 -33.34 -7.68 -16.24
CA LEU C 235 -33.64 -7.25 -17.60
C LEU C 235 -33.27 -5.79 -17.60
N ARG C 236 -32.20 -5.42 -18.32
CA ARG C 236 -31.78 -4.02 -18.35
C ARG C 236 -32.63 -3.31 -19.38
N VAL C 237 -33.18 -2.17 -19.00
CA VAL C 237 -34.03 -1.43 -19.92
C VAL C 237 -33.61 0.02 -20.07
N PRO C 238 -33.96 0.64 -21.21
CA PRO C 238 -33.61 2.05 -21.49
C PRO C 238 -34.17 3.17 -20.61
N THR C 239 -33.79 3.22 -19.34
CA THR C 239 -34.15 4.31 -18.43
C THR C 239 -32.85 4.56 -17.69
N PRO C 240 -32.50 5.81 -17.44
CA PRO C 240 -31.24 6.11 -16.75
C PRO C 240 -31.14 5.88 -15.25
N ASN C 241 -32.26 5.59 -14.60
CA ASN C 241 -32.29 5.34 -13.16
C ASN C 241 -33.70 5.04 -12.67
N VAL C 242 -33.77 4.20 -11.63
CA VAL C 242 -34.97 3.72 -10.94
C VAL C 242 -35.27 2.35 -11.49
N SER C 243 -35.37 1.37 -10.60
CA SER C 243 -35.63 0.01 -11.04
C SER C 243 -36.77 -0.65 -10.27
N VAL C 244 -37.15 -1.83 -10.69
CA VAL C 244 -38.24 -2.52 -9.99
C VAL C 244 -38.01 -4.02 -9.87
N VAL C 245 -38.42 -4.61 -8.76
CA VAL C 245 -38.28 -6.07 -8.65
C VAL C 245 -39.68 -6.70 -8.69
N ASP C 246 -39.72 -7.85 -9.35
CA ASP C 246 -40.93 -8.66 -9.50
C ASP C 246 -40.62 -9.94 -8.73
N LEU C 247 -41.11 -10.03 -7.50
CA LEU C 247 -40.87 -11.22 -6.66
C LEU C 247 -42.04 -12.20 -6.61
N VAL C 248 -41.77 -13.46 -6.95
CA VAL C 248 -42.79 -14.48 -6.92
C VAL C 248 -42.33 -15.54 -5.97
N VAL C 249 -43.09 -15.77 -4.91
CA VAL C 249 -42.69 -16.80 -3.97
C VAL C 249 -43.84 -17.74 -3.60
N GLN C 250 -43.51 -19.01 -3.40
CA GLN C 250 -44.50 -19.97 -2.95
C GLN C 250 -44.32 -19.95 -1.44
N VAL C 251 -45.38 -19.63 -0.70
CA VAL C 251 -45.26 -19.57 0.75
C VAL C 251 -45.80 -20.80 1.44
N GLU C 252 -45.57 -20.89 2.75
CA GLU C 252 -45.98 -22.01 3.58
C GLU C 252 -47.42 -21.86 4.09
N LYS C 253 -47.71 -20.72 4.69
CA LYS C 253 -49.05 -20.42 5.19
C LYS C 253 -49.86 -19.76 4.09
N PRO C 254 -50.93 -20.43 3.63
CA PRO C 254 -51.76 -19.82 2.58
C PRO C 254 -52.27 -18.45 3.01
N THR C 255 -52.56 -17.58 2.05
CA THR C 255 -52.99 -16.24 2.37
C THR C 255 -53.72 -15.60 1.20
N ILE C 256 -54.01 -14.30 1.31
CA ILE C 256 -54.68 -13.54 0.27
C ILE C 256 -54.01 -12.21 -0.03
N THR C 257 -54.23 -11.72 -1.23
CA THR C 257 -53.67 -10.45 -1.65
C THR C 257 -53.73 -9.37 -0.59
N GLU C 258 -54.91 -9.14 -0.03
CA GLU C 258 -55.04 -8.08 0.96
C GLU C 258 -54.24 -8.28 2.23
N GLN C 259 -54.01 -9.54 2.58
CA GLN C 259 -53.25 -9.86 3.77
C GLN C 259 -51.74 -9.55 3.64
N VAL C 260 -51.12 -9.95 2.52
CA VAL C 260 -49.70 -9.66 2.34
C VAL C 260 -49.50 -8.13 2.27
N ASN C 261 -50.43 -7.42 1.61
CA ASN C 261 -50.32 -5.96 1.52
C ASN C 261 -50.35 -5.36 2.91
N GLU C 262 -51.15 -5.94 3.79
CA GLU C 262 -51.23 -5.43 5.14
C GLU C 262 -49.95 -5.62 5.92
N VAL C 263 -49.35 -6.81 5.83
CA VAL C 263 -48.13 -7.02 6.58
C VAL C 263 -47.07 -6.10 6.02
N LEU C 264 -46.99 -6.00 4.70
CA LEU C 264 -46.03 -5.10 4.07
C LEU C 264 -46.26 -3.70 4.57
N GLN C 265 -47.50 -3.24 4.55
CA GLN C 265 -47.81 -1.90 5.03
C GLN C 265 -47.52 -1.71 6.53
N LYS C 266 -47.87 -2.71 7.35
CA LYS C 266 -47.62 -2.62 8.78
C LYS C 266 -46.15 -2.35 8.95
N ALA C 267 -45.35 -3.19 8.30
CA ALA C 267 -43.90 -3.07 8.35
C ALA C 267 -43.41 -1.69 7.96
N SER C 268 -43.85 -1.16 6.82
CA SER C 268 -43.41 0.15 6.41
C SER C 268 -43.71 1.20 7.48
N GLN C 269 -44.67 0.91 8.35
CA GLN C 269 -45.03 1.87 9.40
C GLN C 269 -44.31 1.63 10.70
N THR C 270 -43.85 0.41 10.91
CA THR C 270 -43.18 0.06 12.15
C THR C 270 -41.78 -0.51 11.98
N THR C 271 -41.66 -1.84 11.97
CA THR C 271 -40.37 -2.51 11.86
C THR C 271 -39.50 -2.17 10.65
N MET C 272 -40.11 -1.81 9.52
CA MET C 272 -39.37 -1.48 8.31
C MET C 272 -39.48 0.00 7.96
N LYS C 273 -39.95 0.80 8.91
CA LYS C 273 -40.08 2.23 8.64
C LYS C 273 -38.76 2.83 8.16
N GLY C 274 -38.81 3.56 7.05
CA GLY C 274 -37.61 4.16 6.50
C GLY C 274 -36.93 3.22 5.53
N ILE C 275 -37.33 1.95 5.52
CA ILE C 275 -36.72 0.97 4.63
C ILE C 275 -37.68 0.59 3.52
N ILE C 276 -38.86 0.15 3.94
CA ILE C 276 -39.90 -0.21 2.97
C ILE C 276 -40.91 0.93 2.91
N LYS C 277 -41.29 1.30 1.70
CA LYS C 277 -42.30 2.33 1.51
C LYS C 277 -43.51 1.61 0.94
N TYR C 278 -44.69 2.00 1.42
CA TYR C 278 -45.91 1.36 0.95
C TYR C 278 -46.64 2.32 0.02
N SER C 279 -46.61 2.01 -1.27
CA SER C 279 -47.23 2.88 -2.25
C SER C 279 -48.49 2.32 -2.87
N ASP C 280 -49.62 2.93 -2.52
CA ASP C 280 -50.89 2.50 -3.08
C ASP C 280 -51.42 3.49 -4.11
N LEU C 281 -50.54 4.13 -4.86
CA LEU C 281 -50.98 5.10 -5.85
C LEU C 281 -50.53 4.58 -7.21
N PRO C 282 -51.23 4.95 -8.28
CA PRO C 282 -50.88 4.50 -9.63
C PRO C 282 -49.72 5.33 -10.22
N LEU C 283 -48.52 5.13 -9.68
CA LEU C 283 -47.33 5.84 -10.10
C LEU C 283 -46.51 5.06 -11.13
N VAL C 284 -45.49 5.72 -11.69
CA VAL C 284 -44.59 5.11 -12.66
C VAL C 284 -43.15 5.36 -12.20
N SER C 285 -42.18 4.76 -12.87
CA SER C 285 -40.79 4.90 -12.44
C SER C 285 -40.29 6.30 -12.10
N SER C 286 -40.49 7.28 -13.00
CA SER C 286 -40.01 8.63 -12.73
C SER C 286 -40.48 9.19 -11.39
N ASP C 287 -41.59 8.68 -10.89
CA ASP C 287 -42.11 9.20 -9.65
C ASP C 287 -41.29 8.83 -8.42
N PHE C 288 -40.38 7.86 -8.56
CA PHE C 288 -39.60 7.46 -7.40
C PHE C 288 -38.17 8.00 -7.28
N ARG C 289 -37.76 8.85 -8.23
CA ARG C 289 -36.42 9.46 -8.16
C ARG C 289 -36.36 10.19 -6.83
N GLY C 290 -35.27 9.98 -6.10
CA GLY C 290 -35.04 10.66 -4.84
C GLY C 290 -35.76 10.08 -3.65
N THR C 291 -36.43 8.95 -3.85
CA THR C 291 -37.11 8.33 -2.74
C THR C 291 -36.02 7.72 -1.84
N ASP C 292 -36.14 7.91 -0.53
CA ASP C 292 -35.14 7.40 0.40
C ASP C 292 -35.16 5.89 0.72
N GLU C 293 -36.34 5.26 0.69
CA GLU C 293 -36.46 3.85 1.03
C GLU C 293 -35.77 2.87 0.08
N SER C 294 -35.39 1.71 0.62
CA SER C 294 -34.73 0.68 -0.14
C SER C 294 -35.69 -0.07 -1.04
N SER C 295 -36.96 -0.14 -0.65
CA SER C 295 -37.98 -0.80 -1.47
C SER C 295 -39.37 -0.16 -1.32
N ILE C 296 -39.98 0.10 -2.45
CA ILE C 296 -41.29 0.74 -2.49
C ILE C 296 -42.29 -0.24 -2.99
N VAL C 297 -43.10 -0.78 -2.09
CA VAL C 297 -44.10 -1.78 -2.50
C VAL C 297 -45.24 -1.15 -3.28
N ASP C 298 -45.44 -1.63 -4.51
CA ASP C 298 -46.53 -1.12 -5.32
C ASP C 298 -47.74 -1.98 -4.97
N SER C 299 -48.43 -1.51 -3.93
CA SER C 299 -49.62 -2.11 -3.35
C SER C 299 -50.56 -2.72 -4.39
N SER C 300 -51.01 -1.87 -5.29
CA SER C 300 -51.91 -2.24 -6.36
C SER C 300 -51.53 -3.50 -7.15
N LEU C 301 -50.24 -3.72 -7.35
CA LEU C 301 -49.82 -4.86 -8.15
C LEU C 301 -49.66 -6.19 -7.44
N THR C 302 -49.75 -6.19 -6.11
CA THR C 302 -49.64 -7.40 -5.29
C THR C 302 -50.67 -8.45 -5.77
N LEU C 303 -50.28 -9.72 -5.80
CA LEU C 303 -51.18 -10.75 -6.28
C LEU C 303 -50.93 -12.12 -5.69
N VAL C 304 -51.94 -12.71 -5.07
CA VAL C 304 -51.82 -14.06 -4.52
C VAL C 304 -52.67 -15.01 -5.35
N MET C 305 -52.01 -16.04 -5.88
CA MET C 305 -52.62 -17.06 -6.72
C MET C 305 -52.83 -18.36 -5.97
N ASP C 306 -54.07 -18.83 -5.88
CA ASP C 306 -54.33 -20.09 -5.22
C ASP C 306 -53.72 -20.18 -3.82
N GLY C 307 -53.98 -19.18 -2.98
CA GLY C 307 -53.49 -19.18 -1.61
C GLY C 307 -52.01 -19.07 -1.23
N ASP C 308 -51.13 -19.75 -1.96
CA ASP C 308 -49.72 -19.72 -1.61
C ASP C 308 -48.69 -19.30 -2.65
N LEU C 309 -49.11 -18.66 -3.73
CA LEU C 309 -48.18 -18.21 -4.76
C LEU C 309 -48.31 -16.68 -4.79
N VAL C 310 -47.45 -15.96 -4.05
CA VAL C 310 -47.54 -14.49 -4.03
C VAL C 310 -46.51 -13.82 -4.88
N LYS C 311 -46.94 -12.69 -5.43
CA LYS C 311 -46.15 -11.86 -6.32
C LYS C 311 -46.19 -10.50 -5.70
N VAL C 312 -45.03 -9.85 -5.57
CA VAL C 312 -44.97 -8.49 -5.02
C VAL C 312 -44.08 -7.74 -5.96
N ILE C 313 -44.46 -6.50 -6.28
CA ILE C 313 -43.69 -5.64 -7.15
C ILE C 313 -43.17 -4.52 -6.29
N ALA C 314 -41.88 -4.22 -6.40
CA ALA C 314 -41.31 -3.15 -5.58
C ALA C 314 -40.26 -2.34 -6.30
N TRP C 315 -40.48 -1.05 -6.34
CA TRP C 315 -39.58 -0.10 -6.98
C TRP C 315 -38.45 0.30 -6.04
N TYR C 316 -37.43 0.88 -6.64
CA TYR C 316 -36.31 1.43 -5.87
C TYR C 316 -35.48 2.31 -6.77
N ASP C 317 -34.97 3.38 -6.20
CA ASP C 317 -34.08 4.27 -6.90
C ASP C 317 -32.70 3.64 -6.69
N ASN C 318 -32.25 2.82 -7.63
CA ASN C 318 -30.98 2.15 -7.50
C ASN C 318 -29.76 3.01 -7.21
N GLU C 319 -29.87 4.32 -7.35
CA GLU C 319 -28.70 5.15 -7.08
C GLU C 319 -28.85 5.89 -5.76
N TRP C 320 -29.95 6.62 -5.62
CA TRP C 320 -30.18 7.39 -4.43
C TRP C 320 -30.64 6.58 -3.22
N GLY C 321 -31.56 5.66 -3.42
CA GLY C 321 -32.03 4.87 -2.30
C GLY C 321 -30.88 4.03 -1.77
N TYR C 322 -30.10 3.45 -2.69
CA TYR C 322 -28.97 2.64 -2.28
C TYR C 322 -27.91 3.43 -1.52
N SER C 323 -27.58 4.63 -2.03
CA SER C 323 -26.55 5.46 -1.40
C SER C 323 -26.95 5.92 0.00
N GLN C 324 -28.24 6.03 0.22
CA GLN C 324 -28.80 6.42 1.48
C GLN C 324 -28.54 5.24 2.43
N ARG C 325 -28.57 4.02 1.89
CA ARG C 325 -28.29 2.84 2.72
C ARG C 325 -26.80 2.78 3.07
N VAL C 326 -25.90 3.02 2.11
CA VAL C 326 -24.50 2.94 2.48
C VAL C 326 -24.12 4.02 3.50
N VAL C 327 -24.70 5.21 3.39
CA VAL C 327 -24.47 6.28 4.37
C VAL C 327 -24.93 5.72 5.73
N ASP C 328 -26.05 4.98 5.72
CA ASP C 328 -26.59 4.35 6.94
C ASP C 328 -25.61 3.28 7.48
N LEU C 329 -25.11 2.41 6.61
CA LEU C 329 -24.16 1.39 7.05
C LEU C 329 -22.89 2.03 7.60
N ALA C 330 -22.40 3.08 6.94
CA ALA C 330 -21.20 3.76 7.39
C ALA C 330 -21.46 4.45 8.72
N GLU C 331 -22.67 4.99 8.90
CA GLU C 331 -23.02 5.66 10.14
C GLU C 331 -23.05 4.65 11.27
N LEU C 332 -23.54 3.44 10.94
CA LEU C 332 -23.63 2.34 11.89
C LEU C 332 -22.25 1.93 12.32
N ALA C 333 -21.33 1.79 11.36
CA ALA C 333 -19.97 1.41 11.69
C ALA C 333 -19.37 2.46 12.62
N ALA C 334 -19.64 3.75 12.36
CA ALA C 334 -19.10 4.83 13.19
C ALA C 334 -19.66 4.81 14.60
N ARG C 335 -20.94 4.46 14.72
CA ARG C 335 -21.57 4.38 16.03
C ARG C 335 -21.07 3.17 16.81
N LYS C 336 -20.61 2.14 16.09
CA LYS C 336 -20.10 0.94 16.74
C LYS C 336 -18.57 0.85 16.64
N SER C 337 -17.90 1.91 16.18
CA SER C 337 -16.44 1.89 16.05
C SER C 337 -15.77 1.68 17.41
N GLY C 338 -14.56 1.13 17.39
CA GLY C 338 -13.81 0.89 18.61
C GLY C 338 -12.93 2.04 19.07
N MET D 1 -60.57 -21.03 -54.73
CA MET D 1 -61.45 -20.52 -53.63
C MET D 1 -60.86 -19.33 -52.85
N THR D 2 -59.95 -18.60 -53.49
CA THR D 2 -59.30 -17.43 -52.90
C THR D 2 -60.34 -16.43 -52.41
N ILE D 3 -60.24 -16.00 -51.15
CA ILE D 3 -61.20 -15.06 -50.58
C ILE D 3 -60.77 -13.59 -50.66
N ARG D 4 -61.76 -12.70 -50.73
CA ARG D 4 -61.53 -11.27 -50.82
C ARG D 4 -61.39 -10.62 -49.47
N VAL D 5 -60.24 -9.98 -49.23
CA VAL D 5 -59.95 -9.36 -47.94
C VAL D 5 -59.90 -7.84 -47.97
N ALA D 6 -60.26 -7.23 -46.85
CA ALA D 6 -60.22 -5.78 -46.70
C ALA D 6 -59.66 -5.52 -45.32
N ILE D 7 -58.73 -4.57 -45.23
CA ILE D 7 -58.11 -4.19 -43.98
C ILE D 7 -58.81 -2.93 -43.45
N ASN D 8 -59.26 -2.96 -42.20
CA ASN D 8 -59.92 -1.79 -41.63
C ASN D 8 -58.99 -1.26 -40.53
N GLY D 9 -58.41 -0.09 -40.76
CA GLY D 9 -57.47 0.49 -39.81
C GLY D 9 -56.05 0.16 -40.27
N PHE D 10 -55.47 1.06 -41.07
CA PHE D 10 -54.15 0.84 -41.62
C PHE D 10 -53.05 1.35 -40.69
N GLY D 11 -53.17 0.96 -39.42
CA GLY D 11 -52.19 1.34 -38.41
C GLY D 11 -51.03 0.37 -38.40
N ARG D 12 -50.39 0.26 -37.24
CA ARG D 12 -49.23 -0.63 -37.08
C ARG D 12 -49.51 -2.07 -37.52
N ILE D 13 -50.55 -2.69 -36.96
CA ILE D 13 -50.84 -4.06 -37.34
C ILE D 13 -51.34 -4.18 -38.77
N GLY D 14 -52.17 -3.21 -39.16
CA GLY D 14 -52.69 -3.20 -40.51
C GLY D 14 -51.57 -3.20 -41.54
N ARG D 15 -50.57 -2.34 -41.34
CA ARG D 15 -49.47 -2.28 -42.30
C ARG D 15 -48.53 -3.49 -42.19
N ASN D 16 -48.24 -3.92 -40.96
CA ASN D 16 -47.37 -5.08 -40.79
C ASN D 16 -48.08 -6.23 -41.49
N PHE D 17 -49.38 -6.34 -41.21
CA PHE D 17 -50.17 -7.39 -41.84
C PHE D 17 -50.01 -7.37 -43.36
N LEU D 18 -50.17 -6.19 -43.95
CA LEU D 18 -50.05 -6.07 -45.39
C LEU D 18 -48.69 -6.56 -45.83
N ARG D 19 -47.62 -6.09 -45.16
CA ARG D 19 -46.26 -6.50 -45.52
C ARG D 19 -46.00 -7.96 -45.34
N CYS D 20 -46.52 -8.53 -44.25
CA CYS D 20 -46.30 -9.95 -44.05
C CYS D 20 -46.90 -10.71 -45.19
N TRP D 21 -48.11 -10.30 -45.56
CA TRP D 21 -48.81 -10.95 -46.65
C TRP D 21 -48.00 -10.89 -47.92
N PHE D 22 -47.57 -9.69 -48.31
CA PHE D 22 -46.80 -9.54 -49.53
C PHE D 22 -45.54 -10.39 -49.52
N GLY D 23 -45.02 -10.66 -48.32
CA GLY D 23 -43.86 -11.51 -48.22
C GLY D 23 -44.19 -13.03 -48.30
N ARG D 24 -45.45 -13.41 -48.30
CA ARG D 24 -45.82 -14.81 -48.25
C ARG D 24 -45.57 -15.54 -49.61
N GLN D 25 -44.89 -16.65 -49.40
CA GLN D 25 -44.75 -17.65 -50.48
C GLN D 25 -46.11 -17.86 -51.26
N ASN D 26 -47.23 -18.29 -50.59
CA ASN D 26 -48.46 -18.55 -51.38
C ASN D 26 -49.49 -17.98 -50.51
N THR D 27 -50.67 -17.81 -51.07
CA THR D 27 -51.76 -17.26 -50.27
C THR D 27 -53.12 -17.58 -50.91
N ASP D 28 -54.18 -17.56 -50.11
CA ASP D 28 -55.53 -17.82 -50.59
C ASP D 28 -56.29 -16.56 -50.26
N LEU D 29 -55.56 -15.46 -50.13
CA LEU D 29 -56.20 -14.18 -49.82
C LEU D 29 -55.95 -13.21 -50.95
N GLU D 30 -56.76 -12.16 -50.98
CA GLU D 30 -56.59 -11.13 -51.98
C GLU D 30 -57.03 -9.84 -51.33
N VAL D 31 -56.06 -9.08 -50.84
CA VAL D 31 -56.39 -7.83 -50.20
C VAL D 31 -56.88 -6.94 -51.33
N VAL D 32 -58.09 -6.43 -51.20
CA VAL D 32 -58.60 -5.57 -52.25
C VAL D 32 -59.02 -4.19 -51.81
N ALA D 33 -59.19 -3.98 -50.50
CA ALA D 33 -59.58 -2.67 -49.99
C ALA D 33 -58.88 -2.34 -48.68
N ILE D 34 -58.84 -1.06 -48.32
CA ILE D 34 -58.23 -0.62 -47.08
C ILE D 34 -58.98 0.62 -46.61
N ASN D 35 -59.60 0.55 -45.45
CA ASN D 35 -60.31 1.68 -44.88
C ASN D 35 -59.22 2.31 -44.04
N ASN D 36 -58.98 3.60 -44.24
CA ASN D 36 -57.91 4.31 -43.54
C ASN D 36 -58.33 5.74 -43.16
N THR D 37 -57.98 6.17 -41.95
CA THR D 37 -58.34 7.50 -41.47
C THR D 37 -57.73 8.66 -42.25
N SER D 38 -56.85 8.37 -43.20
CA SER D 38 -56.20 9.41 -44.00
C SER D 38 -56.35 9.14 -45.49
N ASP D 39 -55.76 10.02 -46.30
CA ASP D 39 -55.81 9.87 -47.74
C ASP D 39 -54.95 8.68 -48.20
N ALA D 40 -54.98 8.39 -49.48
CA ALA D 40 -54.18 7.29 -50.00
C ALA D 40 -52.71 7.68 -49.98
N ARG D 41 -52.44 8.98 -50.10
CA ARG D 41 -51.06 9.45 -50.10
C ARG D 41 -50.40 9.03 -48.80
N THR D 42 -51.03 9.37 -47.68
CA THR D 42 -50.47 9.06 -46.38
C THR D 42 -50.31 7.57 -46.16
N ALA D 43 -51.22 6.80 -46.72
CA ALA D 43 -51.19 5.36 -46.56
C ALA D 43 -49.99 4.72 -47.28
N ALA D 44 -49.74 5.15 -48.52
CA ALA D 44 -48.64 4.62 -49.33
C ALA D 44 -47.28 5.06 -48.75
N HIS D 45 -47.29 6.23 -48.14
CA HIS D 45 -46.07 6.76 -47.52
C HIS D 45 -45.67 5.93 -46.29
N LEU D 46 -46.62 5.70 -45.39
CA LEU D 46 -46.33 4.95 -44.18
C LEU D 46 -46.16 3.47 -44.48
N LEU D 47 -46.64 3.05 -45.62
CA LEU D 47 -46.47 1.65 -46.00
C LEU D 47 -45.01 1.45 -46.36
N GLU D 48 -44.44 2.44 -47.07
CA GLU D 48 -43.06 2.35 -47.52
C GLU D 48 -41.97 2.72 -46.51
N TYR D 49 -42.20 3.75 -45.74
CA TYR D 49 -41.19 4.19 -44.77
C TYR D 49 -41.63 3.91 -43.36
N ASP D 50 -40.94 2.98 -42.72
CA ASP D 50 -41.28 2.54 -41.37
C ASP D 50 -40.07 2.62 -40.46
N SER D 51 -40.23 3.31 -39.32
CA SER D 51 -39.16 3.51 -38.33
C SER D 51 -38.60 2.24 -37.71
N VAL D 52 -39.41 1.18 -37.77
CA VAL D 52 -39.06 -0.11 -37.20
C VAL D 52 -38.77 -1.20 -38.26
N LEU D 53 -39.59 -1.25 -39.30
CA LEU D 53 -39.40 -2.23 -40.37
C LEU D 53 -38.37 -1.77 -41.41
N GLY D 54 -38.12 -0.48 -41.46
CA GLY D 54 -37.20 0.01 -42.45
C GLY D 54 -38.03 0.21 -43.72
N ARG D 55 -37.40 0.53 -44.85
CA ARG D 55 -38.15 0.76 -46.07
C ARG D 55 -38.75 -0.51 -46.66
N PHE D 56 -39.98 -0.40 -47.16
CA PHE D 56 -40.63 -1.56 -47.76
C PHE D 56 -40.17 -1.65 -49.20
N ASN D 57 -39.36 -2.67 -49.49
CA ASN D 57 -38.82 -2.89 -50.82
C ASN D 57 -39.85 -3.44 -51.80
N ALA D 58 -40.61 -2.55 -52.44
CA ALA D 58 -41.64 -2.94 -53.41
C ALA D 58 -42.06 -1.74 -54.27
N ASP D 59 -42.71 -2.01 -55.41
CA ASP D 59 -43.19 -0.92 -56.26
C ASP D 59 -44.46 -0.36 -55.62
N ILE D 60 -44.33 0.75 -54.90
CA ILE D 60 -45.48 1.36 -54.22
C ILE D 60 -45.93 2.66 -54.87
N SER D 61 -47.13 2.67 -55.42
CA SER D 61 -47.67 3.87 -56.03
C SER D 61 -49.04 4.17 -55.46
N TYR D 62 -49.53 5.38 -55.69
CA TYR D 62 -50.85 5.72 -55.17
C TYR D 62 -51.57 6.73 -56.05
N ASP D 63 -52.89 6.57 -56.10
CA ASP D 63 -53.76 7.43 -56.87
C ASP D 63 -54.68 8.05 -55.82
N GLU D 64 -55.56 8.97 -56.21
CA GLU D 64 -56.44 9.62 -55.23
C GLU D 64 -57.26 8.70 -54.31
N ASN D 65 -57.63 7.52 -54.78
CA ASN D 65 -58.41 6.62 -53.94
C ASN D 65 -58.04 5.15 -54.07
N SER D 66 -56.76 4.89 -54.31
CA SER D 66 -56.26 3.53 -54.43
C SER D 66 -54.77 3.55 -54.16
N ILE D 67 -54.22 2.37 -53.97
CA ILE D 67 -52.82 2.26 -53.68
C ILE D 67 -52.43 1.01 -54.42
N THR D 68 -51.27 1.01 -55.05
CA THR D 68 -50.85 -0.15 -55.78
C THR D 68 -49.49 -0.59 -55.30
N VAL D 69 -49.36 -1.88 -55.02
CA VAL D 69 -48.11 -2.45 -54.54
C VAL D 69 -47.84 -3.68 -55.39
N ASN D 70 -46.83 -3.58 -56.27
CA ASN D 70 -46.42 -4.68 -57.14
C ASN D 70 -47.55 -5.17 -58.03
N GLY D 71 -48.27 -4.24 -58.65
CA GLY D 71 -49.36 -4.64 -59.52
C GLY D 71 -50.72 -4.80 -58.86
N LYS D 72 -50.74 -5.23 -57.60
CA LYS D 72 -52.01 -5.42 -56.91
C LYS D 72 -52.55 -4.05 -56.49
N THR D 73 -53.70 -3.67 -57.03
CA THR D 73 -54.25 -2.38 -56.62
C THR D 73 -55.30 -2.60 -55.54
N MET D 74 -55.26 -1.77 -54.51
CA MET D 74 -56.20 -1.87 -53.41
C MET D 74 -56.91 -0.54 -53.18
N LYS D 75 -58.22 -0.57 -53.29
CA LYS D 75 -58.99 0.64 -53.12
C LYS D 75 -58.82 1.19 -51.71
N ILE D 76 -58.73 2.51 -51.62
CA ILE D 76 -58.60 3.14 -50.33
C ILE D 76 -59.92 3.80 -50.06
N VAL D 77 -60.42 3.68 -48.85
CA VAL D 77 -61.68 4.33 -48.50
C VAL D 77 -61.42 4.88 -47.11
N CYS D 78 -62.19 5.87 -46.69
CA CYS D 78 -61.99 6.45 -45.38
C CYS D 78 -63.29 6.74 -44.64
N ASP D 79 -63.79 5.72 -43.95
CA ASP D 79 -65.03 5.87 -43.20
C ASP D 79 -64.95 5.40 -41.77
N ARG D 80 -65.21 6.33 -40.85
CA ARG D 80 -65.17 6.04 -39.43
C ARG D 80 -66.28 5.09 -39.00
N ASN D 81 -67.32 4.97 -39.82
CA ASN D 81 -68.46 4.10 -39.50
C ASN D 81 -68.47 2.89 -40.44
N PRO D 82 -68.19 1.70 -39.89
CA PRO D 82 -68.17 0.49 -40.71
C PRO D 82 -69.51 0.27 -41.45
N LEU D 83 -70.59 0.78 -40.85
CA LEU D 83 -71.90 0.62 -41.46
C LEU D 83 -71.98 1.28 -42.84
N ASN D 84 -71.15 2.31 -43.07
CA ASN D 84 -71.14 3.01 -44.37
C ASN D 84 -70.19 2.44 -45.40
N LEU D 85 -69.41 1.43 -45.00
CA LEU D 85 -68.45 0.83 -45.90
C LEU D 85 -69.12 -0.02 -47.00
N PRO D 86 -68.57 0.03 -48.22
CA PRO D 86 -69.08 -0.71 -49.38
C PRO D 86 -68.68 -2.16 -49.45
N TRP D 87 -68.79 -2.90 -48.35
CA TRP D 87 -68.41 -4.31 -48.36
C TRP D 87 -69.31 -5.14 -49.26
N LYS D 88 -70.62 -5.02 -49.06
CA LYS D 88 -71.55 -5.76 -49.90
C LYS D 88 -71.20 -5.49 -51.35
N GLU D 89 -71.11 -4.20 -51.68
CA GLU D 89 -70.79 -3.74 -53.03
C GLU D 89 -69.47 -4.31 -53.55
N TRP D 90 -68.44 -4.33 -52.71
CA TRP D 90 -67.16 -4.83 -53.19
C TRP D 90 -66.93 -6.32 -53.04
N ASP D 91 -67.95 -7.04 -52.65
CA ASP D 91 -67.82 -8.48 -52.51
C ASP D 91 -66.68 -8.84 -51.54
N ILE D 92 -66.69 -8.24 -50.36
CA ILE D 92 -65.68 -8.51 -49.35
C ILE D 92 -66.07 -9.74 -48.51
N ASP D 93 -65.25 -10.78 -48.50
CA ASP D 93 -65.52 -11.96 -47.69
C ASP D 93 -65.09 -11.72 -46.24
N LEU D 94 -63.80 -11.42 -46.05
CA LEU D 94 -63.19 -11.22 -44.73
C LEU D 94 -62.61 -9.82 -44.55
N VAL D 95 -62.68 -9.35 -43.32
CA VAL D 95 -62.14 -8.04 -43.02
C VAL D 95 -61.24 -8.11 -41.79
N ILE D 96 -59.99 -7.72 -41.99
CA ILE D 96 -59.01 -7.66 -40.93
C ILE D 96 -59.38 -6.42 -40.11
N GLU D 97 -59.93 -6.60 -38.92
CA GLU D 97 -60.32 -5.44 -38.12
C GLU D 97 -59.22 -5.00 -37.18
N SER D 98 -58.35 -4.14 -37.69
CA SER D 98 -57.22 -3.62 -36.93
C SER D 98 -57.30 -2.16 -36.54
N THR D 99 -58.46 -1.67 -36.14
CA THR D 99 -58.59 -0.26 -35.73
C THR D 99 -58.45 -0.11 -34.23
N GLY D 100 -58.67 -1.21 -33.52
CA GLY D 100 -58.60 -1.15 -32.07
C GLY D 100 -59.87 -0.60 -31.46
N VAL D 101 -60.84 -0.21 -32.29
CA VAL D 101 -62.09 0.33 -31.77
C VAL D 101 -63.29 -0.64 -31.83
N PHE D 102 -63.33 -1.54 -32.81
CA PHE D 102 -64.45 -2.49 -32.93
C PHE D 102 -64.10 -3.90 -32.49
N VAL D 103 -63.80 -4.06 -31.19
CA VAL D 103 -63.38 -5.33 -30.64
C VAL D 103 -64.48 -6.18 -30.04
N THR D 104 -65.71 -5.66 -30.03
CA THR D 104 -66.82 -6.45 -29.50
C THR D 104 -67.48 -7.11 -30.70
N ALA D 105 -68.18 -8.22 -30.45
CA ALA D 105 -68.85 -8.93 -31.53
C ALA D 105 -69.85 -7.99 -32.21
N GLU D 106 -70.58 -7.23 -31.40
CA GLU D 106 -71.56 -6.31 -31.97
C GLU D 106 -70.84 -5.27 -32.82
N GLY D 107 -69.84 -4.62 -32.22
CA GLY D 107 -69.08 -3.60 -32.94
C GLY D 107 -68.43 -4.11 -34.24
N ALA D 108 -67.81 -5.28 -34.18
CA ALA D 108 -67.17 -5.85 -35.36
C ALA D 108 -68.18 -6.32 -36.40
N SER D 109 -69.41 -6.59 -35.98
CA SER D 109 -70.46 -7.07 -36.89
C SER D 109 -70.91 -5.98 -37.81
N LYS D 110 -70.67 -4.74 -37.42
CA LYS D 110 -71.06 -3.62 -38.28
C LYS D 110 -70.46 -3.86 -39.68
N HIS D 111 -69.40 -4.66 -39.78
CA HIS D 111 -68.77 -4.96 -41.06
C HIS D 111 -69.57 -5.99 -41.82
N ILE D 112 -70.15 -6.94 -41.09
CA ILE D 112 -70.94 -7.97 -41.75
C ILE D 112 -72.24 -7.31 -42.19
N GLN D 113 -72.81 -6.51 -41.31
CA GLN D 113 -74.05 -5.79 -41.61
C GLN D 113 -73.86 -4.92 -42.86
N ALA D 114 -72.62 -4.49 -43.08
CA ALA D 114 -72.29 -3.67 -44.22
C ALA D 114 -72.02 -4.53 -45.44
N GLY D 115 -71.93 -5.83 -45.25
CA GLY D 115 -71.69 -6.66 -46.42
C GLY D 115 -70.63 -7.72 -46.35
N ALA D 116 -69.72 -7.67 -45.39
CA ALA D 116 -68.68 -8.70 -45.30
C ALA D 116 -69.25 -9.98 -44.66
N LYS D 117 -68.63 -11.11 -44.94
CA LYS D 117 -69.11 -12.36 -44.38
C LYS D 117 -68.42 -12.75 -43.06
N LYS D 118 -67.23 -12.22 -42.82
CA LYS D 118 -66.48 -12.56 -41.61
C LYS D 118 -65.42 -11.51 -41.25
N VAL D 119 -65.28 -11.23 -39.97
CA VAL D 119 -64.28 -10.27 -39.58
C VAL D 119 -63.33 -10.82 -38.51
N LEU D 120 -62.05 -10.53 -38.73
CA LEU D 120 -60.96 -10.95 -37.87
C LEU D 120 -60.38 -9.78 -37.09
N ILE D 121 -60.67 -9.76 -35.79
CA ILE D 121 -60.18 -8.73 -34.91
C ILE D 121 -58.75 -9.04 -34.55
N THR D 122 -57.86 -8.09 -34.81
CA THR D 122 -56.44 -8.27 -34.49
C THR D 122 -56.18 -7.78 -33.08
N ALA D 123 -57.04 -8.18 -32.16
CA ALA D 123 -56.87 -7.80 -30.77
C ALA D 123 -57.77 -8.73 -29.99
N PRO D 124 -57.66 -8.70 -28.65
CA PRO D 124 -58.53 -9.61 -27.93
C PRO D 124 -59.99 -9.19 -28.10
N GLY D 125 -60.87 -10.17 -28.32
CA GLY D 125 -62.27 -9.83 -28.45
C GLY D 125 -62.79 -9.40 -27.09
N LYS D 126 -63.49 -8.27 -27.06
CA LYS D 126 -64.06 -7.75 -25.82
C LYS D 126 -65.50 -8.25 -25.69
N ALA D 127 -65.82 -8.89 -24.56
CA ALA D 127 -67.14 -9.49 -24.30
C ALA D 127 -67.30 -10.86 -24.96
N GLU D 128 -68.50 -11.44 -24.82
CA GLU D 128 -68.80 -12.76 -25.37
C GLU D 128 -69.19 -12.69 -26.83
N GLY D 129 -69.12 -13.83 -27.52
CA GLY D 129 -69.48 -13.85 -28.92
C GLY D 129 -68.36 -13.80 -29.93
N VAL D 130 -67.10 -13.84 -29.48
CA VAL D 130 -65.97 -13.81 -30.39
C VAL D 130 -65.21 -15.12 -30.31
N GLY D 131 -64.84 -15.67 -31.48
CA GLY D 131 -64.09 -16.91 -31.51
C GLY D 131 -62.62 -16.57 -31.40
N THR D 132 -61.95 -17.11 -30.40
CA THR D 132 -60.54 -16.83 -30.24
C THR D 132 -59.66 -17.99 -30.61
N TYR D 133 -58.69 -17.76 -31.49
CA TYR D 133 -57.79 -18.82 -31.90
C TYR D 133 -56.34 -18.33 -31.90
N VAL D 134 -55.44 -19.23 -31.51
CA VAL D 134 -54.03 -18.96 -31.47
C VAL D 134 -53.39 -20.05 -32.29
N ILE D 135 -52.85 -19.68 -33.44
CA ILE D 135 -52.20 -20.67 -34.29
C ILE D 135 -51.21 -21.49 -33.47
N GLY D 136 -51.16 -22.80 -33.71
CA GLY D 136 -50.27 -23.66 -32.96
C GLY D 136 -50.90 -24.16 -31.66
N VAL D 137 -52.01 -23.56 -31.25
CA VAL D 137 -52.64 -24.00 -30.01
C VAL D 137 -53.99 -24.65 -30.18
N ASN D 138 -54.96 -23.93 -30.74
CA ASN D 138 -56.29 -24.49 -30.92
C ASN D 138 -56.78 -24.28 -32.33
N ASP D 139 -55.88 -23.96 -33.23
CA ASP D 139 -56.29 -23.73 -34.60
C ASP D 139 -56.92 -24.98 -35.23
N SER D 140 -56.65 -26.15 -34.66
CA SER D 140 -57.24 -27.38 -35.21
C SER D 140 -58.75 -27.46 -34.92
N GLU D 141 -59.24 -26.60 -34.02
CA GLU D 141 -60.65 -26.55 -33.64
C GLU D 141 -61.40 -25.48 -34.41
N TYR D 142 -60.78 -24.98 -35.47
CA TYR D 142 -61.40 -23.92 -36.25
C TYR D 142 -62.40 -24.45 -37.24
N ARG D 143 -63.65 -24.02 -37.10
CA ARG D 143 -64.71 -24.42 -38.03
C ARG D 143 -65.31 -23.12 -38.58
N HIS D 144 -65.39 -23.04 -39.91
CA HIS D 144 -65.93 -21.84 -40.52
C HIS D 144 -67.22 -21.26 -39.91
N GLU D 145 -68.23 -22.09 -39.73
CA GLU D 145 -69.52 -21.62 -39.20
C GLU D 145 -69.59 -21.19 -37.77
N ASP D 146 -68.64 -21.63 -36.94
CA ASP D 146 -68.68 -21.29 -35.52
C ASP D 146 -68.89 -19.82 -35.17
N PHE D 147 -68.06 -18.94 -35.74
CA PHE D 147 -68.16 -17.53 -35.44
C PHE D 147 -68.02 -16.68 -36.67
N ALA D 148 -68.79 -15.57 -36.71
CA ALA D 148 -68.71 -14.63 -37.83
C ALA D 148 -67.63 -13.60 -37.49
N VAL D 149 -67.37 -13.45 -36.19
CA VAL D 149 -66.38 -12.55 -35.66
C VAL D 149 -65.32 -13.35 -34.89
N ILE D 150 -64.09 -13.38 -35.42
CA ILE D 150 -63.00 -14.09 -34.76
C ILE D 150 -61.91 -13.13 -34.28
N SER D 151 -61.13 -13.61 -33.32
CA SER D 151 -60.04 -12.85 -32.73
C SER D 151 -58.73 -13.67 -32.80
N ASN D 152 -57.60 -12.97 -32.83
CA ASN D 152 -56.33 -13.66 -32.87
C ASN D 152 -55.65 -13.44 -31.52
N ALA D 153 -56.44 -12.97 -30.55
CA ALA D 153 -55.94 -12.72 -29.20
C ALA D 153 -54.89 -11.62 -29.28
N SER D 154 -54.24 -11.30 -28.16
CA SER D 154 -53.20 -10.25 -28.17
C SER D 154 -51.86 -10.83 -28.51
N CYS D 155 -50.90 -9.93 -28.70
CA CYS D 155 -49.53 -10.31 -29.00
C CYS D 155 -48.93 -11.10 -27.83
N THR D 156 -49.20 -10.65 -26.61
CA THR D 156 -48.70 -11.36 -25.46
C THR D 156 -49.27 -12.81 -25.36
N THR D 157 -50.58 -12.94 -25.47
CA THR D 157 -51.21 -14.25 -25.42
C THR D 157 -50.65 -15.17 -26.49
N ASN D 158 -50.28 -14.63 -27.64
CA ASN D 158 -49.71 -15.49 -28.69
C ASN D 158 -48.31 -16.01 -28.38
N CYS D 159 -47.63 -15.33 -27.46
CA CYS D 159 -46.29 -15.71 -27.07
C CYS D 159 -46.39 -16.68 -25.93
N LEU D 160 -47.30 -16.33 -25.03
CA LEU D 160 -47.58 -17.08 -23.82
C LEU D 160 -48.18 -18.45 -24.06
N ALA D 161 -49.32 -18.47 -24.73
CA ALA D 161 -50.03 -19.70 -24.97
C ALA D 161 -49.23 -20.88 -25.49
N PRO D 162 -48.45 -20.70 -26.58
CA PRO D 162 -47.68 -21.86 -27.07
C PRO D 162 -46.74 -22.44 -26.02
N VAL D 163 -46.06 -21.57 -25.27
CA VAL D 163 -45.14 -22.01 -24.22
C VAL D 163 -45.91 -22.68 -23.10
N ALA D 164 -47.03 -22.07 -22.71
CA ALA D 164 -47.86 -22.63 -21.65
C ALA D 164 -48.40 -24.01 -22.05
N LYS D 165 -48.74 -24.16 -23.34
CA LYS D 165 -49.23 -25.43 -23.80
C LYS D 165 -48.19 -26.51 -23.67
N VAL D 166 -46.95 -26.25 -24.08
CA VAL D 166 -45.91 -27.27 -24.01
C VAL D 166 -45.56 -27.61 -22.57
N LEU D 167 -45.50 -26.61 -21.71
CA LEU D 167 -45.19 -26.85 -20.30
C LEU D 167 -46.33 -27.67 -19.68
N HIS D 168 -47.57 -27.29 -19.92
CA HIS D 168 -48.69 -28.02 -19.35
C HIS D 168 -48.76 -29.47 -19.87
N ASP D 169 -48.60 -29.66 -21.16
CA ASP D 169 -48.65 -31.00 -21.71
C ASP D 169 -47.61 -31.92 -21.11
N ASN D 170 -46.44 -31.38 -20.81
CA ASN D 170 -45.35 -32.17 -20.28
C ASN D 170 -45.23 -32.29 -18.77
N PHE D 171 -45.61 -31.25 -18.03
CA PHE D 171 -45.45 -31.26 -16.58
C PHE D 171 -46.72 -30.93 -15.84
N GLY D 172 -47.71 -30.42 -16.56
CA GLY D 172 -48.95 -30.04 -15.92
C GLY D 172 -48.84 -28.78 -15.08
N ILE D 173 -49.47 -27.70 -15.53
CA ILE D 173 -49.46 -26.43 -14.81
C ILE D 173 -50.53 -26.47 -13.70
N ILE D 174 -50.15 -26.14 -12.47
CA ILE D 174 -51.11 -26.10 -11.35
C ILE D 174 -51.63 -24.67 -11.22
N LYS D 175 -50.68 -23.74 -11.29
CA LYS D 175 -50.92 -22.30 -11.23
C LYS D 175 -49.62 -21.61 -11.65
N GLY D 176 -49.72 -20.33 -11.95
CA GLY D 176 -48.56 -19.61 -12.39
C GLY D 176 -48.88 -18.15 -12.59
N THR D 177 -47.84 -17.34 -12.69
CA THR D 177 -47.99 -15.93 -12.89
C THR D 177 -47.04 -15.49 -13.99
N MET D 178 -47.29 -14.32 -14.57
CA MET D 178 -46.41 -13.84 -15.62
C MET D 178 -46.37 -12.33 -15.71
N THR D 179 -45.27 -11.80 -16.24
CA THR D 179 -45.07 -10.37 -16.41
C THR D 179 -44.52 -10.16 -17.79
N THR D 180 -45.07 -9.19 -18.49
CA THR D 180 -44.59 -8.93 -19.83
C THR D 180 -43.94 -7.56 -19.82
N THR D 181 -42.64 -7.54 -20.15
CA THR D 181 -41.87 -6.29 -20.24
C THR D 181 -42.05 -5.97 -21.72
N HIS D 182 -42.97 -5.04 -21.97
CA HIS D 182 -43.47 -4.68 -23.30
C HIS D 182 -43.06 -3.31 -23.83
N SER D 183 -42.88 -3.25 -25.16
CA SER D 183 -42.53 -2.03 -25.85
C SER D 183 -43.77 -1.15 -25.79
N TYR D 184 -43.61 0.15 -25.97
CA TYR D 184 -44.78 1.01 -25.95
C TYR D 184 -45.55 0.86 -27.27
N THR D 185 -46.79 1.36 -27.29
CA THR D 185 -47.68 1.28 -28.46
C THR D 185 -48.51 2.55 -28.56
N LEU D 186 -49.16 2.76 -29.69
CA LEU D 186 -49.96 3.96 -29.84
C LEU D 186 -51.05 4.20 -28.77
N ASP D 187 -51.27 3.23 -27.88
CA ASP D 187 -52.26 3.40 -26.83
C ASP D 187 -51.67 4.14 -25.62
N GLN D 188 -50.35 4.29 -25.63
CA GLN D 188 -49.69 5.04 -24.55
C GLN D 188 -49.52 6.50 -25.00
N ARG D 189 -49.15 7.37 -24.07
CA ARG D 189 -48.95 8.78 -24.37
C ARG D 189 -47.48 9.15 -24.50
N ILE D 190 -47.15 9.97 -25.50
CA ILE D 190 -45.75 10.35 -25.68
C ILE D 190 -45.24 11.25 -24.54
N LEU D 191 -46.16 11.96 -23.89
CA LEU D 191 -45.83 12.79 -22.73
C LEU D 191 -47.07 12.69 -21.87
N ASP D 192 -46.95 13.04 -20.59
CA ASP D 192 -48.08 12.98 -19.66
C ASP D 192 -49.35 13.62 -20.22
N ALA D 193 -50.38 12.80 -20.46
CA ALA D 193 -51.67 13.28 -20.98
C ALA D 193 -52.76 12.34 -20.46
N SER D 194 -53.97 12.85 -20.29
CA SER D 194 -55.04 12.02 -19.78
C SER D 194 -55.21 10.74 -20.57
N HIS D 195 -55.60 9.69 -19.85
CA HIS D 195 -55.80 8.34 -20.39
C HIS D 195 -56.72 7.60 -19.39
N ARG D 196 -57.55 6.67 -19.89
CA ARG D 196 -58.45 5.92 -19.01
C ARG D 196 -57.61 5.29 -17.88
N ASP D 197 -56.46 4.75 -18.25
CA ASP D 197 -55.52 4.11 -17.31
C ASP D 197 -54.50 5.19 -16.89
N LEU D 198 -54.51 5.60 -15.63
CA LEU D 198 -53.61 6.65 -15.16
C LEU D 198 -52.12 6.37 -15.30
N ARG D 199 -51.75 5.14 -15.58
CA ARG D 199 -50.35 4.78 -15.73
C ARG D 199 -49.94 4.97 -17.18
N ARG D 200 -50.76 4.44 -18.11
CA ARG D 200 -50.50 4.60 -19.54
C ARG D 200 -50.57 6.09 -19.96
N ALA D 201 -51.04 6.94 -19.05
CA ALA D 201 -51.16 8.37 -19.29
C ALA D 201 -49.78 9.02 -19.23
N ARG D 202 -48.83 8.29 -18.67
CA ARG D 202 -47.50 8.81 -18.48
C ARG D 202 -46.50 8.65 -19.62
N ALA D 203 -45.69 9.70 -19.83
CA ALA D 203 -44.68 9.71 -20.89
C ALA D 203 -44.08 8.31 -21.08
N ALA D 204 -44.35 7.72 -22.22
CA ALA D 204 -43.90 6.36 -22.51
C ALA D 204 -42.39 6.11 -22.74
N ALA D 205 -41.67 7.04 -23.37
CA ALA D 205 -40.25 6.82 -23.64
C ALA D 205 -39.31 7.17 -22.49
N VAL D 206 -39.85 7.65 -21.37
CA VAL D 206 -39.01 8.01 -20.23
C VAL D 206 -39.57 7.43 -18.93
N ASN D 207 -40.16 6.26 -19.02
CA ASN D 207 -40.76 5.62 -17.85
C ASN D 207 -40.94 4.12 -17.99
N ILE D 208 -40.99 3.45 -16.85
CA ILE D 208 -41.33 2.03 -16.84
C ILE D 208 -42.75 2.16 -16.32
N VAL D 209 -43.73 1.71 -17.11
CA VAL D 209 -45.08 1.86 -16.63
C VAL D 209 -45.87 0.58 -16.55
N PRO D 210 -46.34 0.28 -15.33
CA PRO D 210 -47.14 -0.90 -14.99
C PRO D 210 -48.51 -0.72 -15.59
N THR D 211 -49.01 -1.76 -16.25
CA THR D 211 -50.33 -1.73 -16.85
C THR D 211 -50.89 -3.15 -16.83
N THR D 212 -52.22 -3.26 -16.68
CA THR D 212 -52.84 -4.56 -16.65
C THR D 212 -52.79 -5.23 -18.01
N THR D 213 -52.96 -6.55 -17.98
CA THR D 213 -52.97 -7.34 -19.19
C THR D 213 -53.97 -8.49 -18.95
N GLY D 214 -54.72 -8.87 -19.98
CA GLY D 214 -55.64 -9.98 -19.80
C GLY D 214 -55.01 -11.21 -20.47
N ALA D 215 -53.83 -11.00 -21.03
CA ALA D 215 -53.14 -12.06 -21.76
C ALA D 215 -53.11 -13.38 -20.99
N ALA D 216 -52.83 -13.29 -19.69
CA ALA D 216 -52.75 -14.44 -18.81
C ALA D 216 -54.06 -15.21 -18.79
N LYS D 217 -55.14 -14.54 -18.40
CA LYS D 217 -56.44 -15.17 -18.35
C LYS D 217 -56.92 -15.62 -19.75
N ALA D 218 -56.62 -14.82 -20.75
CA ALA D 218 -57.03 -15.12 -22.11
C ALA D 218 -56.52 -16.45 -22.58
N VAL D 219 -55.43 -16.92 -21.98
CA VAL D 219 -54.87 -18.21 -22.40
C VAL D 219 -55.95 -19.29 -22.27
N ALA D 220 -56.78 -19.18 -21.23
CA ALA D 220 -57.86 -20.14 -21.01
C ALA D 220 -58.69 -20.37 -22.25
N LEU D 221 -58.94 -19.30 -23.00
CA LEU D 221 -59.73 -19.35 -24.21
C LEU D 221 -59.18 -20.33 -25.23
N VAL D 222 -57.89 -20.62 -25.19
CA VAL D 222 -57.35 -21.53 -26.19
C VAL D 222 -56.78 -22.80 -25.60
N ILE D 223 -56.69 -22.82 -24.28
CA ILE D 223 -56.24 -23.99 -23.51
C ILE D 223 -57.22 -23.91 -22.33
N PRO D 224 -58.43 -24.45 -22.53
CA PRO D 224 -59.47 -24.44 -21.50
C PRO D 224 -59.02 -24.99 -20.17
N GLU D 225 -58.10 -25.95 -20.21
CA GLU D 225 -57.53 -26.59 -19.01
C GLU D 225 -56.78 -25.62 -18.09
N LEU D 226 -56.25 -24.54 -18.63
CA LEU D 226 -55.52 -23.58 -17.82
C LEU D 226 -56.41 -22.52 -17.27
N LYS D 227 -57.70 -22.62 -17.53
CA LYS D 227 -58.62 -21.63 -17.02
C LYS D 227 -58.42 -21.37 -15.54
N GLY D 228 -58.38 -20.11 -15.16
CA GLY D 228 -58.21 -19.71 -13.75
C GLY D 228 -56.82 -19.92 -13.21
N LYS D 229 -55.97 -20.58 -14.00
CA LYS D 229 -54.62 -20.90 -13.58
C LYS D 229 -53.49 -19.91 -13.87
N LEU D 230 -53.73 -18.85 -14.65
CA LEU D 230 -52.67 -17.91 -14.94
C LEU D 230 -53.05 -16.46 -14.71
N ASN D 231 -52.17 -15.71 -14.06
CA ASN D 231 -52.40 -14.31 -13.81
C ASN D 231 -51.18 -13.54 -14.23
N GLY D 232 -51.31 -12.22 -14.37
CA GLY D 232 -50.15 -11.45 -14.76
C GLY D 232 -50.29 -9.95 -14.88
N ILE D 233 -49.17 -9.31 -15.16
CA ILE D 233 -49.14 -7.87 -15.33
C ILE D 233 -48.19 -7.52 -16.44
N ALA D 234 -48.21 -6.27 -16.84
CA ALA D 234 -47.34 -5.82 -17.89
C ALA D 234 -46.53 -4.63 -17.38
N LEU D 235 -45.36 -4.43 -17.98
CA LEU D 235 -44.51 -3.31 -17.62
C LEU D 235 -44.08 -2.75 -18.94
N ARG D 236 -44.62 -1.60 -19.30
CA ARG D 236 -44.28 -0.97 -20.57
C ARG D 236 -42.95 -0.25 -20.38
N VAL D 237 -42.06 -0.42 -21.36
CA VAL D 237 -40.75 0.18 -21.27
C VAL D 237 -40.36 0.95 -22.52
N PRO D 238 -39.38 1.85 -22.39
CA PRO D 238 -38.96 2.63 -23.55
C PRO D 238 -38.28 1.98 -24.75
N THR D 239 -38.98 1.12 -25.47
CA THR D 239 -38.44 0.56 -26.70
C THR D 239 -39.64 0.63 -27.62
N PRO D 240 -39.41 0.82 -28.93
CA PRO D 240 -40.49 0.93 -29.91
C PRO D 240 -41.13 -0.36 -30.44
N ASN D 241 -40.47 -1.49 -30.21
CA ASN D 241 -40.97 -2.79 -30.66
C ASN D 241 -40.10 -3.92 -30.10
N VAL D 242 -40.74 -5.07 -29.91
CA VAL D 242 -40.18 -6.31 -29.38
C VAL D 242 -40.39 -6.38 -27.88
N SER D 243 -41.01 -7.48 -27.46
CA SER D 243 -41.33 -7.67 -26.05
C SER D 243 -40.86 -9.01 -25.51
N VAL D 244 -41.08 -9.22 -24.22
CA VAL D 244 -40.66 -10.46 -23.59
C VAL D 244 -41.51 -10.86 -22.41
N VAL D 245 -41.92 -12.13 -22.39
CA VAL D 245 -42.73 -12.64 -21.29
C VAL D 245 -41.89 -13.44 -20.29
N ASP D 246 -42.19 -13.21 -19.02
CA ASP D 246 -41.54 -13.84 -17.91
C ASP D 246 -42.60 -14.73 -17.25
N LEU D 247 -42.58 -16.01 -17.57
CA LEU D 247 -43.55 -16.93 -17.02
C LEU D 247 -43.01 -17.77 -15.87
N VAL D 248 -43.67 -17.69 -14.72
CA VAL D 248 -43.31 -18.50 -13.56
C VAL D 248 -44.47 -19.43 -13.22
N VAL D 249 -44.23 -20.74 -13.28
CA VAL D 249 -45.28 -21.71 -12.99
C VAL D 249 -44.89 -22.86 -12.09
N GLN D 250 -45.81 -23.20 -11.19
CA GLN D 250 -45.62 -24.35 -10.33
C GLN D 250 -46.19 -25.49 -11.20
N VAL D 251 -45.44 -26.55 -11.38
CA VAL D 251 -45.93 -27.65 -12.17
C VAL D 251 -46.20 -28.86 -11.33
N GLU D 252 -46.84 -29.84 -11.93
CA GLU D 252 -47.16 -31.06 -11.23
C GLU D 252 -45.98 -32.03 -11.13
N LYS D 253 -45.47 -32.44 -12.29
CA LYS D 253 -44.35 -33.37 -12.38
C LYS D 253 -43.01 -32.65 -12.15
N PRO D 254 -42.27 -33.04 -11.11
CA PRO D 254 -40.97 -32.39 -10.84
C PRO D 254 -39.99 -32.60 -12.01
N THR D 255 -39.19 -31.59 -12.28
CA THR D 255 -38.27 -31.59 -13.40
C THR D 255 -37.02 -30.76 -13.08
N ILE D 256 -36.23 -30.51 -14.12
CA ILE D 256 -35.01 -29.74 -13.99
C ILE D 256 -34.83 -28.84 -15.20
N THR D 257 -34.11 -27.76 -15.01
CA THR D 257 -33.86 -26.81 -16.08
C THR D 257 -33.59 -27.40 -17.48
N GLU D 258 -32.65 -28.32 -17.53
CA GLU D 258 -32.31 -28.91 -18.80
C GLU D 258 -33.49 -29.66 -19.46
N GLN D 259 -34.35 -30.21 -18.63
CA GLN D 259 -35.49 -30.95 -19.13
C GLN D 259 -36.52 -30.04 -19.79
N VAL D 260 -36.92 -28.98 -19.10
CA VAL D 260 -37.91 -28.10 -19.71
C VAL D 260 -37.36 -27.51 -21.01
N ASN D 261 -36.06 -27.20 -21.06
CA ASN D 261 -35.48 -26.63 -22.27
C ASN D 261 -35.52 -27.59 -23.41
N GLU D 262 -35.50 -28.85 -23.03
CA GLU D 262 -35.51 -29.87 -24.02
C GLU D 262 -36.89 -30.09 -24.64
N VAL D 263 -37.95 -30.02 -23.85
CA VAL D 263 -39.28 -30.20 -24.45
C VAL D 263 -39.58 -28.94 -25.28
N LEU D 264 -39.13 -27.79 -24.78
CA LEU D 264 -39.36 -26.53 -25.48
C LEU D 264 -38.61 -26.56 -26.80
N GLN D 265 -37.44 -27.20 -26.78
CA GLN D 265 -36.66 -27.30 -28.00
C GLN D 265 -37.27 -28.33 -28.94
N LYS D 266 -37.66 -29.48 -28.40
CA LYS D 266 -38.28 -30.52 -29.21
C LYS D 266 -39.44 -29.88 -29.96
N ALA D 267 -40.32 -29.20 -29.21
CA ALA D 267 -41.49 -28.54 -29.77
C ALA D 267 -41.17 -27.58 -30.89
N SER D 268 -40.19 -26.70 -30.69
CA SER D 268 -39.81 -25.73 -31.72
C SER D 268 -39.40 -26.42 -33.03
N GLN D 269 -38.98 -27.67 -32.91
CA GLN D 269 -38.53 -28.43 -34.07
C GLN D 269 -39.62 -29.31 -34.65
N THR D 270 -40.67 -29.57 -33.88
CA THR D 270 -41.73 -30.43 -34.39
C THR D 270 -43.11 -29.85 -34.25
N THR D 271 -43.79 -30.20 -33.16
CA THR D 271 -45.16 -29.74 -32.91
C THR D 271 -45.38 -28.25 -32.91
N MET D 272 -44.39 -27.48 -32.52
CA MET D 272 -44.54 -26.03 -32.50
C MET D 272 -43.66 -25.34 -33.52
N LYS D 273 -43.19 -26.09 -34.50
CA LYS D 273 -42.31 -25.52 -35.51
C LYS D 273 -42.97 -24.34 -36.18
N GLY D 274 -42.27 -23.20 -36.18
CA GLY D 274 -42.81 -21.99 -36.82
C GLY D 274 -43.57 -21.13 -35.85
N ILE D 275 -43.80 -21.66 -34.66
CA ILE D 275 -44.52 -20.94 -33.62
C ILE D 275 -43.59 -20.64 -32.45
N ILE D 276 -42.81 -21.63 -32.04
CA ILE D 276 -41.88 -21.41 -30.95
C ILE D 276 -40.49 -21.50 -31.54
N LYS D 277 -39.65 -20.53 -31.23
CA LYS D 277 -38.29 -20.54 -31.72
C LYS D 277 -37.48 -20.83 -30.47
N TYR D 278 -36.47 -21.67 -30.62
CA TYR D 278 -35.61 -22.00 -29.50
C TYR D 278 -34.30 -21.21 -29.63
N SER D 279 -34.09 -20.21 -28.77
CA SER D 279 -32.86 -19.41 -28.85
C SER D 279 -31.88 -19.63 -27.70
N ASP D 280 -30.73 -20.19 -28.03
CA ASP D 280 -29.71 -20.46 -27.05
C ASP D 280 -28.51 -19.54 -27.24
N LEU D 281 -28.73 -18.37 -27.81
CA LEU D 281 -27.63 -17.44 -28.02
C LEU D 281 -27.85 -16.26 -27.07
N PRO D 282 -26.76 -15.61 -26.63
CA PRO D 282 -26.90 -14.47 -25.71
C PRO D 282 -27.33 -13.23 -26.52
N LEU D 283 -28.62 -13.15 -26.81
CA LEU D 283 -29.14 -12.04 -27.58
C LEU D 283 -29.92 -10.99 -26.79
N VAL D 284 -30.31 -9.91 -27.47
CA VAL D 284 -31.05 -8.85 -26.84
C VAL D 284 -32.24 -8.46 -27.74
N SER D 285 -33.17 -7.67 -27.19
CA SER D 285 -34.38 -7.29 -27.90
C SER D 285 -34.25 -6.90 -29.36
N SER D 286 -33.28 -6.07 -29.71
CA SER D 286 -33.16 -5.68 -31.12
C SER D 286 -32.92 -6.85 -32.06
N ASP D 287 -32.27 -7.91 -31.56
CA ASP D 287 -31.98 -9.06 -32.43
C ASP D 287 -33.20 -9.86 -32.86
N PHE D 288 -34.36 -9.55 -32.29
CA PHE D 288 -35.54 -10.29 -32.69
C PHE D 288 -36.54 -9.54 -33.58
N ARG D 289 -36.15 -8.35 -34.04
CA ARG D 289 -37.02 -7.58 -34.92
C ARG D 289 -37.22 -8.46 -36.15
N GLY D 290 -38.46 -8.57 -36.62
CA GLY D 290 -38.73 -9.35 -37.82
C GLY D 290 -38.76 -10.86 -37.66
N THR D 291 -38.61 -11.36 -36.43
CA THR D 291 -38.65 -12.80 -36.21
C THR D 291 -40.09 -13.28 -36.47
N ASP D 292 -40.26 -14.35 -37.23
CA ASP D 292 -41.61 -14.83 -37.54
C ASP D 292 -42.37 -15.56 -36.44
N GLU D 293 -41.68 -16.32 -35.60
CA GLU D 293 -42.37 -17.08 -34.54
C GLU D 293 -43.15 -16.23 -33.51
N SER D 294 -44.10 -16.85 -32.85
CA SER D 294 -44.95 -16.19 -31.85
C SER D 294 -44.22 -16.02 -30.53
N SER D 295 -43.30 -16.93 -30.24
CA SER D 295 -42.52 -16.89 -29.01
C SER D 295 -41.14 -17.50 -29.19
N ILE D 296 -40.15 -16.78 -28.68
CA ILE D 296 -38.76 -17.15 -28.80
C ILE D 296 -38.22 -17.43 -27.41
N VAL D 297 -38.14 -18.71 -27.09
CA VAL D 297 -37.68 -19.15 -25.80
C VAL D 297 -36.21 -18.81 -25.59
N ASP D 298 -35.90 -18.02 -24.57
CA ASP D 298 -34.49 -17.72 -24.32
C ASP D 298 -33.94 -18.82 -23.41
N SER D 299 -33.33 -19.81 -24.04
CA SER D 299 -32.74 -21.00 -23.39
C SER D 299 -31.93 -20.77 -22.12
N SER D 300 -30.90 -19.92 -22.19
CA SER D 300 -30.04 -19.62 -21.04
C SER D 300 -30.78 -19.17 -19.81
N LEU D 301 -31.88 -18.46 -20.00
CA LEU D 301 -32.62 -17.91 -18.89
C LEU D 301 -33.57 -18.83 -18.18
N THR D 302 -33.80 -20.02 -18.74
CA THR D 302 -34.71 -20.97 -18.10
C THR D 302 -34.22 -21.33 -16.72
N LEU D 303 -35.13 -21.39 -15.75
CA LEU D 303 -34.74 -21.70 -14.40
C LEU D 303 -35.75 -22.55 -13.60
N VAL D 304 -35.34 -23.72 -13.15
CA VAL D 304 -36.25 -24.55 -12.35
C VAL D 304 -35.80 -24.57 -10.88
N MET D 305 -36.69 -24.14 -9.99
CA MET D 305 -36.42 -24.08 -8.56
C MET D 305 -37.09 -25.22 -7.77
N ASP D 306 -36.29 -26.01 -7.06
CA ASP D 306 -36.80 -27.10 -6.21
C ASP D 306 -37.72 -28.05 -6.97
N GLY D 307 -37.32 -28.39 -8.19
CA GLY D 307 -38.06 -29.33 -9.02
C GLY D 307 -39.38 -28.99 -9.68
N ASP D 308 -40.23 -28.17 -9.03
CA ASP D 308 -41.53 -27.84 -9.62
C ASP D 308 -41.87 -26.34 -9.82
N LEU D 309 -40.90 -25.44 -9.70
CA LEU D 309 -41.19 -24.00 -9.89
C LEU D 309 -40.38 -23.53 -11.09
N VAL D 310 -41.03 -23.52 -12.26
CA VAL D 310 -40.34 -23.18 -13.49
C VAL D 310 -40.57 -21.77 -14.03
N LYS D 311 -39.48 -21.20 -14.53
CA LYS D 311 -39.43 -19.87 -15.08
C LYS D 311 -38.94 -19.99 -16.52
N VAL D 312 -39.69 -19.40 -17.44
CA VAL D 312 -39.30 -19.43 -18.83
C VAL D 312 -39.39 -17.99 -19.34
N ILE D 313 -38.42 -17.59 -20.15
CA ILE D 313 -38.41 -16.26 -20.70
C ILE D 313 -38.58 -16.44 -22.18
N ALA D 314 -39.42 -15.62 -22.80
CA ALA D 314 -39.64 -15.75 -24.24
C ALA D 314 -39.93 -14.45 -24.95
N TRP D 315 -39.09 -14.14 -25.93
CA TRP D 315 -39.23 -12.92 -26.72
C TRP D 315 -40.22 -13.06 -27.86
N TYR D 316 -40.72 -11.91 -28.31
CA TYR D 316 -41.62 -11.86 -29.45
C TYR D 316 -41.65 -10.47 -30.05
N ASP D 317 -41.72 -10.43 -31.38
CA ASP D 317 -41.84 -9.17 -32.07
C ASP D 317 -43.34 -8.90 -32.00
N ASN D 318 -43.77 -8.08 -31.05
CA ASN D 318 -45.19 -7.82 -30.89
C ASN D 318 -45.94 -7.29 -32.08
N GLU D 319 -45.23 -6.75 -33.07
CA GLU D 319 -45.90 -6.23 -34.26
C GLU D 319 -45.82 -7.19 -35.44
N TRP D 320 -44.61 -7.61 -35.76
CA TRP D 320 -44.40 -8.46 -36.91
C TRP D 320 -44.76 -9.91 -36.70
N GLY D 321 -44.32 -10.47 -35.58
CA GLY D 321 -44.60 -11.86 -35.28
C GLY D 321 -46.10 -12.08 -35.21
N TYR D 322 -46.78 -11.19 -34.48
CA TYR D 322 -48.22 -11.24 -34.30
C TYR D 322 -48.93 -11.17 -35.66
N SER D 323 -48.53 -10.20 -36.45
CA SER D 323 -49.11 -10.00 -37.76
C SER D 323 -48.92 -11.21 -38.67
N GLN D 324 -47.87 -11.98 -38.45
CA GLN D 324 -47.68 -13.19 -39.29
C GLN D 324 -48.76 -14.15 -38.82
N ARG D 325 -49.08 -14.09 -37.53
CA ARG D 325 -50.11 -14.98 -37.00
C ARG D 325 -51.48 -14.58 -37.54
N VAL D 326 -51.79 -13.29 -37.65
CA VAL D 326 -53.13 -12.95 -38.18
C VAL D 326 -53.20 -13.36 -39.64
N VAL D 327 -52.13 -13.15 -40.38
CA VAL D 327 -52.09 -13.61 -41.76
C VAL D 327 -52.35 -15.12 -41.78
N ASP D 328 -51.77 -15.86 -40.82
CA ASP D 328 -51.93 -17.32 -40.73
C ASP D 328 -53.38 -17.74 -40.46
N LEU D 329 -54.03 -17.01 -39.53
CA LEU D 329 -55.41 -17.25 -39.18
C LEU D 329 -56.29 -16.91 -40.38
N ALA D 330 -56.06 -15.74 -40.97
CA ALA D 330 -56.84 -15.33 -42.13
C ALA D 330 -56.68 -16.36 -43.23
N GLU D 331 -55.48 -16.86 -43.37
CA GLU D 331 -55.13 -17.83 -44.36
C GLU D 331 -55.93 -19.11 -44.05
N LEU D 332 -56.04 -19.43 -42.76
CA LEU D 332 -56.77 -20.62 -42.31
C LEU D 332 -58.26 -20.50 -42.64
N ALA D 333 -58.82 -19.32 -42.34
CA ALA D 333 -60.22 -19.11 -42.61
C ALA D 333 -60.49 -19.31 -44.10
N ALA D 334 -59.53 -18.89 -44.92
CA ALA D 334 -59.68 -19.01 -46.37
C ALA D 334 -59.65 -20.47 -46.78
N ARG D 335 -58.77 -21.25 -46.17
CA ARG D 335 -58.67 -22.65 -46.51
C ARG D 335 -59.89 -23.41 -46.03
N LYS D 336 -60.57 -22.85 -45.03
CA LYS D 336 -61.77 -23.49 -44.51
C LYS D 336 -63.06 -22.73 -44.83
N SER D 337 -63.01 -21.78 -45.76
CA SER D 337 -64.22 -21.04 -46.08
C SER D 337 -65.22 -22.00 -46.76
N GLY D 338 -66.49 -21.64 -46.68
CA GLY D 338 -67.54 -22.43 -47.30
C GLY D 338 -67.90 -21.91 -48.68
N MET E 1 -58.48 44.86 -7.94
CA MET E 1 -58.89 44.55 -9.34
C MET E 1 -58.45 43.17 -9.88
N THR E 2 -58.26 42.21 -8.97
CA THR E 2 -57.87 40.84 -9.30
C THR E 2 -58.89 40.24 -10.28
N ILE E 3 -58.43 39.60 -11.37
CA ILE E 3 -59.36 39.02 -12.35
C ILE E 3 -59.61 37.50 -12.21
N ARG E 4 -60.76 37.05 -12.66
CA ARG E 4 -61.11 35.64 -12.57
C ARG E 4 -60.69 34.86 -13.80
N VAL E 5 -59.80 33.88 -13.59
CA VAL E 5 -59.26 33.09 -14.68
C VAL E 5 -59.75 31.65 -14.77
N ALA E 6 -59.84 31.18 -16.00
CA ALA E 6 -60.26 29.81 -16.28
C ALA E 6 -59.28 29.18 -17.29
N ILE E 7 -58.92 27.93 -17.04
CA ILE E 7 -57.98 27.23 -17.90
C ILE E 7 -58.74 26.27 -18.76
N ASN E 8 -58.52 26.34 -20.06
CA ASN E 8 -59.20 25.47 -21.02
C ASN E 8 -58.17 24.57 -21.69
N GLY E 9 -58.17 23.31 -21.26
CA GLY E 9 -57.18 22.35 -21.77
C GLY E 9 -56.15 22.18 -20.66
N PHE E 10 -56.39 21.23 -19.77
CA PHE E 10 -55.47 21.00 -18.65
C PHE E 10 -54.33 20.04 -19.05
N GLY E 11 -53.69 20.32 -20.18
CA GLY E 11 -52.57 19.54 -20.67
C GLY E 11 -51.23 20.00 -20.11
N ARG E 12 -50.17 19.80 -20.88
CA ARG E 12 -48.84 20.17 -20.44
C ARG E 12 -48.76 21.65 -20.04
N ILE E 13 -49.11 22.54 -20.98
CA ILE E 13 -49.06 23.96 -20.69
C ILE E 13 -50.09 24.33 -19.61
N GLY E 14 -51.29 23.76 -19.72
CA GLY E 14 -52.32 24.04 -18.73
C GLY E 14 -51.82 23.80 -17.31
N ARG E 15 -51.22 22.64 -17.08
CA ARG E 15 -50.70 22.27 -15.76
C ARG E 15 -49.44 23.03 -15.38
N ASN E 16 -48.49 23.12 -16.32
CA ASN E 16 -47.28 23.89 -16.04
C ASN E 16 -47.70 25.29 -15.59
N PHE E 17 -48.65 25.89 -16.33
CA PHE E 17 -49.16 27.23 -15.99
C PHE E 17 -49.71 27.27 -14.57
N LEU E 18 -50.59 26.33 -14.24
CA LEU E 18 -51.16 26.29 -12.90
C LEU E 18 -50.01 26.30 -11.91
N ARG E 19 -49.09 25.36 -12.05
CA ARG E 19 -47.93 25.27 -11.15
C ARG E 19 -47.11 26.55 -11.11
N CYS E 20 -46.85 27.13 -12.28
CA CYS E 20 -46.08 28.36 -12.29
C CYS E 20 -46.76 29.39 -11.41
N TRP E 21 -48.07 29.54 -11.61
CA TRP E 21 -48.87 30.50 -10.86
C TRP E 21 -48.80 30.30 -9.36
N PHE E 22 -49.03 29.07 -8.92
CA PHE E 22 -48.98 28.81 -7.49
C PHE E 22 -47.64 29.19 -6.90
N GLY E 23 -46.61 29.04 -7.74
CA GLY E 23 -45.28 29.37 -7.30
C GLY E 23 -45.00 30.87 -7.25
N ARG E 24 -45.92 31.66 -7.80
CA ARG E 24 -45.73 33.10 -7.83
C ARG E 24 -45.86 33.77 -6.50
N GLN E 25 -44.95 34.71 -6.30
CA GLN E 25 -44.85 35.55 -5.13
C GLN E 25 -46.18 36.29 -4.92
N ASN E 26 -46.59 37.06 -5.92
CA ASN E 26 -47.84 37.82 -5.88
C ASN E 26 -48.58 37.59 -7.17
N THR E 27 -49.87 37.89 -7.16
CA THR E 27 -50.67 37.73 -8.36
C THR E 27 -51.92 38.60 -8.37
N ASP E 28 -52.49 38.82 -9.56
CA ASP E 28 -53.71 39.59 -9.72
C ASP E 28 -54.68 38.68 -10.43
N LEU E 29 -54.34 37.39 -10.45
CA LEU E 29 -55.18 36.39 -11.09
C LEU E 29 -55.80 35.51 -10.02
N GLU E 30 -56.86 34.83 -10.41
CA GLU E 30 -57.54 33.91 -9.52
C GLU E 30 -58.08 32.81 -10.40
N VAL E 31 -57.33 31.72 -10.50
CA VAL E 31 -57.80 30.62 -11.31
C VAL E 31 -58.99 30.04 -10.57
N VAL E 32 -60.13 29.96 -11.23
CA VAL E 32 -61.30 29.44 -10.54
C VAL E 32 -61.98 28.28 -11.26
N ALA E 33 -61.54 27.98 -12.47
CA ALA E 33 -62.16 26.90 -13.21
C ALA E 33 -61.17 26.25 -14.17
N ILE E 34 -61.42 24.99 -14.50
CA ILE E 34 -60.57 24.23 -15.40
C ILE E 34 -61.42 23.33 -16.23
N ASN E 35 -61.37 23.53 -17.55
CA ASN E 35 -62.12 22.69 -18.46
C ASN E 35 -61.11 21.63 -18.81
N ASN E 36 -61.49 20.38 -18.58
CA ASN E 36 -60.61 19.25 -18.80
C ASN E 36 -61.30 18.04 -19.44
N THR E 37 -60.66 17.46 -20.45
CA THR E 37 -61.22 16.30 -21.15
C THR E 37 -61.39 15.05 -20.30
N SER E 38 -61.08 15.13 -19.00
CA SER E 38 -61.22 13.98 -18.11
C SER E 38 -61.91 14.39 -16.81
N ASP E 39 -62.07 13.42 -15.91
CA ASP E 39 -62.71 13.69 -14.63
C ASP E 39 -61.75 14.53 -13.79
N ALA E 40 -62.18 14.90 -12.58
CA ALA E 40 -61.35 15.70 -11.69
C ALA E 40 -60.27 14.83 -11.07
N ARG E 41 -60.54 13.54 -10.97
CA ARG E 41 -59.59 12.63 -10.39
C ARG E 41 -58.32 12.66 -11.25
N THR E 42 -58.46 12.43 -12.54
CA THR E 42 -57.33 12.41 -13.44
C THR E 42 -56.56 13.74 -13.40
N ALA E 43 -57.30 14.84 -13.28
CA ALA E 43 -56.68 16.16 -13.25
C ALA E 43 -55.81 16.41 -12.03
N ALA E 44 -56.28 16.02 -10.85
CA ALA E 44 -55.47 16.22 -9.66
C ALA E 44 -54.25 15.31 -9.73
N HIS E 45 -54.46 14.10 -10.24
CA HIS E 45 -53.39 13.13 -10.34
C HIS E 45 -52.24 13.59 -11.22
N LEU E 46 -52.54 14.11 -12.40
CA LEU E 46 -51.50 14.56 -13.30
C LEU E 46 -50.91 15.91 -12.87
N LEU E 47 -51.63 16.58 -11.99
CA LEU E 47 -51.17 17.86 -11.50
C LEU E 47 -50.08 17.61 -10.48
N GLU E 48 -50.25 16.55 -9.69
CA GLU E 48 -49.29 16.20 -8.67
C GLU E 48 -48.09 15.40 -9.18
N TYR E 49 -48.33 14.38 -10.00
CA TYR E 49 -47.24 13.54 -10.50
C TYR E 49 -46.89 13.86 -11.95
N ASP E 50 -45.68 14.39 -12.13
CA ASP E 50 -45.23 14.79 -13.46
C ASP E 50 -43.89 14.12 -13.80
N SER E 51 -43.82 13.49 -14.97
CA SER E 51 -42.61 12.82 -15.44
C SER E 51 -41.42 13.74 -15.66
N VAL E 52 -41.68 15.04 -15.87
CA VAL E 52 -40.64 16.04 -16.14
C VAL E 52 -40.44 17.06 -15.00
N LEU E 53 -41.55 17.51 -14.40
CA LEU E 53 -41.49 18.45 -13.29
C LEU E 53 -41.30 17.74 -11.94
N GLY E 54 -41.58 16.45 -11.88
CA GLY E 54 -41.46 15.75 -10.62
C GLY E 54 -42.75 15.98 -9.84
N ARG E 55 -42.76 15.60 -8.57
CA ARG E 55 -43.97 15.77 -7.77
C ARG E 55 -44.25 17.22 -7.37
N PHE E 56 -45.51 17.62 -7.49
CA PHE E 56 -45.92 18.96 -7.13
C PHE E 56 -46.12 19.01 -5.62
N ASN E 57 -45.24 19.72 -4.94
CA ASN E 57 -45.27 19.84 -3.50
C ASN E 57 -46.37 20.80 -3.00
N ALA E 58 -47.59 20.28 -2.82
CA ALA E 58 -48.71 21.09 -2.36
C ALA E 58 -49.86 20.20 -1.86
N ASP E 59 -50.79 20.79 -1.10
CA ASP E 59 -51.94 20.02 -0.60
C ASP E 59 -52.92 19.90 -1.76
N ILE E 60 -52.89 18.77 -2.46
CA ILE E 60 -53.77 18.57 -3.60
C ILE E 60 -54.90 17.61 -3.27
N SER E 61 -56.14 18.06 -3.41
CA SER E 61 -57.29 17.21 -3.14
C SER E 61 -58.29 17.39 -4.26
N TYR E 62 -59.22 16.45 -4.40
CA TYR E 62 -60.21 16.56 -5.45
C TYR E 62 -61.54 16.01 -5.00
N ASP E 63 -62.57 16.52 -5.65
CA ASP E 63 -63.95 16.15 -5.39
C ASP E 63 -64.49 15.78 -6.79
N GLU E 64 -65.72 15.30 -6.88
CA GLU E 64 -66.26 14.90 -8.19
C GLU E 64 -66.25 15.98 -9.30
N ASN E 65 -66.36 17.25 -8.92
CA ASN E 65 -66.35 18.32 -9.93
C ASN E 65 -65.55 19.55 -9.51
N SER E 66 -64.50 19.32 -8.74
CA SER E 66 -63.61 20.38 -8.32
C SER E 66 -62.24 19.79 -8.03
N ILE E 67 -61.28 20.66 -7.76
CA ILE E 67 -59.90 20.30 -7.44
C ILE E 67 -59.44 21.39 -6.51
N THR E 68 -58.79 21.02 -5.41
CA THR E 68 -58.32 22.02 -4.48
C THR E 68 -56.83 21.91 -4.28
N VAL E 69 -56.14 23.03 -4.39
CA VAL E 69 -54.69 23.09 -4.21
C VAL E 69 -54.33 24.21 -3.24
N ASN E 70 -54.00 23.84 -2.00
CA ASN E 70 -53.63 24.81 -0.98
C ASN E 70 -54.78 25.74 -0.65
N GLY E 71 -55.95 25.16 -0.40
CA GLY E 71 -57.11 25.96 -0.04
C GLY E 71 -57.88 26.59 -1.20
N LYS E 72 -57.22 26.74 -2.35
CA LYS E 72 -57.90 27.35 -3.50
C LYS E 72 -58.63 26.26 -4.27
N THR E 73 -59.96 26.28 -4.26
CA THR E 73 -60.72 25.29 -4.99
C THR E 73 -61.03 25.80 -6.38
N MET E 74 -60.91 24.91 -7.36
CA MET E 74 -61.16 25.25 -8.75
C MET E 74 -62.16 24.27 -9.37
N LYS E 75 -63.29 24.79 -9.78
CA LYS E 75 -64.32 23.97 -10.36
C LYS E 75 -63.78 23.27 -11.60
N ILE E 76 -64.16 22.01 -11.75
CA ILE E 76 -63.72 21.25 -12.90
C ILE E 76 -64.92 21.06 -13.80
N VAL E 77 -64.74 21.34 -15.09
CA VAL E 77 -65.83 21.15 -16.04
C VAL E 77 -65.22 20.41 -17.23
N CYS E 78 -66.04 19.67 -17.94
CA CYS E 78 -65.52 18.97 -19.09
C CYS E 78 -66.46 19.13 -20.26
N ASP E 79 -66.14 20.11 -21.12
CA ASP E 79 -66.94 20.37 -22.31
C ASP E 79 -66.08 20.63 -23.55
N ARG E 80 -66.28 19.82 -24.58
CA ARG E 80 -65.54 19.93 -25.84
C ARG E 80 -65.90 21.17 -26.67
N ASN E 81 -67.07 21.75 -26.40
CA ASN E 81 -67.55 22.94 -27.10
C ASN E 81 -67.53 24.14 -26.17
N PRO E 82 -66.61 25.09 -26.41
CA PRO E 82 -66.54 26.27 -25.55
C PRO E 82 -67.87 27.01 -25.43
N LEU E 83 -68.70 26.96 -26.48
CA LEU E 83 -70.00 27.66 -26.45
C LEU E 83 -70.84 27.18 -25.27
N ASN E 84 -70.58 25.95 -24.84
CA ASN E 84 -71.31 25.36 -23.73
C ASN E 84 -70.76 25.66 -22.33
N LEU E 85 -69.58 26.27 -22.28
CA LEU E 85 -68.97 26.58 -20.98
C LEU E 85 -69.71 27.68 -20.22
N PRO E 86 -69.80 27.53 -18.88
CA PRO E 86 -70.46 28.49 -17.97
C PRO E 86 -69.66 29.73 -17.59
N TRP E 87 -68.98 30.32 -18.57
CA TRP E 87 -68.17 31.52 -18.30
C TRP E 87 -69.02 32.69 -17.82
N LYS E 88 -70.09 32.99 -18.55
CA LYS E 88 -70.98 34.10 -18.17
C LYS E 88 -71.42 33.83 -16.73
N GLU E 89 -71.97 32.64 -16.50
CA GLU E 89 -72.42 32.24 -15.16
C GLU E 89 -71.34 32.37 -14.10
N TRP E 90 -70.13 31.94 -14.41
CA TRP E 90 -69.07 32.00 -13.43
C TRP E 90 -68.26 33.28 -13.39
N ASP E 91 -68.73 34.29 -14.10
CA ASP E 91 -68.05 35.58 -14.10
C ASP E 91 -66.55 35.40 -14.43
N ILE E 92 -66.27 34.75 -15.55
CA ILE E 92 -64.89 34.53 -15.97
C ILE E 92 -64.38 35.70 -16.81
N ASP E 93 -63.34 36.36 -16.33
CA ASP E 93 -62.78 37.49 -17.06
C ASP E 93 -61.88 37.01 -18.19
N LEU E 94 -60.91 36.18 -17.81
CA LEU E 94 -59.91 35.66 -18.75
C LEU E 94 -59.84 34.14 -18.80
N VAL E 95 -59.66 33.61 -20.00
CA VAL E 95 -59.53 32.18 -20.13
C VAL E 95 -58.21 31.86 -20.82
N ILE E 96 -57.41 31.00 -20.18
CA ILE E 96 -56.14 30.58 -20.72
C ILE E 96 -56.54 29.48 -21.71
N GLU E 97 -56.35 29.71 -22.99
CA GLU E 97 -56.72 28.70 -23.97
C GLU E 97 -55.50 27.90 -24.34
N SER E 98 -55.41 26.73 -23.73
CA SER E 98 -54.30 25.82 -23.93
C SER E 98 -54.74 24.44 -24.39
N THR E 99 -55.66 24.38 -25.35
CA THR E 99 -56.12 23.10 -25.84
C THR E 99 -55.45 22.80 -27.17
N GLY E 100 -54.91 23.83 -27.79
CA GLY E 100 -54.28 23.67 -29.08
C GLY E 100 -55.27 23.54 -30.22
N VAL E 101 -56.57 23.63 -29.91
CA VAL E 101 -57.61 23.52 -30.95
C VAL E 101 -58.30 24.85 -31.30
N PHE E 102 -58.35 25.80 -30.36
CA PHE E 102 -59.00 27.10 -30.64
C PHE E 102 -57.97 28.22 -30.75
N VAL E 103 -57.20 28.18 -31.84
CA VAL E 103 -56.14 29.14 -32.08
C VAL E 103 -56.43 30.25 -33.11
N THR E 104 -57.67 30.29 -33.61
CA THR E 104 -58.05 31.33 -34.54
C THR E 104 -58.84 32.29 -33.68
N ALA E 105 -58.88 33.56 -34.07
CA ALA E 105 -59.63 34.54 -33.31
C ALA E 105 -61.10 34.10 -33.19
N GLU E 106 -61.66 33.60 -34.29
CA GLU E 106 -63.04 33.17 -34.29
C GLU E 106 -63.28 32.05 -33.30
N GLY E 107 -62.46 30.99 -33.40
CA GLY E 107 -62.56 29.83 -32.53
C GLY E 107 -62.40 30.20 -31.07
N ALA E 108 -61.34 30.93 -30.77
CA ALA E 108 -61.10 31.35 -29.39
C ALA E 108 -62.29 32.18 -28.88
N SER E 109 -62.94 32.89 -29.80
CA SER E 109 -64.06 33.76 -29.45
C SER E 109 -65.27 33.01 -28.95
N LYS E 110 -65.28 31.69 -29.14
CA LYS E 110 -66.40 30.92 -28.64
C LYS E 110 -66.43 31.06 -27.13
N HIS E 111 -65.28 31.40 -26.54
CA HIS E 111 -65.20 31.59 -25.10
C HIS E 111 -65.79 32.92 -24.68
N ILE E 112 -65.62 33.93 -25.52
CA ILE E 112 -66.15 35.24 -25.20
C ILE E 112 -67.66 35.12 -25.38
N GLN E 113 -68.05 34.49 -26.47
CA GLN E 113 -69.44 34.28 -26.79
C GLN E 113 -70.08 33.48 -25.69
N ALA E 114 -69.27 32.79 -24.91
CA ALA E 114 -69.81 31.98 -23.82
C ALA E 114 -69.90 32.79 -22.54
N GLY E 115 -69.31 33.98 -22.52
CA GLY E 115 -69.38 34.83 -21.34
C GLY E 115 -68.07 35.38 -20.81
N ALA E 116 -66.95 34.96 -21.41
CA ALA E 116 -65.67 35.45 -20.98
C ALA E 116 -65.42 36.80 -21.64
N LYS E 117 -64.58 37.62 -21.04
CA LYS E 117 -64.29 38.92 -21.59
C LYS E 117 -63.02 38.87 -22.45
N LYS E 118 -62.10 37.97 -22.11
CA LYS E 118 -60.85 37.89 -22.85
C LYS E 118 -60.25 36.49 -22.85
N VAL E 119 -59.59 36.11 -23.93
CA VAL E 119 -58.96 34.80 -23.97
C VAL E 119 -57.52 34.86 -24.45
N LEU E 120 -56.65 34.22 -23.67
CA LEU E 120 -55.21 34.15 -23.95
C LEU E 120 -54.83 32.78 -24.52
N ILE E 121 -54.51 32.75 -25.80
CA ILE E 121 -54.11 31.51 -26.48
C ILE E 121 -52.65 31.23 -26.17
N THR E 122 -52.38 30.03 -25.66
CA THR E 122 -51.02 29.65 -25.30
C THR E 122 -50.31 29.01 -26.48
N ALA E 123 -50.43 29.64 -27.64
CA ALA E 123 -49.81 29.15 -28.88
C ALA E 123 -49.90 30.29 -29.89
N PRO E 124 -49.22 30.14 -31.04
CA PRO E 124 -49.28 31.20 -32.05
C PRO E 124 -50.70 31.32 -32.57
N GLY E 125 -51.17 32.56 -32.74
CA GLY E 125 -52.51 32.76 -33.25
C GLY E 125 -52.58 32.38 -34.72
N LYS E 126 -53.52 31.52 -35.08
CA LYS E 126 -53.65 31.12 -36.46
C LYS E 126 -54.57 32.14 -37.12
N ALA E 127 -54.08 32.76 -38.18
CA ALA E 127 -54.80 33.78 -38.91
C ALA E 127 -54.67 35.13 -38.21
N GLU E 128 -55.39 36.12 -38.74
CA GLU E 128 -55.19 37.51 -38.33
C GLU E 128 -56.20 37.65 -37.19
N GLY E 129 -56.17 38.78 -36.51
CA GLY E 129 -57.15 38.97 -35.46
C GLY E 129 -56.74 38.54 -34.08
N VAL E 130 -55.52 38.03 -33.95
CA VAL E 130 -55.03 37.64 -32.62
C VAL E 130 -53.89 38.56 -32.18
N GLY E 131 -54.00 39.10 -30.98
CA GLY E 131 -52.96 39.99 -30.49
C GLY E 131 -51.78 39.19 -30.00
N THR E 132 -50.61 39.45 -30.56
CA THR E 132 -49.43 38.71 -30.17
C THR E 132 -48.48 39.55 -29.36
N TYR E 133 -48.06 39.04 -28.21
CA TYR E 133 -47.12 39.78 -27.37
C TYR E 133 -46.10 38.85 -26.75
N VAL E 134 -44.83 39.25 -26.81
CA VAL E 134 -43.73 38.48 -26.25
C VAL E 134 -43.17 39.32 -25.13
N ILE E 135 -43.31 38.86 -23.90
CA ILE E 135 -42.84 39.62 -22.76
C ILE E 135 -41.37 39.96 -22.96
N GLY E 136 -41.04 41.23 -22.72
CA GLY E 136 -39.68 41.70 -22.86
C GLY E 136 -39.43 42.24 -24.24
N VAL E 137 -40.33 41.97 -25.18
CA VAL E 137 -40.13 42.49 -26.52
C VAL E 137 -41.13 43.58 -26.93
N ASN E 138 -42.42 43.28 -26.84
CA ASN E 138 -43.44 44.26 -27.21
C ASN E 138 -44.57 44.33 -26.18
N ASP E 139 -44.30 43.88 -24.97
CA ASP E 139 -45.35 43.90 -23.96
C ASP E 139 -45.75 45.33 -23.62
N SER E 140 -44.86 46.28 -23.87
CA SER E 140 -45.13 47.69 -23.59
C SER E 140 -46.22 48.22 -24.51
N GLU E 141 -46.51 47.50 -25.58
CA GLU E 141 -47.52 47.90 -26.54
C GLU E 141 -48.85 47.25 -26.26
N TYR E 142 -48.94 46.59 -25.12
CA TYR E 142 -50.20 45.96 -24.79
C TYR E 142 -51.21 46.99 -24.31
N ARG E 143 -52.39 46.97 -24.92
CA ARG E 143 -53.48 47.84 -24.53
C ARG E 143 -54.73 46.99 -24.39
N HIS E 144 -55.38 47.06 -23.23
CA HIS E 144 -56.57 46.26 -22.96
C HIS E 144 -57.54 46.18 -24.13
N GLU E 145 -57.96 47.33 -24.63
CA GLU E 145 -58.94 47.37 -25.71
C GLU E 145 -58.51 46.92 -27.10
N ASP E 146 -57.22 46.69 -27.33
CA ASP E 146 -56.83 46.27 -28.68
C ASP E 146 -57.44 44.97 -29.15
N PHE E 147 -57.25 43.87 -28.41
CA PHE E 147 -57.78 42.57 -28.81
C PHE E 147 -58.57 41.89 -27.71
N ALA E 148 -59.49 41.03 -28.09
CA ALA E 148 -60.28 40.25 -27.14
C ALA E 148 -59.59 38.87 -27.04
N VAL E 149 -58.86 38.54 -28.09
CA VAL E 149 -58.14 37.29 -28.21
C VAL E 149 -56.66 37.60 -28.39
N ILE E 150 -55.85 37.19 -27.41
CA ILE E 150 -54.42 37.42 -27.47
C ILE E 150 -53.65 36.10 -27.53
N SER E 151 -52.39 36.20 -27.91
CA SER E 151 -51.53 35.05 -28.04
C SER E 151 -50.19 35.36 -27.39
N ASN E 152 -49.47 34.31 -27.01
CA ASN E 152 -48.18 34.50 -26.38
C ASN E 152 -47.08 34.02 -27.31
N ALA E 153 -47.48 33.66 -28.53
CA ALA E 153 -46.58 33.16 -29.54
C ALA E 153 -46.12 31.79 -29.09
N SER E 154 -45.29 31.12 -29.89
CA SER E 154 -44.80 29.79 -29.52
C SER E 154 -43.61 29.86 -28.60
N CYS E 155 -43.26 28.71 -28.05
CA CYS E 155 -42.14 28.61 -27.11
C CYS E 155 -40.87 29.03 -27.85
N THR E 156 -40.75 28.64 -29.12
CA THR E 156 -39.59 28.98 -29.91
C THR E 156 -39.50 30.50 -30.13
N THR E 157 -40.64 31.11 -30.49
CA THR E 157 -40.67 32.54 -30.72
C THR E 157 -40.27 33.33 -29.48
N ASN E 158 -40.68 32.86 -28.30
CA ASN E 158 -40.30 33.57 -27.08
C ASN E 158 -38.84 33.45 -26.76
N CYS E 159 -38.19 32.43 -27.31
CA CYS E 159 -36.76 32.26 -27.06
C CYS E 159 -36.02 33.13 -28.04
N LEU E 160 -36.44 33.00 -29.29
CA LEU E 160 -35.87 33.69 -30.43
C LEU E 160 -36.00 35.21 -30.41
N ALA E 161 -37.20 35.72 -30.16
CA ALA E 161 -37.45 37.15 -30.16
C ALA E 161 -36.56 38.00 -29.25
N PRO E 162 -36.46 37.63 -27.96
CA PRO E 162 -35.62 38.46 -27.09
C PRO E 162 -34.19 38.60 -27.64
N VAL E 163 -33.66 37.49 -28.14
CA VAL E 163 -32.30 37.49 -28.68
C VAL E 163 -32.17 38.30 -29.95
N ALA E 164 -33.14 38.18 -30.84
CA ALA E 164 -33.12 38.93 -32.09
C ALA E 164 -33.24 40.43 -31.78
N LYS E 165 -34.10 40.76 -30.83
CA LYS E 165 -34.27 42.15 -30.46
C LYS E 165 -32.95 42.75 -30.00
N VAL E 166 -32.23 42.06 -29.12
CA VAL E 166 -30.95 42.57 -28.64
C VAL E 166 -29.90 42.63 -29.75
N LEU E 167 -29.90 41.65 -30.64
CA LEU E 167 -28.94 41.63 -31.71
C LEU E 167 -29.24 42.74 -32.72
N HIS E 168 -30.51 42.87 -33.06
CA HIS E 168 -30.93 43.88 -34.03
C HIS E 168 -30.68 45.29 -33.51
N ASP E 169 -30.97 45.51 -32.23
CA ASP E 169 -30.80 46.82 -31.61
C ASP E 169 -29.35 47.27 -31.65
N ASN E 170 -28.44 46.32 -31.46
CA ASN E 170 -27.02 46.58 -31.42
C ASN E 170 -26.24 46.46 -32.71
N PHE E 171 -26.65 45.55 -33.60
CA PHE E 171 -25.91 45.39 -34.84
C PHE E 171 -26.80 45.44 -36.06
N GLY E 172 -28.10 45.42 -35.86
CA GLY E 172 -29.02 45.47 -36.98
C GLY E 172 -28.97 44.24 -37.84
N ILE E 173 -30.09 43.52 -37.85
CA ILE E 173 -30.23 42.30 -38.63
C ILE E 173 -30.61 42.59 -40.08
N ILE E 174 -29.83 42.09 -41.01
CA ILE E 174 -30.15 42.30 -42.42
C ILE E 174 -31.09 41.17 -42.83
N LYS E 175 -30.65 39.96 -42.52
CA LYS E 175 -31.38 38.73 -42.80
C LYS E 175 -30.79 37.68 -41.86
N GLY E 176 -31.50 36.57 -41.70
CA GLY E 176 -31.02 35.55 -40.81
C GLY E 176 -31.84 34.31 -40.96
N THR E 177 -31.32 33.20 -40.46
CA THR E 177 -31.99 31.92 -40.52
C THR E 177 -31.84 31.28 -39.15
N MET E 178 -32.69 30.30 -38.83
CA MET E 178 -32.57 29.63 -37.55
C MET E 178 -33.15 28.24 -37.58
N THR E 179 -32.66 27.41 -36.66
CA THR E 179 -33.10 26.04 -36.52
C THR E 179 -33.32 25.77 -35.05
N THR E 180 -34.42 25.10 -34.76
CA THR E 180 -34.70 24.75 -33.39
C THR E 180 -34.63 23.24 -33.23
N THR E 181 -33.72 22.80 -32.36
CA THR E 181 -33.56 21.39 -32.04
C THR E 181 -34.51 21.31 -30.83
N HIS E 182 -35.67 20.72 -31.09
CA HIS E 182 -36.76 20.66 -30.14
C HIS E 182 -37.17 19.30 -29.56
N SER E 183 -37.46 19.31 -28.26
CA SER E 183 -37.93 18.11 -27.56
C SER E 183 -39.25 17.79 -28.21
N TYR E 184 -39.69 16.54 -28.15
CA TYR E 184 -40.97 16.17 -28.76
C TYR E 184 -42.11 16.68 -27.89
N THR E 185 -43.33 16.67 -28.45
CA THR E 185 -44.53 17.13 -27.77
C THR E 185 -45.68 16.22 -28.21
N LEU E 186 -46.78 16.24 -27.47
CA LEU E 186 -47.96 15.44 -27.77
C LEU E 186 -48.57 15.64 -29.17
N ASP E 187 -48.00 16.53 -29.99
CA ASP E 187 -48.49 16.70 -31.35
C ASP E 187 -47.79 15.67 -32.22
N GLN E 188 -46.72 15.05 -31.69
CA GLN E 188 -46.00 14.01 -32.42
C GLN E 188 -46.57 12.65 -32.07
N ARG E 189 -46.22 11.64 -32.87
CA ARG E 189 -46.70 10.28 -32.65
C ARG E 189 -45.67 9.43 -31.89
N ILE E 190 -46.14 8.63 -30.94
CA ILE E 190 -45.21 7.80 -30.19
C ILE E 190 -44.64 6.71 -31.12
N LEU E 191 -45.44 6.27 -32.09
CA LEU E 191 -45.00 5.27 -33.06
C LEU E 191 -45.60 5.70 -34.40
N ASP E 192 -45.00 5.28 -35.51
CA ASP E 192 -45.49 5.64 -36.86
C ASP E 192 -47.03 5.55 -36.97
N ALA E 193 -47.68 6.69 -37.09
CA ALA E 193 -49.12 6.78 -37.21
C ALA E 193 -49.48 8.03 -38.05
N SER E 194 -50.63 7.99 -38.72
CA SER E 194 -51.06 9.10 -39.58
C SER E 194 -51.11 10.44 -38.87
N HIS E 195 -50.70 11.46 -39.61
CA HIS E 195 -50.62 12.82 -39.12
C HIS E 195 -50.62 13.73 -40.35
N ARG E 196 -51.17 14.93 -40.22
CA ARG E 196 -51.20 15.88 -41.33
C ARG E 196 -49.78 16.09 -41.90
N ASP E 197 -48.79 16.17 -41.02
CA ASP E 197 -47.39 16.35 -41.39
C ASP E 197 -46.75 14.96 -41.41
N LEU E 198 -46.47 14.44 -42.60
CA LEU E 198 -45.87 13.12 -42.74
C LEU E 198 -44.57 12.87 -41.97
N ARG E 199 -44.01 13.91 -41.37
CA ARG E 199 -42.79 13.75 -40.60
C ARG E 199 -43.13 13.57 -39.12
N ARG E 200 -44.08 14.37 -38.61
CA ARG E 200 -44.47 14.26 -37.20
C ARG E 200 -45.28 12.99 -36.99
N ALA E 201 -45.54 12.31 -38.10
CA ALA E 201 -46.28 11.06 -38.08
C ALA E 201 -45.37 9.93 -37.59
N ARG E 202 -44.06 10.15 -37.69
CA ARG E 202 -43.07 9.14 -37.32
C ARG E 202 -42.65 9.06 -35.84
N ALA E 203 -42.47 7.82 -35.36
CA ALA E 203 -42.07 7.53 -33.96
C ALA E 203 -41.10 8.62 -33.45
N ALA E 204 -41.59 9.39 -32.50
CA ALA E 204 -40.86 10.51 -31.93
C ALA E 204 -39.60 10.26 -31.13
N ALA E 205 -39.60 9.22 -30.29
CA ALA E 205 -38.45 8.93 -29.45
C ALA E 205 -37.33 8.15 -30.10
N VAL E 206 -37.45 7.87 -31.38
CA VAL E 206 -36.42 7.11 -32.05
C VAL E 206 -36.13 7.73 -33.40
N ASN E 207 -36.36 9.04 -33.48
CA ASN E 207 -36.12 9.78 -34.71
C ASN E 207 -35.76 11.24 -34.51
N ILE E 208 -35.09 11.78 -35.51
CA ILE E 208 -34.80 13.19 -35.53
C ILE E 208 -35.81 13.54 -36.64
N VAL E 209 -36.83 14.32 -36.30
CA VAL E 209 -37.80 14.64 -37.32
C VAL E 209 -37.92 16.12 -37.66
N PRO E 210 -37.66 16.45 -38.95
CA PRO E 210 -37.72 17.80 -39.47
C PRO E 210 -39.18 18.20 -39.57
N THR E 211 -39.49 19.38 -39.08
CA THR E 211 -40.85 19.86 -39.15
C THR E 211 -40.79 21.37 -39.26
N THR E 212 -41.72 21.93 -40.02
CA THR E 212 -41.78 23.38 -40.21
C THR E 212 -42.10 24.10 -38.89
N THR E 213 -41.76 25.38 -38.86
CA THR E 213 -41.97 26.23 -37.71
C THR E 213 -42.22 27.62 -38.28
N GLY E 214 -43.09 28.38 -37.63
CA GLY E 214 -43.38 29.71 -38.13
C GLY E 214 -42.77 30.70 -37.18
N ALA E 215 -42.12 30.17 -36.14
CA ALA E 215 -41.48 30.96 -35.11
C ALA E 215 -40.59 32.10 -35.66
N ALA E 216 -39.87 31.82 -36.73
CA ALA E 216 -38.98 32.79 -37.38
C ALA E 216 -39.76 33.98 -37.96
N LYS E 217 -40.78 33.68 -38.76
CA LYS E 217 -41.63 34.68 -39.38
C LYS E 217 -42.47 35.38 -38.32
N ALA E 218 -42.88 34.62 -37.30
CA ALA E 218 -43.68 35.16 -36.21
C ALA E 218 -42.94 36.28 -35.44
N VAL E 219 -41.62 36.29 -35.50
CA VAL E 219 -40.87 37.32 -34.78
C VAL E 219 -41.31 38.73 -35.23
N ALA E 220 -41.57 38.86 -36.53
CA ALA E 220 -41.99 40.12 -37.09
C ALA E 220 -43.21 40.68 -36.36
N LEU E 221 -44.08 39.80 -35.87
CA LEU E 221 -45.27 40.26 -35.16
C LEU E 221 -44.96 41.06 -33.90
N VAL E 222 -43.77 40.92 -33.34
CA VAL E 222 -43.41 41.62 -32.11
C VAL E 222 -42.21 42.54 -32.31
N ILE E 223 -41.52 42.37 -33.43
CA ILE E 223 -40.38 43.21 -33.80
C ILE E 223 -40.66 43.44 -35.30
N PRO E 224 -41.59 44.34 -35.61
CA PRO E 224 -42.02 44.68 -36.97
C PRO E 224 -40.88 44.93 -37.95
N GLU E 225 -39.80 45.51 -37.46
CA GLU E 225 -38.64 45.78 -38.30
C GLU E 225 -38.02 44.54 -38.92
N LEU E 226 -38.11 43.42 -38.21
CA LEU E 226 -37.54 42.17 -38.69
C LEU E 226 -38.41 41.45 -39.69
N LYS E 227 -39.52 42.05 -40.08
CA LYS E 227 -40.41 41.40 -41.02
C LYS E 227 -39.71 41.02 -42.33
N GLY E 228 -39.98 39.81 -42.80
CA GLY E 228 -39.34 39.33 -44.02
C GLY E 228 -37.86 38.99 -43.86
N LYS E 229 -37.31 39.20 -42.68
CA LYS E 229 -35.89 38.93 -42.48
C LYS E 229 -35.46 37.65 -41.78
N LEU E 230 -36.38 36.82 -41.32
CA LEU E 230 -36.02 35.59 -40.62
C LEU E 230 -36.82 34.36 -41.03
N ASN E 231 -36.11 33.28 -41.31
CA ASN E 231 -36.72 32.01 -41.69
C ASN E 231 -36.11 30.92 -40.84
N GLY E 232 -36.74 29.75 -40.82
CA GLY E 232 -36.21 28.66 -40.02
C GLY E 232 -36.91 27.34 -40.15
N ILE E 233 -36.42 26.35 -39.40
CA ILE E 233 -36.99 25.01 -39.42
C ILE E 233 -36.81 24.40 -38.04
N ALA E 234 -37.53 23.32 -37.78
CA ALA E 234 -37.39 22.67 -36.47
C ALA E 234 -36.96 21.23 -36.66
N LEU E 235 -36.18 20.73 -35.72
CA LEU E 235 -35.72 19.35 -35.76
C LEU E 235 -36.17 18.78 -34.44
N ARG E 236 -37.20 17.93 -34.48
CA ARG E 236 -37.70 17.32 -33.26
C ARG E 236 -36.77 16.14 -32.91
N VAL E 237 -36.30 16.13 -31.67
CA VAL E 237 -35.40 15.10 -31.22
C VAL E 237 -35.89 14.36 -29.97
N PRO E 238 -35.39 13.15 -29.77
CA PRO E 238 -35.75 12.29 -28.64
C PRO E 238 -35.46 12.72 -27.22
N THR E 239 -36.03 13.83 -26.78
CA THR E 239 -35.88 14.27 -25.39
C THR E 239 -37.31 14.68 -25.06
N PRO E 240 -37.72 14.56 -23.80
CA PRO E 240 -39.09 14.93 -23.44
C PRO E 240 -39.37 16.40 -23.15
N ASN E 241 -38.33 17.19 -22.93
CA ASN E 241 -38.48 18.61 -22.66
C ASN E 241 -37.13 19.34 -22.68
N VAL E 242 -37.18 20.62 -22.99
CA VAL E 242 -36.02 21.53 -23.11
C VAL E 242 -35.55 21.53 -24.56
N SER E 243 -35.48 22.74 -25.12
CA SER E 243 -35.11 22.92 -26.52
C SER E 243 -34.04 23.97 -26.68
N VAL E 244 -33.53 24.08 -27.90
CA VAL E 244 -32.48 25.06 -28.17
C VAL E 244 -32.60 25.64 -29.57
N VAL E 245 -32.38 26.96 -29.70
CA VAL E 245 -32.45 27.60 -31.01
C VAL E 245 -31.04 27.94 -31.51
N ASP E 246 -30.82 27.74 -32.80
CA ASP E 246 -29.53 28.03 -33.42
C ASP E 246 -29.78 29.17 -34.40
N LEU E 247 -29.52 30.40 -33.95
CA LEU E 247 -29.75 31.58 -34.79
C LEU E 247 -28.50 32.09 -35.54
N VAL E 248 -28.63 32.22 -36.84
CA VAL E 248 -27.56 32.73 -37.66
C VAL E 248 -28.07 34.00 -38.36
N VAL E 249 -27.42 35.14 -38.12
CA VAL E 249 -27.85 36.38 -38.76
C VAL E 249 -26.72 37.23 -39.31
N GLN E 250 -26.92 37.76 -40.51
CA GLN E 250 -25.92 38.64 -41.12
C GLN E 250 -26.32 40.01 -40.59
N VAL E 251 -25.39 40.69 -39.94
CA VAL E 251 -25.71 41.98 -39.39
C VAL E 251 -25.10 43.12 -40.18
N GLU E 252 -25.55 44.32 -39.84
CA GLU E 252 -25.11 45.56 -40.46
C GLU E 252 -23.75 46.00 -39.91
N LYS E 253 -23.69 46.26 -38.61
CA LYS E 253 -22.45 46.71 -37.98
C LYS E 253 -21.53 45.54 -37.69
N PRO E 254 -20.38 45.47 -38.39
CA PRO E 254 -19.46 44.35 -38.13
C PRO E 254 -19.13 44.27 -36.64
N THR E 255 -18.86 43.07 -36.14
CA THR E 255 -18.57 42.88 -34.71
C THR E 255 -17.71 41.64 -34.46
N ILE E 256 -17.51 41.30 -33.19
CA ILE E 256 -16.74 40.12 -32.82
C ILE E 256 -17.45 39.30 -31.76
N THR E 257 -17.07 38.04 -31.67
CA THR E 257 -17.66 37.11 -30.73
C THR E 257 -17.83 37.67 -29.33
N GLU E 258 -16.75 38.20 -28.77
CA GLU E 258 -16.79 38.74 -27.43
C GLU E 258 -17.75 39.93 -27.24
N GLN E 259 -18.00 40.66 -28.32
CA GLN E 259 -18.88 41.81 -28.26
C GLN E 259 -20.36 41.42 -28.18
N VAL E 260 -20.79 40.50 -29.04
CA VAL E 260 -22.19 40.11 -29.00
C VAL E 260 -22.51 39.46 -27.65
N ASN E 261 -21.54 38.75 -27.09
CA ASN E 261 -21.75 38.11 -25.79
C ASN E 261 -21.92 39.18 -24.72
N GLU E 262 -21.27 40.30 -24.93
CA GLU E 262 -21.35 41.39 -23.99
C GLU E 262 -22.69 42.06 -24.00
N VAL E 263 -23.22 42.30 -25.19
CA VAL E 263 -24.52 42.94 -25.24
C VAL E 263 -25.56 41.95 -24.68
N LEU E 264 -25.46 40.69 -25.09
CA LEU E 264 -26.38 39.66 -24.61
C LEU E 264 -26.30 39.58 -23.09
N GLN E 265 -25.10 39.68 -22.56
CA GLN E 265 -24.95 39.63 -21.12
C GLN E 265 -25.48 40.90 -20.45
N LYS E 266 -25.21 42.05 -21.05
CA LYS E 266 -25.68 43.31 -20.51
C LYS E 266 -27.19 43.21 -20.41
N ALA E 267 -27.80 42.77 -21.51
CA ALA E 267 -29.25 42.62 -21.60
C ALA E 267 -29.81 41.74 -20.51
N SER E 268 -29.20 40.57 -20.29
CA SER E 268 -29.67 39.64 -19.28
C SER E 268 -29.61 40.24 -17.87
N GLN E 269 -28.75 41.23 -17.69
CA GLN E 269 -28.60 41.87 -16.38
C GLN E 269 -29.44 43.13 -16.22
N THR E 270 -29.83 43.72 -17.34
CA THR E 270 -30.63 44.96 -17.33
C THR E 270 -31.97 44.89 -18.09
N THR E 271 -31.95 45.31 -19.35
CA THR E 271 -33.16 45.37 -20.17
C THR E 271 -33.89 44.05 -20.39
N MET E 272 -33.17 42.94 -20.41
CA MET E 272 -33.79 41.62 -20.61
C MET E 272 -33.74 40.75 -19.35
N LYS E 273 -33.47 41.36 -18.20
CA LYS E 273 -33.38 40.63 -16.95
C LYS E 273 -34.69 39.89 -16.78
N GLY E 274 -34.59 38.61 -16.42
CA GLY E 274 -35.78 37.79 -16.22
C GLY E 274 -36.28 37.14 -17.50
N ILE E 275 -35.77 37.60 -18.63
CA ILE E 275 -36.18 37.07 -19.92
C ILE E 275 -35.03 36.33 -20.56
N ILE E 276 -33.88 36.99 -20.66
CA ILE E 276 -32.71 36.32 -21.21
C ILE E 276 -31.78 35.97 -20.07
N LYS E 277 -31.29 34.74 -20.09
CA LYS E 277 -30.35 34.25 -19.09
C LYS E 277 -29.03 34.13 -19.83
N TYR E 278 -27.93 34.47 -19.14
CA TYR E 278 -26.63 34.38 -19.76
C TYR E 278 -25.89 33.21 -19.11
N SER E 279 -25.65 32.15 -19.87
CA SER E 279 -24.98 30.95 -19.35
C SER E 279 -23.62 30.71 -19.98
N ASP E 280 -22.57 30.86 -19.17
CA ASP E 280 -21.22 30.66 -19.66
C ASP E 280 -20.58 29.40 -19.08
N LEU E 281 -21.41 28.44 -18.69
CA LEU E 281 -20.97 27.17 -18.12
C LEU E 281 -21.19 26.09 -19.16
N PRO E 282 -20.34 25.05 -19.13
CA PRO E 282 -20.47 23.97 -20.09
C PRO E 282 -21.58 22.98 -19.66
N LEU E 283 -22.83 23.43 -19.80
CA LEU E 283 -24.01 22.67 -19.42
C LEU E 283 -24.64 21.90 -20.56
N VAL E 284 -25.65 21.09 -20.22
CA VAL E 284 -26.38 20.29 -21.22
C VAL E 284 -27.88 20.48 -20.99
N SER E 285 -28.71 20.02 -21.94
CA SER E 285 -30.16 20.23 -21.86
C SER E 285 -30.80 19.99 -20.50
N SER E 286 -30.51 18.86 -19.86
CA SER E 286 -31.10 18.56 -18.55
C SER E 286 -30.86 19.62 -17.50
N ASP E 287 -29.77 20.36 -17.62
CA ASP E 287 -29.48 21.37 -16.62
C ASP E 287 -30.42 22.57 -16.67
N PHE E 288 -31.24 22.69 -17.70
CA PHE E 288 -32.12 23.85 -17.76
C PHE E 288 -33.58 23.60 -17.41
N ARG E 289 -33.90 22.38 -16.95
CA ARG E 289 -35.26 22.07 -16.57
C ARG E 289 -35.67 23.04 -15.48
N GLY E 290 -36.85 23.64 -15.63
CA GLY E 290 -37.35 24.56 -14.62
C GLY E 290 -36.74 25.95 -14.62
N THR E 291 -35.94 26.26 -15.64
CA THR E 291 -35.38 27.59 -15.73
C THR E 291 -36.54 28.56 -16.08
N ASP E 292 -36.53 29.73 -15.46
CA ASP E 292 -37.61 30.67 -15.71
C ASP E 292 -37.48 31.53 -16.97
N GLU E 293 -36.25 31.78 -17.43
CA GLU E 293 -36.07 32.64 -18.60
C GLU E 293 -36.54 32.08 -19.94
N SER E 294 -36.97 32.99 -20.80
CA SER E 294 -37.43 32.64 -22.13
C SER E 294 -36.27 32.15 -23.00
N SER E 295 -35.08 32.65 -22.75
CA SER E 295 -33.95 32.24 -23.53
C SER E 295 -32.67 32.29 -22.73
N ILE E 296 -31.90 31.22 -22.84
CA ILE E 296 -30.67 31.07 -22.13
C ILE E 296 -29.52 31.01 -23.12
N VAL E 297 -28.87 32.16 -23.32
CA VAL E 297 -27.75 32.24 -24.25
C VAL E 297 -26.59 31.35 -23.79
N ASP E 298 -26.14 30.46 -24.65
CA ASP E 298 -25.02 29.64 -24.24
C ASP E 298 -23.81 30.39 -24.73
N SER E 299 -23.24 31.15 -23.82
CA SER E 299 -22.07 31.98 -24.06
C SER E 299 -20.98 31.31 -24.90
N SER E 300 -20.42 30.21 -24.39
CA SER E 300 -19.35 29.45 -25.06
C SER E 300 -19.53 29.24 -26.55
N LEU E 301 -20.76 28.96 -26.95
CA LEU E 301 -21.07 28.65 -28.33
C LEU E 301 -21.20 29.82 -29.31
N THR E 302 -21.25 31.05 -28.80
CA THR E 302 -21.38 32.21 -29.70
C THR E 302 -20.25 32.23 -30.72
N LEU E 303 -20.58 32.51 -31.97
CA LEU E 303 -19.57 32.56 -33.03
C LEU E 303 -19.78 33.65 -34.09
N VAL E 304 -18.77 34.51 -34.26
CA VAL E 304 -18.84 35.55 -35.27
C VAL E 304 -17.87 35.22 -36.40
N MET E 305 -18.42 35.13 -37.60
CA MET E 305 -17.68 34.81 -38.81
C MET E 305 -17.46 36.05 -39.68
N ASP E 306 -16.20 36.34 -39.99
CA ASP E 306 -15.87 37.47 -40.84
C ASP E 306 -16.61 38.74 -40.44
N GLY E 307 -16.62 39.06 -39.16
CA GLY E 307 -17.26 40.28 -38.68
C GLY E 307 -18.77 40.51 -38.67
N ASP E 308 -19.49 40.10 -39.71
CA ASP E 308 -20.95 40.33 -39.75
C ASP E 308 -21.87 39.09 -39.80
N LEU E 309 -21.31 37.89 -39.60
CA LEU E 309 -22.13 36.68 -39.65
C LEU E 309 -22.16 36.02 -38.26
N VAL E 310 -23.10 36.44 -37.42
CA VAL E 310 -23.18 35.90 -36.06
C VAL E 310 -24.13 34.72 -35.86
N LYS E 311 -23.72 33.83 -34.96
CA LYS E 311 -24.45 32.63 -34.59
C LYS E 311 -24.60 32.65 -33.08
N VAL E 312 -25.80 32.41 -32.61
CA VAL E 312 -26.03 32.42 -31.18
C VAL E 312 -26.85 31.19 -30.87
N ILE E 313 -26.51 30.53 -29.77
CA ILE E 313 -27.23 29.34 -29.36
C ILE E 313 -27.97 29.67 -28.05
N ALA E 314 -29.25 29.36 -27.97
CA ALA E 314 -29.97 29.64 -26.74
C ALA E 314 -30.99 28.54 -26.40
N TRP E 315 -30.89 28.07 -25.16
CA TRP E 315 -31.75 27.03 -24.61
C TRP E 315 -32.97 27.65 -24.01
N TYR E 316 -33.99 26.81 -23.86
CA TYR E 316 -35.24 27.21 -23.22
C TYR E 316 -36.00 25.99 -22.79
N ASP E 317 -36.69 26.12 -21.65
CA ASP E 317 -37.51 25.05 -21.14
C ASP E 317 -38.83 25.34 -21.87
N ASN E 318 -39.03 24.70 -23.02
CA ASN E 318 -40.24 24.95 -23.80
C ASN E 318 -41.55 24.81 -23.05
N GLU E 319 -41.55 24.14 -21.89
CA GLU E 319 -42.78 23.98 -21.15
C GLU E 319 -42.90 24.97 -20.00
N TRP E 320 -41.97 24.87 -19.08
CA TRP E 320 -41.95 25.74 -17.92
C TRP E 320 -41.64 27.22 -18.22
N GLY E 321 -40.55 27.47 -18.94
CA GLY E 321 -40.21 28.84 -19.25
C GLY E 321 -41.37 29.53 -19.94
N TYR E 322 -41.88 28.88 -20.98
CA TYR E 322 -42.98 29.41 -21.75
C TYR E 322 -44.17 29.68 -20.85
N SER E 323 -44.46 28.72 -19.98
CA SER E 323 -45.59 28.88 -19.09
C SER E 323 -45.43 30.03 -18.12
N GLN E 324 -44.18 30.41 -17.85
CA GLN E 324 -43.94 31.52 -16.93
C GLN E 324 -44.32 32.80 -17.66
N ARG E 325 -44.09 32.77 -18.98
CA ARG E 325 -44.42 33.92 -19.81
C ARG E 325 -45.94 34.07 -19.91
N VAL E 326 -46.67 32.97 -20.12
CA VAL E 326 -48.10 33.16 -20.21
C VAL E 326 -48.65 33.64 -18.87
N VAL E 327 -48.06 33.22 -17.76
CA VAL E 327 -48.54 33.74 -16.48
C VAL E 327 -48.26 35.26 -16.48
N ASP E 328 -47.13 35.64 -17.05
CA ASP E 328 -46.71 37.03 -17.13
C ASP E 328 -47.69 37.83 -17.98
N LEU E 329 -47.99 37.33 -19.17
CA LEU E 329 -48.91 38.00 -20.05
C LEU E 329 -50.26 38.12 -19.38
N ALA E 330 -50.70 37.05 -18.76
CA ALA E 330 -51.98 37.08 -18.06
C ALA E 330 -51.93 38.08 -16.91
N GLU E 331 -50.76 38.24 -16.29
CA GLU E 331 -50.62 39.16 -15.18
C GLU E 331 -50.70 40.59 -15.70
N LEU E 332 -50.17 40.79 -16.90
CA LEU E 332 -50.16 42.08 -17.56
C LEU E 332 -51.59 42.50 -17.89
N ALA E 333 -52.32 41.58 -18.51
CA ALA E 333 -53.70 41.83 -18.85
C ALA E 333 -54.50 42.18 -17.58
N ALA E 334 -54.13 41.57 -16.45
CA ALA E 334 -54.83 41.85 -15.21
C ALA E 334 -54.50 43.25 -14.69
N ARG E 335 -53.24 43.63 -14.76
CA ARG E 335 -52.84 44.95 -14.27
C ARG E 335 -53.36 46.05 -15.17
N LYS E 336 -53.72 45.69 -16.40
CA LYS E 336 -54.23 46.67 -17.36
C LYS E 336 -55.71 46.44 -17.65
N SER E 337 -56.38 45.58 -16.88
CA SER E 337 -57.79 45.32 -17.15
C SER E 337 -58.59 46.60 -16.91
N GLY E 338 -59.73 46.70 -17.58
CA GLY E 338 -60.59 47.85 -17.44
C GLY E 338 -61.62 47.68 -16.32
N MET F 1 -3.81 -7.27 -59.21
CA MET F 1 -3.09 -6.37 -58.26
C MET F 1 -3.87 -6.10 -56.96
N THR F 2 -4.68 -7.07 -56.55
CA THR F 2 -5.48 -7.03 -55.32
C THR F 2 -4.57 -6.86 -54.08
N ILE F 3 -4.86 -5.87 -53.22
CA ILE F 3 -4.02 -5.64 -52.04
C ILE F 3 -4.52 -6.32 -50.76
N ARG F 4 -3.60 -6.58 -49.82
CA ARG F 4 -3.96 -7.24 -48.58
C ARG F 4 -4.27 -6.25 -47.46
N VAL F 5 -5.48 -6.36 -46.94
CA VAL F 5 -5.95 -5.46 -45.91
C VAL F 5 -6.13 -6.03 -44.51
N ALA F 6 -5.84 -5.20 -43.52
CA ALA F 6 -5.97 -5.57 -42.13
C ALA F 6 -6.80 -4.48 -41.45
N ILE F 7 -7.74 -4.89 -40.61
CA ILE F 7 -8.58 -3.92 -39.89
C ILE F 7 -8.06 -3.81 -38.46
N ASN F 8 -7.72 -2.60 -38.02
CA ASN F 8 -7.23 -2.37 -36.65
C ASN F 8 -8.30 -1.63 -35.85
N GLY F 9 -8.92 -2.32 -34.89
CA GLY F 9 -10.00 -1.74 -34.09
C GLY F 9 -11.32 -2.23 -34.69
N PHE F 10 -11.84 -3.35 -34.19
CA PHE F 10 -13.07 -3.93 -34.73
C PHE F 10 -14.35 -3.41 -34.06
N GLY F 11 -14.44 -2.10 -33.92
CA GLY F 11 -15.61 -1.49 -33.33
C GLY F 11 -16.63 -1.06 -34.37
N ARG F 12 -17.36 0.00 -34.07
CA ARG F 12 -18.40 0.47 -34.97
C ARG F 12 -17.98 0.60 -36.42
N ILE F 13 -16.99 1.43 -36.68
CA ILE F 13 -16.53 1.64 -38.05
C ILE F 13 -15.85 0.39 -38.57
N GLY F 14 -15.05 -0.25 -37.72
CA GLY F 14 -14.40 -1.47 -38.15
C GLY F 14 -15.37 -2.51 -38.71
N ARG F 15 -16.48 -2.76 -38.00
CA ARG F 15 -17.45 -3.79 -38.46
C ARG F 15 -18.30 -3.33 -39.63
N ASN F 16 -18.72 -2.07 -39.60
CA ASN F 16 -19.49 -1.51 -40.70
C ASN F 16 -18.65 -1.64 -41.97
N PHE F 17 -17.39 -1.27 -41.85
CA PHE F 17 -16.47 -1.37 -42.97
C PHE F 17 -16.45 -2.79 -43.54
N LEU F 18 -16.34 -3.81 -42.68
CA LEU F 18 -16.29 -5.20 -43.13
C LEU F 18 -17.61 -5.54 -43.88
N ARG F 19 -18.73 -5.19 -43.27
CA ARG F 19 -20.01 -5.48 -43.89
C ARG F 19 -20.20 -4.77 -45.20
N CYS F 20 -19.80 -3.51 -45.26
CA CYS F 20 -19.92 -2.76 -46.52
C CYS F 20 -19.13 -3.46 -47.61
N TRP F 21 -17.93 -3.92 -47.25
CA TRP F 21 -17.03 -4.61 -48.18
C TRP F 21 -17.70 -5.89 -48.68
N PHE F 22 -18.14 -6.73 -47.75
CA PHE F 22 -18.76 -7.97 -48.18
C PHE F 22 -19.93 -7.73 -49.14
N GLY F 23 -20.62 -6.62 -48.93
CA GLY F 23 -21.74 -6.30 -49.79
C GLY F 23 -21.32 -5.78 -51.16
N ARG F 24 -20.07 -5.41 -51.32
CA ARG F 24 -19.64 -4.90 -52.59
C ARG F 24 -19.68 -5.91 -53.72
N GLN F 25 -20.02 -5.38 -54.89
CA GLN F 25 -20.12 -6.08 -56.15
C GLN F 25 -18.75 -6.65 -56.57
N ASN F 26 -17.73 -5.79 -56.58
CA ASN F 26 -16.36 -6.16 -56.94
C ASN F 26 -15.40 -5.48 -55.98
N THR F 27 -14.19 -6.00 -55.90
CA THR F 27 -13.22 -5.41 -55.01
C THR F 27 -11.81 -5.77 -55.40
N ASP F 28 -10.86 -4.93 -55.00
CA ASP F 28 -9.44 -5.14 -55.26
C ASP F 28 -8.77 -5.30 -53.90
N LEU F 29 -9.60 -5.51 -52.87
CA LEU F 29 -9.12 -5.67 -51.52
C LEU F 29 -9.31 -7.11 -51.10
N GLU F 30 -8.61 -7.48 -50.05
CA GLU F 30 -8.69 -8.80 -49.48
C GLU F 30 -8.36 -8.65 -47.99
N VAL F 31 -9.41 -8.57 -47.18
CA VAL F 31 -9.24 -8.44 -45.73
C VAL F 31 -8.77 -9.76 -45.23
N VAL F 32 -7.58 -9.77 -44.63
CA VAL F 32 -7.04 -11.02 -44.16
C VAL F 32 -6.77 -11.03 -42.68
N ALA F 33 -6.77 -9.88 -42.03
CA ALA F 33 -6.52 -9.84 -40.59
C ALA F 33 -7.36 -8.80 -39.86
N ILE F 34 -7.62 -9.06 -38.59
CA ILE F 34 -8.39 -8.12 -37.77
C ILE F 34 -7.76 -8.09 -36.38
N ASN F 35 -7.38 -6.89 -35.95
CA ASN F 35 -6.80 -6.68 -34.61
C ASN F 35 -7.98 -6.21 -33.80
N ASN F 36 -8.33 -7.01 -32.80
CA ASN F 36 -9.50 -6.75 -31.97
C ASN F 36 -9.16 -6.85 -30.48
N THR F 37 -9.72 -5.93 -29.67
CA THR F 37 -9.47 -5.93 -28.22
C THR F 37 -10.07 -7.13 -27.46
N SER F 38 -10.80 -7.99 -28.17
CA SER F 38 -11.41 -9.17 -27.56
C SER F 38 -11.04 -10.45 -28.32
N ASP F 39 -11.64 -11.55 -27.91
CA ASP F 39 -11.37 -12.82 -28.55
C ASP F 39 -12.09 -12.85 -29.88
N ALA F 40 -11.93 -13.94 -30.62
CA ALA F 40 -12.58 -14.10 -31.92
C ALA F 40 -14.06 -14.38 -31.73
N ARG F 41 -14.40 -14.99 -30.61
CA ARG F 41 -15.79 -15.30 -30.37
C ARG F 41 -16.60 -14.00 -30.34
N THR F 42 -16.11 -13.02 -29.60
CA THR F 42 -16.79 -11.75 -29.45
C THR F 42 -16.79 -10.94 -30.75
N ALA F 43 -15.78 -11.13 -31.57
CA ALA F 43 -15.70 -10.45 -32.84
C ALA F 43 -16.74 -10.98 -33.82
N ALA F 44 -16.88 -12.31 -33.88
CA ALA F 44 -17.85 -12.94 -34.77
C ALA F 44 -19.29 -12.65 -34.32
N HIS F 45 -19.49 -12.56 -33.01
CA HIS F 45 -20.80 -12.31 -32.45
C HIS F 45 -21.32 -10.89 -32.76
N LEU F 46 -20.51 -9.87 -32.52
CA LEU F 46 -20.95 -8.49 -32.79
C LEU F 46 -20.95 -8.19 -34.30
N LEU F 47 -20.30 -9.03 -35.09
CA LEU F 47 -20.29 -8.82 -36.53
C LEU F 47 -21.67 -9.24 -37.03
N GLU F 48 -22.16 -10.36 -36.51
CA GLU F 48 -23.47 -10.90 -36.88
C GLU F 48 -24.65 -10.13 -36.31
N TYR F 49 -24.64 -9.92 -35.01
CA TYR F 49 -25.73 -9.23 -34.33
C TYR F 49 -25.45 -7.77 -34.04
N ASP F 50 -26.15 -6.89 -34.76
CA ASP F 50 -25.96 -5.44 -34.62
C ASP F 50 -27.27 -4.69 -34.34
N SER F 51 -27.30 -3.94 -33.24
CA SER F 51 -28.48 -3.17 -32.82
C SER F 51 -29.01 -2.20 -33.87
N VAL F 52 -28.12 -1.74 -34.74
CA VAL F 52 -28.47 -0.74 -35.75
C VAL F 52 -28.56 -1.28 -37.17
N LEU F 53 -27.70 -2.24 -37.47
CA LEU F 53 -27.65 -2.84 -38.81
C LEU F 53 -28.55 -4.05 -38.94
N GLY F 54 -28.92 -4.65 -37.83
CA GLY F 54 -29.72 -5.85 -37.90
C GLY F 54 -28.73 -7.00 -38.03
N ARG F 55 -29.24 -8.20 -38.20
CA ARG F 55 -28.38 -9.37 -38.32
C ARG F 55 -27.61 -9.44 -39.64
N PHE F 56 -26.33 -9.77 -39.57
CA PHE F 56 -25.56 -9.86 -40.79
C PHE F 56 -25.88 -11.20 -41.46
N ASN F 57 -26.56 -11.11 -42.60
CA ASN F 57 -26.94 -12.30 -43.36
C ASN F 57 -25.76 -12.91 -44.11
N ALA F 58 -25.06 -13.83 -43.45
CA ALA F 58 -23.88 -14.47 -44.04
C ALA F 58 -23.48 -15.70 -43.24
N ASP F 59 -22.62 -16.56 -43.80
CA ASP F 59 -22.13 -17.74 -43.07
C ASP F 59 -20.99 -17.25 -42.19
N ILE F 60 -21.28 -17.05 -40.90
CA ILE F 60 -20.26 -16.56 -39.97
C ILE F 60 -19.86 -17.63 -38.98
N SER F 61 -18.56 -17.96 -38.98
CA SER F 61 -18.02 -18.95 -38.06
C SER F 61 -16.72 -18.43 -37.45
N TYR F 62 -16.30 -19.04 -36.35
CA TYR F 62 -15.08 -18.58 -35.72
C TYR F 62 -14.36 -19.73 -35.06
N ASP F 63 -13.05 -19.55 -34.98
CA ASP F 63 -12.13 -20.51 -34.39
C ASP F 63 -11.36 -19.69 -33.35
N GLU F 64 -10.50 -20.33 -32.57
CA GLU F 64 -9.76 -19.61 -31.54
C GLU F 64 -9.00 -18.36 -31.95
N ASN F 65 -8.53 -18.30 -33.19
CA ASN F 65 -7.78 -17.13 -33.62
C ASN F 65 -8.02 -16.75 -35.09
N SER F 66 -9.28 -16.87 -35.49
CA SER F 66 -9.67 -16.51 -36.83
C SER F 66 -11.17 -16.34 -36.83
N ILE F 67 -11.67 -15.89 -37.97
CA ILE F 67 -13.09 -15.66 -38.15
C ILE F 67 -13.33 -15.92 -39.62
N THR F 68 -14.41 -16.61 -39.94
CA THR F 68 -14.68 -16.91 -41.34
C THR F 68 -16.06 -16.45 -41.74
N VAL F 69 -16.11 -15.66 -42.80
CA VAL F 69 -17.35 -15.12 -43.32
C VAL F 69 -17.48 -15.52 -44.79
N ASN F 70 -18.39 -16.43 -45.12
CA ASN F 70 -18.59 -16.83 -46.51
C ASN F 70 -17.32 -17.38 -47.14
N GLY F 71 -16.62 -18.24 -46.42
CA GLY F 71 -15.42 -18.84 -46.96
C GLY F 71 -14.14 -18.05 -46.82
N LYS F 72 -14.24 -16.74 -46.61
CA LYS F 72 -13.05 -15.91 -46.45
C LYS F 72 -12.63 -15.90 -44.99
N THR F 73 -11.47 -16.47 -44.68
CA THR F 73 -11.01 -16.51 -43.29
C THR F 73 -10.07 -15.37 -42.97
N MET F 74 -10.31 -14.75 -41.82
CA MET F 74 -9.54 -13.61 -41.40
C MET F 74 -8.94 -13.86 -40.03
N LYS F 75 -7.61 -13.80 -40.00
CA LYS F 75 -6.91 -14.02 -38.77
C LYS F 75 -7.25 -12.93 -37.79
N ILE F 76 -7.42 -13.35 -36.54
CA ILE F 76 -7.77 -12.45 -35.46
C ILE F 76 -6.57 -12.33 -34.55
N VAL F 77 -6.20 -11.10 -34.23
CA VAL F 77 -5.07 -10.88 -33.36
C VAL F 77 -5.52 -9.81 -32.40
N CYS F 78 -4.89 -9.75 -31.23
CA CYS F 78 -5.28 -8.75 -30.25
C CYS F 78 -4.05 -8.17 -29.60
N ASP F 79 -3.58 -7.06 -30.15
CA ASP F 79 -2.41 -6.39 -29.64
C ASP F 79 -2.58 -4.88 -29.54
N ARG F 80 -2.47 -4.36 -28.33
CA ARG F 80 -2.65 -2.94 -28.10
C ARG F 80 -1.58 -2.05 -28.76
N ASN F 81 -0.42 -2.63 -29.02
CA ASN F 81 0.73 -1.91 -29.61
C ASN F 81 0.93 -2.28 -31.08
N PRO F 82 0.67 -1.34 -32.00
CA PRO F 82 0.85 -1.70 -33.41
C PRO F 82 2.25 -2.21 -33.75
N LEU F 83 3.25 -1.75 -33.00
CA LEU F 83 4.61 -2.19 -33.23
C LEU F 83 4.72 -3.71 -33.14
N ASN F 84 3.90 -4.35 -32.31
CA ASN F 84 3.92 -5.80 -32.14
C ASN F 84 3.14 -6.57 -33.19
N LEU F 85 2.36 -5.87 -34.01
CA LEU F 85 1.55 -6.55 -35.00
C LEU F 85 2.37 -7.22 -36.10
N PRO F 86 1.98 -8.43 -36.49
CA PRO F 86 2.66 -9.21 -37.53
C PRO F 86 2.36 -8.81 -38.99
N TRP F 87 2.36 -7.51 -39.28
CA TRP F 87 2.08 -7.03 -40.64
C TRP F 87 3.16 -7.43 -41.65
N LYS F 88 4.43 -7.28 -41.28
CA LYS F 88 5.52 -7.64 -42.19
C LYS F 88 5.36 -9.15 -42.45
N GLU F 89 5.17 -9.92 -41.38
CA GLU F 89 5.00 -11.35 -41.45
C GLU F 89 3.85 -11.81 -42.36
N TRP F 90 2.71 -11.16 -42.22
CA TRP F 90 1.51 -11.49 -43.01
C TRP F 90 1.34 -10.75 -44.33
N ASP F 91 2.39 -10.05 -44.73
CA ASP F 91 2.36 -9.34 -45.97
C ASP F 91 1.14 -8.42 -46.08
N ILE F 92 0.96 -7.59 -45.07
CA ILE F 92 -0.13 -6.63 -45.08
C ILE F 92 0.25 -5.37 -45.86
N ASP F 93 -0.59 -5.00 -46.83
CA ASP F 93 -0.36 -3.81 -47.64
C ASP F 93 -0.99 -2.61 -46.93
N LEU F 94 -2.31 -2.68 -46.76
CA LEU F 94 -3.07 -1.59 -46.15
C LEU F 94 -3.72 -1.93 -44.83
N VAL F 95 -3.76 -0.96 -43.93
CA VAL F 95 -4.42 -1.20 -42.67
C VAL F 95 -5.46 -0.12 -42.40
N ILE F 96 -6.70 -0.57 -42.24
CA ILE F 96 -7.76 0.35 -41.91
C ILE F 96 -7.60 0.64 -40.42
N GLU F 97 -7.24 1.88 -40.10
CA GLU F 97 -7.02 2.26 -38.70
C GLU F 97 -8.29 2.87 -38.13
N SER F 98 -9.09 2.02 -37.51
CA SER F 98 -10.37 2.47 -36.94
C SER F 98 -10.43 2.27 -35.41
N THR F 99 -9.33 2.55 -34.72
CA THR F 99 -9.32 2.39 -33.27
C THR F 99 -9.63 3.72 -32.64
N GLY F 100 -9.35 4.76 -33.40
CA GLY F 100 -9.57 6.10 -32.92
C GLY F 100 -8.42 6.57 -32.05
N VAL F 101 -7.39 5.73 -31.89
CA VAL F 101 -6.25 6.08 -31.06
C VAL F 101 -4.96 6.43 -31.80
N PHE F 102 -4.85 6.01 -33.06
CA PHE F 102 -3.62 6.30 -33.81
C PHE F 102 -3.94 7.21 -35.00
N VAL F 103 -4.36 8.43 -34.68
CA VAL F 103 -4.75 9.38 -35.69
C VAL F 103 -3.67 10.37 -36.13
N THR F 104 -2.48 10.29 -35.55
CA THR F 104 -1.41 11.19 -35.99
C THR F 104 -0.57 10.37 -36.98
N ALA F 105 0.22 11.05 -37.81
CA ALA F 105 1.04 10.37 -38.79
C ALA F 105 2.02 9.43 -38.10
N GLU F 106 2.62 9.92 -37.03
CA GLU F 106 3.59 9.13 -36.28
C GLU F 106 2.93 7.91 -35.68
N GLY F 107 1.83 8.09 -34.96
CA GLY F 107 1.17 6.94 -34.37
C GLY F 107 0.71 5.92 -35.41
N ALA F 108 0.07 6.39 -36.46
CA ALA F 108 -0.38 5.46 -37.49
C ALA F 108 0.81 4.73 -38.13
N SER F 109 1.97 5.38 -38.13
CA SER F 109 3.17 4.82 -38.71
C SER F 109 3.62 3.56 -38.00
N LYS F 110 3.25 3.43 -36.73
CA LYS F 110 3.65 2.24 -35.99
C LYS F 110 3.29 1.03 -36.84
N HIS F 111 2.19 1.14 -37.60
CA HIS F 111 1.74 0.05 -38.47
C HIS F 111 2.70 -0.20 -39.64
N ILE F 112 3.22 0.89 -40.20
CA ILE F 112 4.16 0.77 -41.30
C ILE F 112 5.47 0.23 -40.75
N GLN F 113 5.82 0.70 -39.54
CA GLN F 113 7.02 0.28 -38.86
C GLN F 113 6.93 -1.22 -38.51
N ALA F 114 5.70 -1.72 -38.41
CA ALA F 114 5.49 -3.14 -38.10
C ALA F 114 5.39 -4.01 -39.34
N GLY F 115 5.36 -3.38 -40.51
CA GLY F 115 5.30 -4.19 -41.71
C GLY F 115 4.31 -3.78 -42.77
N ALA F 116 3.38 -2.89 -42.43
CA ALA F 116 2.39 -2.44 -43.40
C ALA F 116 3.02 -1.43 -44.35
N LYS F 117 2.41 -1.21 -45.51
CA LYS F 117 2.96 -0.26 -46.47
C LYS F 117 2.13 1.02 -46.41
N LYS F 118 0.87 0.90 -46.00
CA LYS F 118 0.00 2.07 -45.93
C LYS F 118 -1.11 1.92 -44.88
N VAL F 119 -1.53 3.02 -44.28
CA VAL F 119 -2.58 2.93 -43.29
C VAL F 119 -3.59 4.04 -43.49
N LEU F 120 -4.85 3.63 -43.52
CA LEU F 120 -5.96 4.54 -43.72
C LEU F 120 -6.69 4.79 -42.41
N ILE F 121 -6.57 6.01 -41.89
CA ILE F 121 -7.22 6.39 -40.65
C ILE F 121 -8.69 6.72 -40.88
N THR F 122 -9.60 6.04 -40.18
CA THR F 122 -11.02 6.29 -40.38
C THR F 122 -11.53 7.42 -39.49
N ALA F 123 -10.82 8.53 -39.51
CA ALA F 123 -11.16 9.67 -38.70
C ALA F 123 -10.26 10.80 -39.14
N PRO F 124 -10.50 12.01 -38.62
CA PRO F 124 -9.66 13.14 -39.02
C PRO F 124 -8.18 12.92 -38.62
N GLY F 125 -7.26 13.20 -39.52
CA GLY F 125 -5.86 13.03 -39.18
C GLY F 125 -5.41 14.15 -38.24
N LYS F 126 -4.99 13.81 -37.02
CA LYS F 126 -4.53 14.82 -36.05
C LYS F 126 -3.10 15.25 -36.40
N ALA F 127 -2.89 16.56 -36.47
CA ALA F 127 -1.57 17.09 -36.79
C ALA F 127 -1.26 16.99 -38.28
N GLU F 128 -0.04 17.38 -38.65
CA GLU F 128 0.39 17.36 -40.05
C GLU F 128 0.87 15.99 -40.52
N GLY F 129 1.01 15.86 -41.85
CA GLY F 129 1.51 14.63 -42.45
C GLY F 129 0.53 13.54 -42.83
N VAL F 130 -0.76 13.85 -42.78
CA VAL F 130 -1.75 12.84 -43.16
C VAL F 130 -2.43 13.33 -44.43
N GLY F 131 -2.52 12.44 -45.43
CA GLY F 131 -3.19 12.82 -46.67
C GLY F 131 -4.68 12.63 -46.51
N THR F 132 -5.45 13.72 -46.62
CA THR F 132 -6.90 13.68 -46.45
C THR F 132 -7.67 13.75 -47.76
N TYR F 133 -8.52 12.76 -48.02
CA TYR F 133 -9.31 12.74 -49.23
C TYR F 133 -10.77 12.49 -48.94
N VAL F 134 -11.64 13.22 -49.64
CA VAL F 134 -13.07 13.05 -49.52
C VAL F 134 -13.61 12.63 -50.89
N ILE F 135 -13.99 11.35 -50.99
CA ILE F 135 -14.51 10.83 -52.25
C ILE F 135 -15.54 11.76 -52.84
N GLY F 136 -15.34 12.10 -54.11
CA GLY F 136 -16.28 12.99 -54.76
C GLY F 136 -15.81 14.42 -54.68
N VAL F 137 -14.78 14.68 -53.89
CA VAL F 137 -14.30 16.04 -53.77
C VAL F 137 -12.86 16.23 -54.28
N ASN F 138 -11.92 15.47 -53.74
CA ASN F 138 -10.53 15.61 -54.15
C ASN F 138 -9.86 14.26 -54.38
N ASP F 139 -10.68 13.23 -54.56
CA ASP F 139 -10.11 11.92 -54.76
C ASP F 139 -9.35 11.87 -56.07
N SER F 140 -9.56 12.83 -56.93
CA SER F 140 -8.83 12.84 -58.20
C SER F 140 -7.37 13.24 -57.97
N GLU F 141 -7.09 13.80 -56.81
CA GLU F 141 -5.74 14.24 -56.48
C GLU F 141 -4.94 13.17 -55.75
N TYR F 142 -5.56 12.01 -55.54
CA TYR F 142 -4.89 10.91 -54.86
C TYR F 142 -3.78 10.29 -55.71
N ARG F 143 -2.59 10.25 -55.14
CA ARG F 143 -1.44 9.63 -55.79
C ARG F 143 -0.86 8.65 -54.77
N HIS F 144 -0.54 7.45 -55.22
CA HIS F 144 0.01 6.45 -54.32
C HIS F 144 1.16 6.97 -53.44
N GLU F 145 2.21 7.47 -54.07
CA GLU F 145 3.38 7.93 -53.31
C GLU F 145 3.26 9.17 -52.42
N ASP F 146 2.15 9.87 -52.45
CA ASP F 146 2.08 11.06 -51.60
C ASP F 146 2.14 10.82 -50.10
N PHE F 147 1.21 10.00 -49.59
CA PHE F 147 1.16 9.76 -48.16
C PHE F 147 1.10 8.30 -47.81
N ALA F 148 1.92 7.87 -46.86
CA ALA F 148 1.88 6.49 -46.46
C ALA F 148 0.70 6.42 -45.48
N VAL F 149 0.36 7.56 -44.89
CA VAL F 149 -0.74 7.67 -43.95
C VAL F 149 -1.85 8.57 -44.51
N ILE F 150 -3.01 7.98 -44.79
CA ILE F 150 -4.13 8.76 -45.31
C ILE F 150 -5.31 8.76 -44.35
N SER F 151 -6.19 9.73 -44.52
CA SER F 151 -7.38 9.89 -43.70
C SER F 151 -8.60 10.10 -44.55
N ASN F 152 -9.75 9.68 -44.05
CA ASN F 152 -10.99 9.81 -44.79
C ASN F 152 -11.83 10.99 -44.26
N ALA F 153 -11.25 11.72 -43.32
CA ALA F 153 -11.90 12.86 -42.66
C ALA F 153 -12.99 12.29 -41.74
N SER F 154 -13.80 13.17 -41.13
CA SER F 154 -14.86 12.70 -40.25
C SER F 154 -16.16 12.45 -41.02
N CYS F 155 -17.11 11.76 -40.37
CA CYS F 155 -18.39 11.48 -41.00
C CYS F 155 -19.01 12.82 -41.44
N THR F 156 -18.98 13.78 -40.54
CA THR F 156 -19.55 15.10 -40.85
C THR F 156 -18.85 15.80 -42.04
N THR F 157 -17.53 15.73 -42.08
CA THR F 157 -16.79 16.37 -43.17
C THR F 157 -17.15 15.76 -44.51
N ASN F 158 -17.49 14.47 -44.55
CA ASN F 158 -17.87 13.84 -45.82
C ASN F 158 -19.23 14.23 -46.26
N CYS F 159 -20.07 14.63 -45.32
CA CYS F 159 -21.41 15.04 -45.66
C CYS F 159 -21.30 16.48 -46.15
N LEU F 160 -20.66 17.28 -45.32
CA LEU F 160 -20.44 18.68 -45.56
C LEU F 160 -19.71 19.04 -46.87
N ALA F 161 -18.53 18.46 -47.07
CA ALA F 161 -17.71 18.73 -48.25
C ALA F 161 -18.38 18.62 -49.62
N PRO F 162 -19.12 17.52 -49.88
CA PRO F 162 -19.77 17.41 -51.19
C PRO F 162 -20.73 18.56 -51.47
N VAL F 163 -21.52 18.91 -50.45
CA VAL F 163 -22.48 20.00 -50.58
C VAL F 163 -21.75 21.34 -50.73
N ALA F 164 -20.75 21.55 -49.88
CA ALA F 164 -19.96 22.78 -49.93
C ALA F 164 -19.37 22.96 -51.33
N LYS F 165 -18.80 21.88 -51.87
CA LYS F 165 -18.22 21.96 -53.20
C LYS F 165 -19.21 22.41 -54.26
N VAL F 166 -20.39 21.79 -54.31
CA VAL F 166 -21.39 22.16 -55.30
C VAL F 166 -21.88 23.60 -55.13
N LEU F 167 -22.08 23.99 -53.89
CA LEU F 167 -22.53 25.33 -53.60
C LEU F 167 -21.47 26.32 -54.05
N HIS F 168 -20.24 26.12 -53.58
CA HIS F 168 -19.13 26.99 -53.93
C HIS F 168 -18.93 27.07 -55.43
N ASP F 169 -18.93 25.91 -56.08
CA ASP F 169 -18.74 25.85 -57.51
C ASP F 169 -19.77 26.65 -58.28
N ASN F 170 -21.01 26.67 -57.78
CA ASN F 170 -22.09 27.37 -58.45
C ASN F 170 -22.37 28.81 -58.01
N PHE F 171 -22.17 29.11 -56.74
CA PHE F 171 -22.46 30.46 -56.24
C PHE F 171 -21.30 31.16 -55.50
N GLY F 172 -20.20 30.44 -55.25
CA GLY F 172 -19.08 31.02 -54.54
C GLY F 172 -19.37 31.31 -53.07
N ILE F 173 -18.74 30.56 -52.18
CA ILE F 173 -18.93 30.71 -50.75
C ILE F 173 -18.02 31.82 -50.26
N ILE F 174 -18.58 32.77 -49.54
CA ILE F 174 -17.79 33.87 -48.99
C ILE F 174 -17.38 33.45 -47.60
N LYS F 175 -18.38 33.04 -46.82
CA LYS F 175 -18.20 32.56 -45.46
C LYS F 175 -19.42 31.70 -45.15
N GLY F 176 -19.39 30.99 -44.05
CA GLY F 176 -20.52 30.15 -43.71
C GLY F 176 -20.34 29.49 -42.36
N THR F 177 -21.42 28.95 -41.83
CA THR F 177 -21.35 28.30 -40.53
C THR F 177 -22.17 27.03 -40.63
N MET F 178 -22.06 26.15 -39.65
CA MET F 178 -22.85 24.93 -39.72
C MET F 178 -22.96 24.26 -38.38
N THR F 179 -24.01 23.46 -38.25
CA THR F 179 -24.26 22.72 -37.03
C THR F 179 -24.68 21.33 -37.42
N THR F 180 -24.12 20.33 -36.74
CA THR F 180 -24.46 18.96 -37.02
C THR F 180 -25.20 18.41 -35.84
N THR F 181 -26.43 18.01 -36.07
CA THR F 181 -27.24 17.38 -35.03
C THR F 181 -26.86 15.92 -35.23
N HIS F 182 -26.04 15.44 -34.30
CA HIS F 182 -25.42 14.13 -34.38
C HIS F 182 -25.92 13.09 -33.38
N SER F 183 -25.93 11.83 -33.82
CA SER F 183 -26.30 10.71 -32.94
C SER F 183 -25.14 10.56 -31.97
N TYR F 184 -25.37 9.95 -30.81
CA TYR F 184 -24.25 9.76 -29.89
C TYR F 184 -23.33 8.66 -30.44
N THR F 185 -22.12 8.58 -29.90
CA THR F 185 -21.13 7.58 -30.32
C THR F 185 -20.47 7.08 -29.06
N LEU F 186 -19.64 6.03 -29.18
CA LEU F 186 -18.97 5.47 -28.01
C LEU F 186 -18.01 6.43 -27.28
N ASP F 187 -17.71 7.59 -27.88
CA ASP F 187 -16.84 8.56 -27.22
C ASP F 187 -17.62 9.29 -26.12
N GLN F 188 -18.95 9.14 -26.13
CA GLN F 188 -19.79 9.74 -25.11
C GLN F 188 -20.01 8.77 -23.97
N ARG F 189 -20.55 9.28 -22.88
CA ARG F 189 -20.82 8.48 -21.68
C ARG F 189 -22.31 8.14 -21.59
N ILE F 190 -22.61 6.90 -21.23
CA ILE F 190 -24.01 6.48 -21.12
C ILE F 190 -24.72 7.12 -19.89
N LEU F 191 -23.94 7.50 -18.88
CA LEU F 191 -24.41 8.21 -17.68
C LEU F 191 -23.27 9.20 -17.32
N ASP F 192 -23.56 10.22 -16.52
CA ASP F 192 -22.55 11.21 -16.15
C ASP F 192 -21.27 10.55 -15.65
N ALA F 193 -20.15 10.79 -16.33
CA ALA F 193 -18.87 10.21 -15.95
C ALA F 193 -17.76 11.01 -16.58
N SER F 194 -16.66 11.20 -15.85
CA SER F 194 -15.53 12.01 -16.34
C SER F 194 -15.14 11.82 -17.82
N HIS F 195 -14.78 12.93 -18.47
CA HIS F 195 -14.42 12.94 -19.88
C HIS F 195 -13.62 14.21 -20.15
N ARG F 196 -12.68 14.16 -21.11
CA ARG F 196 -11.85 15.32 -21.45
C ARG F 196 -12.84 16.49 -21.58
N ASP F 197 -13.89 16.23 -22.36
CA ASP F 197 -14.94 17.20 -22.66
C ASP F 197 -16.06 17.14 -21.60
N LEU F 198 -16.19 18.19 -20.81
CA LEU F 198 -17.19 18.21 -19.74
C LEU F 198 -18.64 18.17 -20.21
N ARG F 199 -18.85 18.20 -21.51
CA ARG F 199 -20.20 18.13 -22.05
C ARG F 199 -20.42 16.66 -22.43
N ARG F 200 -19.44 16.06 -23.11
CA ARG F 200 -19.54 14.67 -23.54
C ARG F 200 -19.54 13.72 -22.33
N ALA F 201 -19.25 14.27 -21.16
CA ALA F 201 -19.22 13.49 -19.94
C ALA F 201 -20.64 13.19 -19.42
N ARG F 202 -21.64 13.87 -19.98
CA ARG F 202 -23.02 13.74 -19.52
C ARG F 202 -23.84 12.68 -20.24
N ALA F 203 -24.74 12.05 -19.48
CA ALA F 203 -25.59 10.96 -20.00
C ALA F 203 -26.08 11.26 -21.41
N ALA F 204 -25.56 10.51 -22.38
CA ALA F 204 -25.88 10.72 -23.78
C ALA F 204 -27.33 10.50 -24.25
N ALA F 205 -28.00 9.49 -23.71
CA ALA F 205 -29.36 9.17 -24.12
C ALA F 205 -30.48 10.04 -23.54
N VAL F 206 -30.14 10.94 -22.61
CA VAL F 206 -31.13 11.83 -22.00
C VAL F 206 -30.67 13.29 -22.01
N ASN F 207 -29.89 13.67 -23.02
CA ASN F 207 -29.40 15.04 -23.10
C ASN F 207 -29.10 15.48 -24.48
N ILE F 208 -29.18 16.78 -24.70
CA ILE F 208 -28.79 17.36 -25.97
C ILE F 208 -27.44 17.88 -25.49
N VAL F 209 -26.33 17.43 -26.09
CA VAL F 209 -25.04 17.92 -25.64
C VAL F 209 -24.19 18.58 -26.73
N PRO F 210 -23.82 19.84 -26.49
CA PRO F 210 -23.00 20.62 -27.43
C PRO F 210 -21.58 20.11 -27.33
N THR F 211 -20.91 20.02 -28.46
CA THR F 211 -19.55 19.55 -28.44
C THR F 211 -18.92 20.17 -29.66
N THR F 212 -17.63 20.43 -29.61
CA THR F 212 -16.95 21.02 -30.74
C THR F 212 -16.77 20.02 -31.88
N THR F 213 -16.53 20.56 -33.07
CA THR F 213 -16.29 19.80 -34.29
C THR F 213 -15.32 20.60 -35.16
N GLY F 214 -14.44 19.88 -35.87
CA GLY F 214 -13.48 20.52 -36.73
C GLY F 214 -13.90 20.22 -38.15
N ALA F 215 -15.04 19.54 -38.26
CA ALA F 215 -15.55 19.16 -39.57
C ALA F 215 -15.65 20.37 -40.50
N ALA F 216 -15.96 21.54 -39.96
CA ALA F 216 -16.09 22.78 -40.72
C ALA F 216 -14.77 23.24 -41.31
N LYS F 217 -13.77 23.39 -40.43
CA LYS F 217 -12.43 23.79 -40.85
C LYS F 217 -11.82 22.72 -41.76
N ALA F 218 -12.02 21.46 -41.42
CA ALA F 218 -11.47 20.36 -42.19
C ALA F 218 -11.84 20.39 -43.65
N VAL F 219 -12.94 21.05 -43.98
CA VAL F 219 -13.37 21.12 -45.37
C VAL F 219 -12.21 21.66 -46.21
N ALA F 220 -11.49 22.64 -45.67
CA ALA F 220 -10.38 23.28 -46.35
C ALA F 220 -9.34 22.30 -46.89
N LEU F 221 -9.12 21.25 -46.13
CA LEU F 221 -8.18 20.20 -46.51
C LEU F 221 -8.48 19.57 -47.86
N VAL F 222 -9.75 19.53 -48.26
CA VAL F 222 -10.12 18.94 -49.54
C VAL F 222 -10.61 20.00 -50.52
N ILE F 223 -11.06 21.14 -49.97
CA ILE F 223 -11.49 22.26 -50.79
C ILE F 223 -10.65 23.44 -50.27
N PRO F 224 -9.37 23.51 -50.68
CA PRO F 224 -8.46 24.57 -50.26
C PRO F 224 -9.03 25.99 -50.36
N GLU F 225 -9.84 26.25 -51.38
CA GLU F 225 -10.42 27.56 -51.56
C GLU F 225 -11.29 27.99 -50.39
N LEU F 226 -11.90 27.01 -49.72
CA LEU F 226 -12.78 27.33 -48.60
C LEU F 226 -12.05 27.49 -47.29
N LYS F 227 -10.72 27.52 -47.35
CA LYS F 227 -9.96 27.68 -46.13
C LYS F 227 -10.35 28.94 -45.33
N GLY F 228 -10.51 28.78 -44.03
CA GLY F 228 -10.88 29.89 -43.16
C GLY F 228 -12.30 30.41 -43.33
N LYS F 229 -13.03 29.86 -44.30
CA LYS F 229 -14.40 30.30 -44.56
C LYS F 229 -15.54 29.58 -43.83
N LEU F 230 -15.29 28.41 -43.25
CA LEU F 230 -16.36 27.69 -42.58
C LEU F 230 -16.11 27.31 -41.14
N ASN F 231 -17.10 27.59 -40.30
CA ASN F 231 -17.01 27.24 -38.89
C ASN F 231 -18.24 26.45 -38.48
N GLY F 232 -18.20 25.86 -37.30
CA GLY F 232 -19.36 25.11 -36.87
C GLY F 232 -19.30 24.49 -35.51
N ILE F 233 -20.40 23.85 -35.12
CA ILE F 233 -20.49 23.17 -33.84
C ILE F 233 -21.33 21.92 -33.99
N ALA F 234 -21.33 21.10 -32.95
CA ALA F 234 -22.10 19.87 -33.00
C ALA F 234 -23.03 19.77 -31.81
N LEU F 235 -24.18 19.16 -32.01
CA LEU F 235 -25.10 18.96 -30.90
C LEU F 235 -25.39 17.46 -30.91
N ARG F 236 -24.88 16.75 -29.91
CA ARG F 236 -25.14 15.31 -29.82
C ARG F 236 -26.54 15.11 -29.23
N VAL F 237 -27.34 14.29 -29.90
CA VAL F 237 -28.70 14.02 -29.45
C VAL F 237 -28.93 12.51 -29.26
N PRO F 238 -29.99 12.13 -28.51
CA PRO F 238 -30.35 10.74 -28.22
C PRO F 238 -30.87 9.88 -29.37
N THR F 239 -30.00 9.53 -30.29
CA THR F 239 -30.35 8.60 -31.37
C THR F 239 -29.06 7.84 -31.50
N PRO F 240 -29.13 6.52 -31.73
CA PRO F 240 -27.95 5.66 -31.87
C PRO F 240 -27.24 5.71 -33.20
N ASN F 241 -27.87 6.35 -34.19
CA ASN F 241 -27.24 6.45 -35.51
C ASN F 241 -28.05 7.29 -36.49
N VAL F 242 -27.33 7.98 -37.37
CA VAL F 242 -27.87 8.86 -38.41
C VAL F 242 -27.77 10.29 -37.92
N SER F 243 -27.20 11.15 -38.74
CA SER F 243 -27.01 12.53 -38.34
C SER F 243 -27.38 13.49 -39.44
N VAL F 244 -27.35 14.78 -39.12
CA VAL F 244 -27.72 15.77 -40.12
C VAL F 244 -26.99 17.10 -39.93
N VAL F 245 -26.52 17.67 -41.05
CA VAL F 245 -25.83 18.96 -40.98
C VAL F 245 -26.70 20.10 -41.48
N ASP F 246 -26.66 21.21 -40.74
CA ASP F 246 -27.42 22.40 -41.10
C ASP F 246 -26.37 23.41 -41.56
N LEU F 247 -26.24 23.57 -42.87
CA LEU F 247 -25.24 24.49 -43.40
C LEU F 247 -25.84 25.84 -43.84
N VAL F 248 -25.26 26.92 -43.34
CA VAL F 248 -25.69 28.25 -43.70
C VAL F 248 -24.51 28.97 -44.34
N VAL F 249 -24.68 29.42 -45.59
CA VAL F 249 -23.60 30.13 -46.25
C VAL F 249 -24.00 31.36 -47.06
N GLN F 250 -23.20 32.42 -46.93
CA GLN F 250 -23.41 33.65 -47.66
C GLN F 250 -22.65 33.40 -48.95
N VAL F 251 -23.34 33.49 -50.08
CA VAL F 251 -22.71 33.26 -51.36
C VAL F 251 -22.40 34.54 -52.10
N GLU F 252 -21.68 34.39 -53.20
CA GLU F 252 -21.27 35.49 -54.04
C GLU F 252 -22.37 35.84 -55.05
N LYS F 253 -22.78 34.86 -55.85
CA LYS F 253 -23.81 35.03 -56.86
C LYS F 253 -25.19 34.84 -56.27
N PRO F 254 -26.00 35.91 -56.23
CA PRO F 254 -27.35 35.81 -55.67
C PRO F 254 -28.12 34.68 -56.34
N THR F 255 -29.02 34.07 -55.59
CA THR F 255 -29.77 32.94 -56.14
C THR F 255 -31.08 32.79 -55.40
N ILE F 256 -31.82 31.73 -55.74
CA ILE F 256 -33.12 31.42 -55.13
C ILE F 256 -33.18 29.94 -54.74
N THR F 257 -34.00 29.67 -53.72
CA THR F 257 -34.22 28.34 -53.20
C THR F 257 -34.32 27.27 -54.28
N GLU F 258 -35.16 27.51 -55.28
CA GLU F 258 -35.30 26.52 -56.34
C GLU F 258 -34.04 26.28 -57.15
N GLN F 259 -33.19 27.30 -57.25
CA GLN F 259 -31.97 27.19 -58.04
C GLN F 259 -30.89 26.35 -57.40
N VAL F 260 -30.68 26.50 -56.10
CA VAL F 260 -29.67 25.70 -55.41
C VAL F 260 -30.11 24.24 -55.37
N ASN F 261 -31.41 23.98 -55.22
CA ASN F 261 -31.90 22.59 -55.20
C ASN F 261 -31.65 21.94 -56.55
N GLU F 262 -31.64 22.74 -57.60
CA GLU F 262 -31.41 22.22 -58.94
C GLU F 262 -30.00 21.82 -59.15
N VAL F 263 -29.07 22.64 -58.64
CA VAL F 263 -27.68 22.30 -58.81
C VAL F 263 -27.40 21.09 -57.94
N LEU F 264 -27.92 21.08 -56.71
CA LEU F 264 -27.73 19.94 -55.83
C LEU F 264 -28.24 18.68 -56.51
N GLN F 265 -29.43 18.78 -57.10
CA GLN F 265 -30.03 17.63 -57.77
C GLN F 265 -29.25 17.23 -59.02
N LYS F 266 -28.89 18.21 -59.83
CA LYS F 266 -28.10 17.92 -61.02
C LYS F 266 -26.91 17.08 -60.57
N ALA F 267 -26.20 17.56 -59.56
CA ALA F 267 -25.02 16.90 -59.03
C ALA F 267 -25.29 15.46 -58.60
N SER F 268 -26.32 15.27 -57.79
CA SER F 268 -26.65 13.93 -57.31
C SER F 268 -26.84 12.97 -58.49
N GLN F 269 -27.21 13.51 -59.64
CA GLN F 269 -27.46 12.68 -60.82
C GLN F 269 -26.24 12.52 -61.71
N THR F 270 -25.29 13.44 -61.60
CA THR F 270 -24.09 13.42 -62.44
C THR F 270 -22.76 13.43 -61.70
N THR F 271 -22.18 14.61 -61.55
CA THR F 271 -20.88 14.74 -60.91
C THR F 271 -20.77 14.15 -59.50
N MET F 272 -21.84 14.26 -58.72
CA MET F 272 -21.81 13.72 -57.37
C MET F 272 -22.61 12.43 -57.22
N LYS F 273 -22.90 11.77 -58.34
CA LYS F 273 -23.69 10.54 -58.28
C LYS F 273 -23.04 9.49 -57.37
N GLY F 274 -23.80 9.04 -56.37
CA GLY F 274 -23.27 8.04 -55.47
C GLY F 274 -22.69 8.68 -54.23
N ILE F 275 -22.64 10.01 -54.24
CA ILE F 275 -22.11 10.75 -53.11
C ILE F 275 -23.19 11.63 -52.50
N ILE F 276 -23.84 12.43 -53.34
CA ILE F 276 -24.93 13.25 -52.85
C ILE F 276 -26.24 12.59 -53.27
N LYS F 277 -27.17 12.48 -52.33
CA LYS F 277 -28.46 11.91 -52.65
C LYS F 277 -29.42 13.09 -52.55
N TYR F 278 -30.38 13.14 -53.47
CA TYR F 278 -31.35 14.21 -53.46
C TYR F 278 -32.68 13.68 -52.94
N SER F 279 -33.03 14.04 -51.71
CA SER F 279 -34.28 13.58 -51.12
C SER F 279 -35.35 14.66 -51.07
N ASP F 280 -36.38 14.49 -51.89
CA ASP F 280 -37.49 15.45 -51.88
C ASP F 280 -38.75 14.84 -51.28
N LEU F 281 -38.56 13.90 -50.35
CA LEU F 281 -39.67 13.26 -49.65
C LEU F 281 -39.66 13.72 -48.19
N PRO F 282 -40.86 13.79 -47.55
CA PRO F 282 -40.90 14.22 -46.14
C PRO F 282 -40.51 13.01 -45.24
N LEU F 283 -39.19 12.77 -45.14
CA LEU F 283 -38.64 11.67 -44.36
C LEU F 283 -38.03 12.09 -43.02
N VAL F 284 -37.68 11.10 -42.19
CA VAL F 284 -37.08 11.34 -40.88
C VAL F 284 -35.81 10.54 -40.78
N SER F 285 -35.00 10.81 -39.75
CA SER F 285 -33.73 10.11 -39.58
C SER F 285 -33.73 8.61 -39.73
N SER F 286 -34.66 7.89 -39.09
CA SER F 286 -34.66 6.43 -39.23
C SER F 286 -34.71 5.97 -40.67
N ASP F 287 -35.28 6.82 -41.54
CA ASP F 287 -35.41 6.46 -42.95
C ASP F 287 -34.11 6.39 -43.70
N PHE F 288 -33.04 6.96 -43.16
CA PHE F 288 -31.77 6.90 -43.89
C PHE F 288 -30.78 5.85 -43.40
N ARG F 289 -31.23 4.94 -42.55
CA ARG F 289 -30.35 3.89 -42.04
C ARG F 289 -29.91 3.05 -43.20
N GLY F 290 -28.62 2.86 -43.38
CA GLY F 290 -28.17 2.04 -44.49
C GLY F 290 -28.04 2.75 -45.82
N THR F 291 -28.31 4.05 -45.85
CA THR F 291 -28.17 4.75 -47.12
C THR F 291 -26.67 4.85 -47.45
N ASP F 292 -26.31 4.63 -48.71
CA ASP F 292 -24.91 4.65 -49.10
C ASP F 292 -24.25 6.03 -49.27
N GLU F 293 -25.01 7.01 -49.75
CA GLU F 293 -24.45 8.34 -49.98
C GLU F 293 -23.92 9.05 -48.75
N SER F 294 -22.88 9.86 -49.00
CA SER F 294 -22.21 10.64 -47.97
C SER F 294 -23.10 11.75 -47.45
N SER F 295 -23.96 12.30 -48.31
CA SER F 295 -24.85 13.39 -47.89
C SER F 295 -26.16 13.42 -48.68
N ILE F 296 -27.25 13.41 -47.91
CA ILE F 296 -28.60 13.38 -48.46
C ILE F 296 -29.27 14.72 -48.28
N VAL F 297 -29.34 15.49 -49.35
CA VAL F 297 -29.93 16.81 -49.32
C VAL F 297 -31.43 16.75 -49.17
N ASP F 298 -31.93 17.28 -48.07
CA ASP F 298 -33.36 17.31 -47.85
C ASP F 298 -33.92 18.55 -48.56
N SER F 299 -34.32 18.30 -49.79
CA SER F 299 -34.87 19.29 -50.70
C SER F 299 -35.80 20.29 -50.03
N SER F 300 -36.92 19.77 -49.56
CA SER F 300 -37.95 20.53 -48.88
C SER F 300 -37.45 21.65 -47.99
N LEU F 301 -36.40 21.34 -47.23
CA LEU F 301 -35.82 22.25 -46.24
C LEU F 301 -34.90 23.36 -46.73
N THR F 302 -34.48 23.27 -47.99
CA THR F 302 -33.60 24.29 -48.54
C THR F 302 -34.24 25.68 -48.40
N LEU F 303 -33.44 26.69 -48.09
CA LEU F 303 -33.95 28.04 -47.93
C LEU F 303 -32.94 29.13 -48.28
N VAL F 304 -33.32 30.01 -49.20
CA VAL F 304 -32.46 31.13 -49.59
C VAL F 304 -33.09 32.42 -49.10
N MET F 305 -32.34 33.12 -48.24
CA MET F 305 -32.75 34.38 -47.63
C MET F 305 -32.12 35.59 -48.33
N ASP F 306 -32.95 36.52 -48.81
CA ASP F 306 -32.45 37.72 -49.46
C ASP F 306 -31.39 37.46 -50.55
N GLY F 307 -31.65 36.48 -51.42
CA GLY F 307 -30.73 36.16 -52.51
C GLY F 307 -29.35 35.54 -52.33
N ASP F 308 -28.63 35.82 -51.23
CA ASP F 308 -27.29 35.26 -51.04
C ASP F 308 -27.00 34.49 -49.73
N LEU F 309 -28.01 34.32 -48.88
CA LEU F 309 -27.84 33.61 -47.61
C LEU F 309 -28.54 32.25 -47.72
N VAL F 310 -27.80 31.24 -48.16
CA VAL F 310 -28.39 29.91 -48.33
C VAL F 310 -28.23 28.92 -47.17
N LYS F 311 -29.29 28.14 -46.94
CA LYS F 311 -29.33 27.12 -45.90
C LYS F 311 -29.63 25.77 -46.57
N VAL F 312 -28.84 24.76 -46.25
CA VAL F 312 -29.08 23.45 -46.81
C VAL F 312 -29.00 22.45 -45.69
N ILE F 313 -29.93 21.51 -45.68
CA ILE F 313 -30.00 20.46 -44.67
C ILE F 313 -29.65 19.15 -45.37
N ALA F 314 -28.73 18.38 -44.79
CA ALA F 314 -28.35 17.11 -45.42
C ALA F 314 -28.09 16.04 -44.38
N TRP F 315 -28.75 14.90 -44.57
CA TRP F 315 -28.63 13.77 -43.65
C TRP F 315 -27.48 12.91 -44.09
N TYR F 316 -27.04 12.06 -43.18
CA TYR F 316 -26.00 11.07 -43.50
C TYR F 316 -26.00 10.01 -42.44
N ASP F 317 -25.76 8.78 -42.87
CA ASP F 317 -25.67 7.66 -41.94
C ASP F 317 -24.20 7.72 -41.54
N ASN F 318 -23.92 8.36 -40.42
CA ASN F 318 -22.55 8.53 -39.95
C ASN F 318 -21.73 7.25 -39.79
N GLU F 319 -22.38 6.09 -39.69
CA GLU F 319 -21.63 4.84 -39.56
C GLU F 319 -21.48 4.12 -40.87
N TRP F 320 -22.60 3.79 -41.47
CA TRP F 320 -22.62 3.06 -42.72
C TRP F 320 -22.22 3.88 -43.95
N GLY F 321 -22.76 5.09 -44.08
CA GLY F 321 -22.42 5.92 -45.23
C GLY F 321 -20.94 6.21 -45.29
N TYR F 322 -20.43 6.59 -44.13
CA TYR F 322 -19.02 6.89 -43.97
C TYR F 322 -18.15 5.66 -44.32
N SER F 323 -18.52 4.47 -43.81
CA SER F 323 -17.72 3.28 -44.06
C SER F 323 -17.74 2.92 -45.53
N GLN F 324 -18.79 3.30 -46.24
CA GLN F 324 -18.85 3.01 -47.67
C GLN F 324 -17.80 3.91 -48.31
N ARG F 325 -17.57 5.07 -47.71
CA ARG F 325 -16.56 5.99 -48.22
C ARG F 325 -15.15 5.48 -47.94
N VAL F 326 -14.90 4.88 -46.77
CA VAL F 326 -13.56 4.37 -46.51
C VAL F 326 -13.30 3.12 -47.35
N VAL F 327 -14.33 2.33 -47.63
CA VAL F 327 -14.13 1.15 -48.49
C VAL F 327 -13.73 1.71 -49.85
N ASP F 328 -14.36 2.83 -50.21
CA ASP F 328 -14.13 3.54 -51.48
C ASP F 328 -12.71 4.06 -51.59
N LEU F 329 -12.27 4.74 -50.54
CA LEU F 329 -10.93 5.27 -50.50
C LEU F 329 -9.94 4.10 -50.53
N ALA F 330 -10.26 3.02 -49.80
CA ALA F 330 -9.39 1.86 -49.73
C ALA F 330 -9.30 1.20 -51.08
N GLU F 331 -10.43 1.19 -51.80
CA GLU F 331 -10.48 0.62 -53.14
C GLU F 331 -9.64 1.48 -54.06
N LEU F 332 -9.72 2.79 -53.87
CA LEU F 332 -8.97 3.72 -54.68
C LEU F 332 -7.47 3.46 -54.49
N ALA F 333 -7.05 3.30 -53.24
CA ALA F 333 -5.65 3.07 -52.95
C ALA F 333 -5.19 1.80 -53.62
N ALA F 334 -6.07 0.80 -53.64
CA ALA F 334 -5.75 -0.48 -54.29
C ALA F 334 -5.68 -0.41 -55.82
N ARG F 335 -6.51 0.44 -56.42
CA ARG F 335 -6.47 0.56 -57.87
C ARG F 335 -5.20 1.31 -58.29
N LYS F 336 -4.73 2.23 -57.44
CA LYS F 336 -3.51 2.98 -57.74
C LYS F 336 -2.26 2.41 -57.07
N SER F 337 -2.36 1.19 -56.51
CA SER F 337 -1.23 0.66 -55.73
C SER F 337 -0.14 0.24 -56.65
N GLY F 338 1.09 0.29 -56.16
CA GLY F 338 2.15 -0.16 -57.01
C GLY F 338 2.11 -1.66 -57.20
#